data_9HTD
# 
_entry.id   9HTD 
# 
_audit_conform.dict_name       mmcif_pdbx.dic 
_audit_conform.dict_version    5.406 
_audit_conform.dict_location   http://mmcif.pdb.org/dictionaries/ascii/mmcif_pdbx.dic 
# 
loop_
_database_2.database_id 
_database_2.database_code 
_database_2.pdbx_database_accession 
_database_2.pdbx_DOI 
PDB   9HTD         pdb_00009htd 10.2210/pdb9htd/pdb 
WWPDB D_1292143941 ?            ?                   
# 
_pdbx_audit_revision_history.ordinal             1 
_pdbx_audit_revision_history.data_content_type   'Structure model' 
_pdbx_audit_revision_history.major_revision      1 
_pdbx_audit_revision_history.minor_revision      0 
_pdbx_audit_revision_history.revision_date       2025-09-24 
_pdbx_audit_revision_history.part_number         ? 
# 
_pdbx_audit_revision_details.ordinal             1 
_pdbx_audit_revision_details.revision_ordinal    1 
_pdbx_audit_revision_details.data_content_type   'Structure model' 
_pdbx_audit_revision_details.provider            repository 
_pdbx_audit_revision_details.type                'Initial release' 
_pdbx_audit_revision_details.description         ? 
_pdbx_audit_revision_details.details             ? 
# 
_pdbx_database_status.status_code                     REL 
_pdbx_database_status.status_code_sf                  REL 
_pdbx_database_status.status_code_mr                  ? 
_pdbx_database_status.entry_id                        9HTD 
_pdbx_database_status.recvd_initial_deposition_date   2024-12-19 
_pdbx_database_status.SG_entry                        N 
_pdbx_database_status.deposit_site                    PDBE 
_pdbx_database_status.process_site                    PDBE 
_pdbx_database_status.status_code_cs                  ? 
_pdbx_database_status.status_code_nmr_data            ? 
_pdbx_database_status.methods_development_category    ? 
_pdbx_database_status.pdb_format_compatible           Y 
# 
loop_
_pdbx_database_related.db_name 
_pdbx_database_related.details 
_pdbx_database_related.db_id 
_pdbx_database_related.content_type 
PDB 'Apo structure of the same PSB-II construct.'           6EVL unspecified 
PDB 'Same PSB-II construct co-crystallized with PPGPEGPPG.' 6EVP unspecified 
PDB 'Same PSB-II construct co-crystallized with PPGPAGPPG.' 6EVN unspecified 
PDB 'Same PSB-II construct co-crystallized with PPGPRGPPG.' 6EVO unspecified 
PDB 'Same PSB-II construct co-crystallized with PPPPPPPPP.' 6EVM unspecified 
# 
_pdbx_contact_author.id                 2 
_pdbx_contact_author.email              rik.wierenga@oulu.fi 
_pdbx_contact_author.name_first         Rik 
_pdbx_contact_author.name_last          Wierenga 
_pdbx_contact_author.name_mi            K. 
_pdbx_contact_author.role               'principal investigator/group leader' 
_pdbx_contact_author.identifier_ORCID   0000-0001-6554-471X 
# 
loop_
_audit_author.name 
_audit_author.pdbx_ordinal 
_audit_author.identifier_ORCID 
'Sulu, R.'       1 0000-0003-0658-8338 
'Rahman, M.M.'   2 0000-0002-8081-3823 
'Wierenga, R.K.' 3 0000-0001-6554-471X 
'Koski, M.K.'    4 0000-0002-9251-1160 
# 
_citation.abstract                  ? 
_citation.abstract_id_CAS           ? 
_citation.book_id_ISBN              ? 
_citation.book_publisher            ? 
_citation.book_publisher_city       ? 
_citation.book_title                ? 
_citation.coordinate_linkage        ? 
_citation.country                   US 
_citation.database_id_Medline       ? 
_citation.details                   ? 
_citation.id                        primary 
_citation.journal_abbrev            Proteins 
_citation.journal_id_ASTM           PSFGEY 
_citation.journal_id_CSD            0867 
_citation.journal_id_ISSN           1097-0134 
_citation.journal_full              ? 
_citation.journal_issue             ? 
_citation.journal_volume            93 
_citation.language                  ? 
_citation.page_first                1732 
_citation.page_last                 1746 
_citation.title                     
;Binding Differences of the Peptide-Substrate-Binding Domain of Collagen Prolyl 4-Hydroxylases I and II for Proline- and Hydroxyproline-Rich Peptides.
;
_citation.year                      2025 
_citation.database_id_CSD           ? 
_citation.pdbx_database_id_DOI      10.1002/prot.26839 
_citation.pdbx_database_id_PubMed   40386874 
_citation.pdbx_database_id_patent   ? 
_citation.unpublished_flag          ? 
# 
loop_
_citation_author.citation_id 
_citation_author.name 
_citation_author.ordinal 
_citation_author.identifier_ORCID 
primary 'Rahman, M.M.'   1 0000-0002-8081-3823 
primary 'Sulu, R.'       2 0000-0003-0658-8338 
primary 'Adediran, B.'   3 0000-0002-0552-6365 
primary 'Tu, H.'         4 0000-0002-2198-3283 
primary 'Salo, A.M.'     5 0000-0002-8781-217X 
primary 'Murthy, S.'     6 0000-0001-5602-4202 
primary 'Myllyharju, J.' 7 0000-0001-7772-1250 
primary 'Wierenga, R.K.' 8 0000-0001-6554-471X 
primary 'Koski, M.K.'    9 0000-0002-9251-1160 
# 
loop_
_entity.id 
_entity.type 
_entity.src_method 
_entity.pdbx_description 
_entity.formula_weight 
_entity.pdbx_number_of_molecules 
_entity.pdbx_ec 
_entity.pdbx_mutation 
_entity.pdbx_fragment 
_entity.details 
1 polymer     man 'Prolyl 4-hydroxylase subunit alpha-2' 11920.266 1  1.14.11.2 ? ? 
'N-terminal His-tag. Construct including residues Met142-Glu236.'                                         
2 polymer     syn GLY-PRO-ALA-GLY-PRO-HYP-GLY            777.822   1  ?         ? ? 
'The two first N-terminal residues of the peptide are not modelled and not seen in the electron density.' 
3 non-polymer syn GLYCINE                                75.067    4  ?         ? ? ? 
4 non-polymer syn 'SULFATE ION'                          96.063    1  ?         ? ? ? 
5 water       nat water                                  18.015    55 ?         ? ? ? 
# 
_entity_name_com.entity_id   1 
_entity_name_com.name        '4-PH alpha-2,Procollagen-proline,2-oxoglutarate-4-dioxygenase subunit alpha-2' 
# 
loop_
_entity_poly.entity_id 
_entity_poly.type 
_entity_poly.nstd_linkage 
_entity_poly.nstd_monomer 
_entity_poly.pdbx_seq_one_letter_code 
_entity_poly.pdbx_seq_one_letter_code_can 
_entity_poly.pdbx_strand_id 
_entity_poly.pdbx_target_identifier 
1 'polypeptide(L)' no no  
;MHHHHHHMLSVDDCFGMGRSAYNEGDYYHTVLWMEQVLKQLDAGEEATTTKSQVLDYLSYAVFQLGDLHRALELTRRLLS
LDPSHERAGGNLRYFEQLLEEE
;
;MHHHHHHMLSVDDCFGMGRSAYNEGDYYHTVLWMEQVLKQLDAGEEATTTKSQVLDYLSYAVFQLGDLHRALELTRRLLS
LDPSHERAGGNLRYFEQLLEEE
;
A ? 
2 'polypeptide(L)' no yes 'P(HYP)GPAGP(HYP)G' PPGPAGPPG C ? 
# 
loop_
_pdbx_entity_nonpoly.entity_id 
_pdbx_entity_nonpoly.name 
_pdbx_entity_nonpoly.comp_id 
3 GLYCINE       GLY 
4 'SULFATE ION' SO4 
5 water         HOH 
# 
loop_
_entity_poly_seq.entity_id 
_entity_poly_seq.num 
_entity_poly_seq.mon_id 
_entity_poly_seq.hetero 
1 1   MET n 
1 2   HIS n 
1 3   HIS n 
1 4   HIS n 
1 5   HIS n 
1 6   HIS n 
1 7   HIS n 
1 8   MET n 
1 9   LEU n 
1 10  SER n 
1 11  VAL n 
1 12  ASP n 
1 13  ASP n 
1 14  CYS n 
1 15  PHE n 
1 16  GLY n 
1 17  MET n 
1 18  GLY n 
1 19  ARG n 
1 20  SER n 
1 21  ALA n 
1 22  TYR n 
1 23  ASN n 
1 24  GLU n 
1 25  GLY n 
1 26  ASP n 
1 27  TYR n 
1 28  TYR n 
1 29  HIS n 
1 30  THR n 
1 31  VAL n 
1 32  LEU n 
1 33  TRP n 
1 34  MET n 
1 35  GLU n 
1 36  GLN n 
1 37  VAL n 
1 38  LEU n 
1 39  LYS n 
1 40  GLN n 
1 41  LEU n 
1 42  ASP n 
1 43  ALA n 
1 44  GLY n 
1 45  GLU n 
1 46  GLU n 
1 47  ALA n 
1 48  THR n 
1 49  THR n 
1 50  THR n 
1 51  LYS n 
1 52  SER n 
1 53  GLN n 
1 54  VAL n 
1 55  LEU n 
1 56  ASP n 
1 57  TYR n 
1 58  LEU n 
1 59  SER n 
1 60  TYR n 
1 61  ALA n 
1 62  VAL n 
1 63  PHE n 
1 64  GLN n 
1 65  LEU n 
1 66  GLY n 
1 67  ASP n 
1 68  LEU n 
1 69  HIS n 
1 70  ARG n 
1 71  ALA n 
1 72  LEU n 
1 73  GLU n 
1 74  LEU n 
1 75  THR n 
1 76  ARG n 
1 77  ARG n 
1 78  LEU n 
1 79  LEU n 
1 80  SER n 
1 81  LEU n 
1 82  ASP n 
1 83  PRO n 
1 84  SER n 
1 85  HIS n 
1 86  GLU n 
1 87  ARG n 
1 88  ALA n 
1 89  GLY n 
1 90  GLY n 
1 91  ASN n 
1 92  LEU n 
1 93  ARG n 
1 94  TYR n 
1 95  PHE n 
1 96  GLU n 
1 97  GLN n 
1 98  LEU n 
1 99  LEU n 
1 100 GLU n 
1 101 GLU n 
1 102 GLU n 
2 1   PRO n 
2 2   HYP n 
2 3   GLY n 
2 4   PRO n 
2 5   ALA n 
2 6   GLY n 
2 7   PRO n 
2 8   HYP n 
2 9   GLY n 
# 
_entity_src_gen.entity_id                          1 
_entity_src_gen.pdbx_src_id                        1 
_entity_src_gen.pdbx_alt_source_flag               sample 
_entity_src_gen.pdbx_seq_type                      'Biological sequence' 
_entity_src_gen.pdbx_beg_seq_num                   1 
_entity_src_gen.pdbx_end_seq_num                   102 
_entity_src_gen.gene_src_common_name               human 
_entity_src_gen.gene_src_genus                     ? 
_entity_src_gen.pdbx_gene_src_gene                 'P4HA2, UNQ290/PRO330' 
_entity_src_gen.gene_src_species                   ? 
_entity_src_gen.gene_src_strain                    ? 
_entity_src_gen.gene_src_tissue                    ? 
_entity_src_gen.gene_src_tissue_fraction           ? 
_entity_src_gen.gene_src_details                   ? 
_entity_src_gen.pdbx_gene_src_fragment             ? 
_entity_src_gen.pdbx_gene_src_scientific_name      'Homo sapiens' 
_entity_src_gen.pdbx_gene_src_ncbi_taxonomy_id     9606 
_entity_src_gen.pdbx_gene_src_variant              ? 
_entity_src_gen.pdbx_gene_src_cell_line            ? 
_entity_src_gen.pdbx_gene_src_atcc                 ? 
_entity_src_gen.pdbx_gene_src_organ                ? 
_entity_src_gen.pdbx_gene_src_organelle            ? 
_entity_src_gen.pdbx_gene_src_cell                 ? 
_entity_src_gen.pdbx_gene_src_cellular_location    ? 
_entity_src_gen.host_org_common_name               ? 
_entity_src_gen.pdbx_host_org_scientific_name      'Escherichia coli' 
_entity_src_gen.pdbx_host_org_ncbi_taxonomy_id     562 
_entity_src_gen.host_org_genus                     ? 
_entity_src_gen.pdbx_host_org_gene                 ? 
_entity_src_gen.pdbx_host_org_organ                ? 
_entity_src_gen.host_org_species                   ? 
_entity_src_gen.pdbx_host_org_tissue               ? 
_entity_src_gen.pdbx_host_org_tissue_fraction      ? 
_entity_src_gen.pdbx_host_org_strain               ? 
_entity_src_gen.pdbx_host_org_variant              ? 
_entity_src_gen.pdbx_host_org_cell_line            ? 
_entity_src_gen.pdbx_host_org_atcc                 ? 
_entity_src_gen.pdbx_host_org_culture_collection   ? 
_entity_src_gen.pdbx_host_org_cell                 ? 
_entity_src_gen.pdbx_host_org_organelle            ? 
_entity_src_gen.pdbx_host_org_cellular_location    ? 
_entity_src_gen.pdbx_host_org_vector_type          ? 
_entity_src_gen.pdbx_host_org_vector               ? 
_entity_src_gen.host_org_details                   ? 
_entity_src_gen.expression_system_id               ? 
_entity_src_gen.plasmid_name                       ? 
_entity_src_gen.plasmid_details                    ? 
_entity_src_gen.pdbx_description                   ? 
# 
_pdbx_entity_src_syn.entity_id              2 
_pdbx_entity_src_syn.pdbx_src_id            1 
_pdbx_entity_src_syn.pdbx_alt_source_flag   sample 
_pdbx_entity_src_syn.pdbx_beg_seq_num       1 
_pdbx_entity_src_syn.pdbx_end_seq_num       9 
_pdbx_entity_src_syn.organism_scientific    'Homo sapiens' 
_pdbx_entity_src_syn.organism_common_name   ? 
_pdbx_entity_src_syn.ncbi_taxonomy_id       9606 
_pdbx_entity_src_syn.details                ? 
# 
loop_
_chem_comp.id 
_chem_comp.type 
_chem_comp.mon_nstd_flag 
_chem_comp.name 
_chem_comp.pdbx_synonyms 
_chem_comp.formula 
_chem_comp.formula_weight 
ALA 'L-peptide linking' y ALANINE          ?              'C3 H7 N O2'     89.093  
ARG 'L-peptide linking' y ARGININE         ?              'C6 H15 N4 O2 1' 175.209 
ASN 'L-peptide linking' y ASPARAGINE       ?              'C4 H8 N2 O3'    132.118 
ASP 'L-peptide linking' y 'ASPARTIC ACID'  ?              'C4 H7 N O4'     133.103 
CYS 'L-peptide linking' y CYSTEINE         ?              'C3 H7 N O2 S'   121.158 
GLN 'L-peptide linking' y GLUTAMINE        ?              'C5 H10 N2 O3'   146.144 
GLU 'L-peptide linking' y 'GLUTAMIC ACID'  ?              'C5 H9 N O4'     147.129 
GLY 'peptide linking'   y GLYCINE          ?              'C2 H5 N O2'     75.067  
HIS 'L-peptide linking' y HISTIDINE        ?              'C6 H10 N3 O2 1' 156.162 
HOH non-polymer         . WATER            ?              'H2 O'           18.015  
HYP 'L-peptide linking' n 4-HYDROXYPROLINE HYDROXYPROLINE 'C5 H9 N O3'     131.130 
LEU 'L-peptide linking' y LEUCINE          ?              'C6 H13 N O2'    131.173 
LYS 'L-peptide linking' y LYSINE           ?              'C6 H15 N2 O2 1' 147.195 
MET 'L-peptide linking' y METHIONINE       ?              'C5 H11 N O2 S'  149.211 
PHE 'L-peptide linking' y PHENYLALANINE    ?              'C9 H11 N O2'    165.189 
PRO 'L-peptide linking' y PROLINE          ?              'C5 H9 N O2'     115.130 
SER 'L-peptide linking' y SERINE           ?              'C3 H7 N O3'     105.093 
SO4 non-polymer         . 'SULFATE ION'    ?              'O4 S -2'        96.063  
THR 'L-peptide linking' y THREONINE        ?              'C4 H9 N O3'     119.119 
TRP 'L-peptide linking' y TRYPTOPHAN       ?              'C11 H12 N2 O2'  204.225 
TYR 'L-peptide linking' y TYROSINE         ?              'C9 H11 N O3'    181.189 
VAL 'L-peptide linking' y VALINE           ?              'C5 H11 N O2'    117.146 
# 
loop_
_pdbx_poly_seq_scheme.asym_id 
_pdbx_poly_seq_scheme.entity_id 
_pdbx_poly_seq_scheme.seq_id 
_pdbx_poly_seq_scheme.mon_id 
_pdbx_poly_seq_scheme.ndb_seq_num 
_pdbx_poly_seq_scheme.pdb_seq_num 
_pdbx_poly_seq_scheme.auth_seq_num 
_pdbx_poly_seq_scheme.pdb_mon_id 
_pdbx_poly_seq_scheme.auth_mon_id 
_pdbx_poly_seq_scheme.pdb_strand_id 
_pdbx_poly_seq_scheme.pdb_ins_code 
_pdbx_poly_seq_scheme.hetero 
A 1 1   MET 1   137 ?   ?   ?   A . n 
A 1 2   HIS 2   138 ?   ?   ?   A . n 
A 1 3   HIS 3   139 ?   ?   ?   A . n 
A 1 4   HIS 4   140 ?   ?   ?   A . n 
A 1 5   HIS 5   141 ?   ?   ?   A . n 
A 1 6   HIS 6   142 ?   ?   ?   A . n 
A 1 7   HIS 7   143 ?   ?   ?   A . n 
A 1 8   MET 8   144 ?   ?   ?   A . n 
A 1 9   LEU 9   145 145 LEU LEU A . n 
A 1 10  SER 10  146 146 SER SER A . n 
A 1 11  VAL 11  147 147 VAL VAL A . n 
A 1 12  ASP 12  148 148 ASP ASP A . n 
A 1 13  ASP 13  149 149 ASP ASP A . n 
A 1 14  CYS 14  150 150 CYS CYS A . n 
A 1 15  PHE 15  151 151 PHE PHE A . n 
A 1 16  GLY 16  152 152 GLY GLY A . n 
A 1 17  MET 17  153 153 MET MET A . n 
A 1 18  GLY 18  154 154 GLY GLY A . n 
A 1 19  ARG 19  155 155 ARG ARG A . n 
A 1 20  SER 20  156 156 SER SER A . n 
A 1 21  ALA 21  157 157 ALA ALA A . n 
A 1 22  TYR 22  158 158 TYR TYR A . n 
A 1 23  ASN 23  159 159 ASN ASN A . n 
A 1 24  GLU 24  160 160 GLU GLU A . n 
A 1 25  GLY 25  161 161 GLY GLY A . n 
A 1 26  ASP 26  162 162 ASP ASP A . n 
A 1 27  TYR 27  163 163 TYR TYR A . n 
A 1 28  TYR 28  164 164 TYR TYR A . n 
A 1 29  HIS 29  165 165 HIS HIS A . n 
A 1 30  THR 30  166 166 THR THR A . n 
A 1 31  VAL 31  167 167 VAL VAL A . n 
A 1 32  LEU 32  168 168 LEU LEU A . n 
A 1 33  TRP 33  169 169 TRP TRP A . n 
A 1 34  MET 34  170 170 MET MET A . n 
A 1 35  GLU 35  171 171 GLU GLU A . n 
A 1 36  GLN 36  172 172 GLN GLN A . n 
A 1 37  VAL 37  173 173 VAL VAL A . n 
A 1 38  LEU 38  174 174 LEU LEU A . n 
A 1 39  LYS 39  175 175 LYS LYS A . n 
A 1 40  GLN 40  176 176 GLN GLN A . n 
A 1 41  LEU 41  177 177 LEU LEU A . n 
A 1 42  ASP 42  178 178 ASP ASP A . n 
A 1 43  ALA 43  179 179 ALA ALA A . n 
A 1 44  GLY 44  180 180 GLY GLY A . n 
A 1 45  GLU 45  181 181 GLU GLU A . n 
A 1 46  GLU 46  182 182 GLU GLU A . n 
A 1 47  ALA 47  183 183 ALA ALA A . n 
A 1 48  THR 48  184 184 THR THR A . n 
A 1 49  THR 49  185 185 THR THR A . n 
A 1 50  THR 50  186 186 THR THR A . n 
A 1 51  LYS 51  187 187 LYS LYS A . n 
A 1 52  SER 52  188 188 SER SER A . n 
A 1 53  GLN 53  189 189 GLN GLN A . n 
A 1 54  VAL 54  190 190 VAL VAL A . n 
A 1 55  LEU 55  191 191 LEU LEU A . n 
A 1 56  ASP 56  192 192 ASP ASP A . n 
A 1 57  TYR 57  193 193 TYR TYR A . n 
A 1 58  LEU 58  194 194 LEU LEU A . n 
A 1 59  SER 59  195 195 SER SER A . n 
A 1 60  TYR 60  196 196 TYR TYR A . n 
A 1 61  ALA 61  197 197 ALA ALA A . n 
A 1 62  VAL 62  198 198 VAL VAL A . n 
A 1 63  PHE 63  199 199 PHE PHE A . n 
A 1 64  GLN 64  200 200 GLN GLN A . n 
A 1 65  LEU 65  201 201 LEU LEU A . n 
A 1 66  GLY 66  202 202 GLY GLY A . n 
A 1 67  ASP 67  203 203 ASP ASP A . n 
A 1 68  LEU 68  204 204 LEU LEU A . n 
A 1 69  HIS 69  205 205 HIS HIS A . n 
A 1 70  ARG 70  206 206 ARG ARG A . n 
A 1 71  ALA 71  207 207 ALA ALA A . n 
A 1 72  LEU 72  208 208 LEU LEU A . n 
A 1 73  GLU 73  209 209 GLU GLU A . n 
A 1 74  LEU 74  210 210 LEU LEU A . n 
A 1 75  THR 75  211 211 THR THR A . n 
A 1 76  ARG 76  212 212 ARG ARG A . n 
A 1 77  ARG 77  213 213 ARG ARG A . n 
A 1 78  LEU 78  214 214 LEU LEU A . n 
A 1 79  LEU 79  215 215 LEU LEU A . n 
A 1 80  SER 80  216 216 SER SER A . n 
A 1 81  LEU 81  217 217 LEU LEU A . n 
A 1 82  ASP 82  218 218 ASP ASP A . n 
A 1 83  PRO 83  219 219 PRO PRO A . n 
A 1 84  SER 84  220 220 SER SER A . n 
A 1 85  HIS 85  221 221 HIS HIS A . n 
A 1 86  GLU 86  222 222 GLU GLU A . n 
A 1 87  ARG 87  223 223 ARG ARG A . n 
A 1 88  ALA 88  224 224 ALA ALA A . n 
A 1 89  GLY 89  225 225 GLY GLY A . n 
A 1 90  GLY 90  226 226 GLY GLY A . n 
A 1 91  ASN 91  227 227 ASN ASN A . n 
A 1 92  LEU 92  228 228 LEU LEU A . n 
A 1 93  ARG 93  229 229 ARG ARG A . n 
A 1 94  TYR 94  230 230 TYR TYR A . n 
A 1 95  PHE 95  231 231 PHE PHE A . n 
A 1 96  GLU 96  232 232 GLU GLU A . n 
A 1 97  GLN 97  233 233 GLN GLN A . n 
A 1 98  LEU 98  234 234 LEU LEU A . n 
A 1 99  LEU 99  235 235 LEU LEU A . n 
A 1 100 GLU 100 236 236 GLU GLU A . n 
A 1 101 GLU 101 237 237 GLU GLU A . n 
A 1 102 GLU 102 238 238 GLU GLU A . n 
B 2 1   PRO 1   1   ?   ?   ?   C . n 
B 2 2   HYP 2   2   ?   ?   ?   C . n 
B 2 3   GLY 3   3   3   GLY GLY C . n 
B 2 4   PRO 4   4   4   PRO PRO C . n 
B 2 5   ALA 5   5   5   ALA ALA C . n 
B 2 6   GLY 6   6   6   GLY GLY C . n 
B 2 7   PRO 7   7   7   PRO PRO C . n 
B 2 8   HYP 8   8   8   HYP HYP C . n 
B 2 9   GLY 9   9   9   GLY GLY C . n 
# 
loop_
_pdbx_nonpoly_scheme.asym_id 
_pdbx_nonpoly_scheme.entity_id 
_pdbx_nonpoly_scheme.mon_id 
_pdbx_nonpoly_scheme.ndb_seq_num 
_pdbx_nonpoly_scheme.pdb_seq_num 
_pdbx_nonpoly_scheme.auth_seq_num 
_pdbx_nonpoly_scheme.pdb_mon_id 
_pdbx_nonpoly_scheme.auth_mon_id 
_pdbx_nonpoly_scheme.pdb_strand_id 
_pdbx_nonpoly_scheme.pdb_ins_code 
C 3 GLY 1  301 1  GLY GLY A . 
D 3 GLY 1  302 2  GLY GLY A . 
E 3 GLY 1  303 3  GLY GLY A . 
F 3 GLY 1  304 4  GLY GLY A . 
G 4 SO4 1  305 1  SO4 SO4 A . 
H 5 HOH 1  401 27 HOH HOH A . 
H 5 HOH 2  402 55 HOH HOH A . 
H 5 HOH 3  403 38 HOH HOH A . 
H 5 HOH 4  404 10 HOH HOH A . 
H 5 HOH 5  405 20 HOH HOH A . 
H 5 HOH 6  406 16 HOH HOH A . 
H 5 HOH 7  407 30 HOH HOH A . 
H 5 HOH 8  408 41 HOH HOH A . 
H 5 HOH 9  409 47 HOH HOH A . 
H 5 HOH 10 410 25 HOH HOH A . 
H 5 HOH 11 411 4  HOH HOH A . 
H 5 HOH 12 412 36 HOH HOH A . 
H 5 HOH 13 413 1  HOH HOH A . 
H 5 HOH 14 414 34 HOH HOH A . 
H 5 HOH 15 415 45 HOH HOH A . 
H 5 HOH 16 416 17 HOH HOH A . 
H 5 HOH 17 417 21 HOH HOH A . 
H 5 HOH 18 418 9  HOH HOH A . 
H 5 HOH 19 419 5  HOH HOH A . 
H 5 HOH 20 420 2  HOH HOH A . 
H 5 HOH 21 421 8  HOH HOH A . 
H 5 HOH 22 422 26 HOH HOH A . 
H 5 HOH 23 423 23 HOH HOH A . 
H 5 HOH 24 424 11 HOH HOH A . 
H 5 HOH 25 425 51 HOH HOH A . 
H 5 HOH 26 426 50 HOH HOH A . 
H 5 HOH 27 427 15 HOH HOH A . 
H 5 HOH 28 428 12 HOH HOH A . 
H 5 HOH 29 429 14 HOH HOH A . 
H 5 HOH 30 430 43 HOH HOH A . 
H 5 HOH 31 431 18 HOH HOH A . 
H 5 HOH 32 432 28 HOH HOH A . 
H 5 HOH 33 433 22 HOH HOH A . 
H 5 HOH 34 434 39 HOH HOH A . 
H 5 HOH 35 435 31 HOH HOH A . 
H 5 HOH 36 436 32 HOH HOH A . 
H 5 HOH 37 437 19 HOH HOH A . 
H 5 HOH 38 438 7  HOH HOH A . 
H 5 HOH 39 439 13 HOH HOH A . 
H 5 HOH 40 440 3  HOH HOH A . 
H 5 HOH 41 441 42 HOH HOH A . 
H 5 HOH 42 442 29 HOH HOH A . 
H 5 HOH 43 443 6  HOH HOH A . 
H 5 HOH 44 444 35 HOH HOH A . 
H 5 HOH 45 445 49 HOH HOH A . 
H 5 HOH 46 446 24 HOH HOH A . 
H 5 HOH 47 447 44 HOH HOH A . 
H 5 HOH 48 448 53 HOH HOH A . 
H 5 HOH 49 449 52 HOH HOH A . 
H 5 HOH 50 450 54 HOH HOH A . 
H 5 HOH 51 451 33 HOH HOH A . 
I 5 HOH 1  101 40 HOH HOH C . 
I 5 HOH 2  102 37 HOH HOH C . 
I 5 HOH 3  103 46 HOH HOH C . 
I 5 HOH 4  104 48 HOH HOH C . 
# 
loop_
_software.citation_id 
_software.classification 
_software.compiler_name 
_software.compiler_version 
_software.contact_author 
_software.contact_author_email 
_software.date 
_software.description 
_software.dependencies 
_software.hardware 
_software.language 
_software.location 
_software.mods 
_software.name 
_software.os 
_software.os_version 
_software.type 
_software.version 
_software.pdbx_ordinal 
? refinement       ? ? ? ? ? ? ? ? ? ? ? REFMAC  ? ? ? '5.8.0430 (refmacat 0.4.77)' 1 
? 'data reduction' ? ? ? ? ? ? ? ? ? ? ? XDS     ? ? ? .                            2 
? 'data scaling'   ? ? ? ? ? ? ? ? ? ? ? Aimless ? ? ? .                            3 
? phasing          ? ? ? ? ? ? ? ? ? ? ? PHASER  ? ? ? .                            4 
# 
_cell.angle_alpha                  90 
_cell.angle_alpha_esd              ? 
_cell.angle_beta                   90 
_cell.angle_beta_esd               ? 
_cell.angle_gamma                  120 
_cell.angle_gamma_esd              ? 
_cell.entry_id                     9HTD 
_cell.details                      ? 
_cell.formula_units_Z              ? 
_cell.length_a                     56.655 
_cell.length_a_esd                 ? 
_cell.length_b                     56.655 
_cell.length_b_esd                 ? 
_cell.length_c                     68.828 
_cell.length_c_esd                 ? 
_cell.volume                       ? 
_cell.volume_esd                   ? 
_cell.Z_PDB                        6 
_cell.reciprocal_angle_alpha       ? 
_cell.reciprocal_angle_beta        ? 
_cell.reciprocal_angle_gamma       ? 
_cell.reciprocal_angle_alpha_esd   ? 
_cell.reciprocal_angle_beta_esd    ? 
_cell.reciprocal_angle_gamma_esd   ? 
_cell.reciprocal_length_a          ? 
_cell.reciprocal_length_b          ? 
_cell.reciprocal_length_c          ? 
_cell.reciprocal_length_a_esd      ? 
_cell.reciprocal_length_b_esd      ? 
_cell.reciprocal_length_c_esd      ? 
_cell.pdbx_unique_axis             ? 
_cell.pdbx_esd_method              ? 
# 
_symmetry.entry_id                         9HTD 
_symmetry.cell_setting                     ? 
_symmetry.Int_Tables_number                154 
_symmetry.space_group_name_Hall            ? 
_symmetry.space_group_name_H-M             'P 32 2 1' 
_symmetry.pdbx_full_space_group_name_H-M   ? 
# 
_exptl.absorpt_coefficient_mu     ? 
_exptl.absorpt_correction_T_max   ? 
_exptl.absorpt_correction_T_min   ? 
_exptl.absorpt_correction_type    ? 
_exptl.absorpt_process_details    ? 
_exptl.entry_id                   9HTD 
_exptl.crystals_number            1 
_exptl.details                    ? 
_exptl.method                     'X-RAY DIFFRACTION' 
_exptl.method_details             ? 
# 
_exptl_crystal.colour                       ? 
_exptl_crystal.density_diffrn               ? 
_exptl_crystal.density_Matthews             2.52 
_exptl_crystal.density_method               ? 
_exptl_crystal.density_percent_sol          51.30 
_exptl_crystal.description                  ? 
_exptl_crystal.F_000                        ? 
_exptl_crystal.id                           1 
_exptl_crystal.preparation                  ? 
_exptl_crystal.size_max                     ? 
_exptl_crystal.size_mid                     ? 
_exptl_crystal.size_min                     ? 
_exptl_crystal.size_rad                     ? 
_exptl_crystal.colour_lustre                ? 
_exptl_crystal.colour_modifier              ? 
_exptl_crystal.colour_primary               ? 
_exptl_crystal.density_meas                 ? 
_exptl_crystal.density_meas_esd             ? 
_exptl_crystal.density_meas_gt              ? 
_exptl_crystal.density_meas_lt              ? 
_exptl_crystal.density_meas_temp            ? 
_exptl_crystal.density_meas_temp_esd        ? 
_exptl_crystal.density_meas_temp_gt         ? 
_exptl_crystal.density_meas_temp_lt         ? 
_exptl_crystal.pdbx_crystal_image_url       ? 
_exptl_crystal.pdbx_crystal_image_format    ? 
_exptl_crystal.pdbx_mosaicity               ? 
_exptl_crystal.pdbx_mosaicity_esd           ? 
_exptl_crystal.pdbx_mosaic_method           ? 
_exptl_crystal.pdbx_mosaic_block_size       ? 
_exptl_crystal.pdbx_mosaic_block_size_esd   ? 
# 
_exptl_crystal_grow.apparatus       ? 
_exptl_crystal_grow.atmosphere      ? 
_exptl_crystal_grow.crystal_id      1 
_exptl_crystal_grow.details         ? 
_exptl_crystal_grow.method          'VAPOR DIFFUSION, SITTING DROP' 
_exptl_crystal_grow.method_ref      ? 
_exptl_crystal_grow.pH              5.5 
_exptl_crystal_grow.pressure        ? 
_exptl_crystal_grow.pressure_esd    ? 
_exptl_crystal_grow.seeding         ? 
_exptl_crystal_grow.seeding_ref     ? 
_exptl_crystal_grow.temp_details    'Cold room temperature is fluctuating between 277 and 279.' 
_exptl_crystal_grow.temp_esd        ? 
_exptl_crystal_grow.time            ? 
_exptl_crystal_grow.pdbx_details    '2M ammonium sulphate, 10% dioxane, 100 mM MES, 2 mM Pro-Hyp-Gly-Pro-Ala-Gly-Pro-Hyp-Gly.' 
_exptl_crystal_grow.pdbx_pH_range   ? 
_exptl_crystal_grow.temp            278 
# 
_diffrn.ambient_environment              ? 
_diffrn.ambient_temp                     100 
_diffrn.ambient_temp_details             ? 
_diffrn.ambient_temp_esd                 ? 
_diffrn.crystal_id                       1 
_diffrn.crystal_support                  ? 
_diffrn.crystal_treatment                ? 
_diffrn.details                          ? 
_diffrn.id                               1 
_diffrn.ambient_pressure                 ? 
_diffrn.ambient_pressure_esd             ? 
_diffrn.ambient_pressure_gt              ? 
_diffrn.ambient_pressure_lt              ? 
_diffrn.ambient_temp_gt                  ? 
_diffrn.ambient_temp_lt                  ? 
_diffrn.pdbx_serial_crystal_experiment   N 
# 
_diffrn_detector.details                      'Toroidal mirror' 
_diffrn_detector.detector                     PIXEL 
_diffrn_detector.diffrn_id                    1 
_diffrn_detector.type                         'DECTRIS EIGER X 16M' 
_diffrn_detector.area_resol_mean              ? 
_diffrn_detector.dtime                        ? 
_diffrn_detector.pdbx_frames_total            ? 
_diffrn_detector.pdbx_collection_time_total   ? 
_diffrn_detector.pdbx_collection_date         2018-09-09 
_diffrn_detector.pdbx_frequency               ? 
_diffrn_detector.id                           ? 
_diffrn_detector.number_of_axes               ? 
# 
_diffrn_radiation.collimation                      ? 
_diffrn_radiation.diffrn_id                        1 
_diffrn_radiation.filter_edge                      ? 
_diffrn_radiation.inhomogeneity                    ? 
_diffrn_radiation.monochromator                    'Si(111)' 
_diffrn_radiation.polarisn_norm                    ? 
_diffrn_radiation.polarisn_ratio                   ? 
_diffrn_radiation.probe                            ? 
_diffrn_radiation.type                             ? 
_diffrn_radiation.xray_symbol                      ? 
_diffrn_radiation.wavelength_id                    1 
_diffrn_radiation.pdbx_monochromatic_or_laue_m_l   M 
_diffrn_radiation.pdbx_wavelength_list             ? 
_diffrn_radiation.pdbx_wavelength                  ? 
_diffrn_radiation.pdbx_diffrn_protocol             'SINGLE WAVELENGTH' 
_diffrn_radiation.pdbx_analyzer                    ? 
_diffrn_radiation.pdbx_scattering_type             x-ray 
# 
_diffrn_radiation_wavelength.id           1 
_diffrn_radiation_wavelength.wavelength   0.9763 
_diffrn_radiation_wavelength.wt           1.0 
# 
_diffrn_source.current                     ? 
_diffrn_source.details                     ? 
_diffrn_source.diffrn_id                   1 
_diffrn_source.power                       ? 
_diffrn_source.size                        ? 
_diffrn_source.source                      SYNCHROTRON 
_diffrn_source.target                      ? 
_diffrn_source.type                        'PETRA III, EMBL c/o DESY BEAMLINE P14 (MX2)' 
_diffrn_source.voltage                     ? 
_diffrn_source.take-off_angle              ? 
_diffrn_source.pdbx_wavelength_list        0.9763 
_diffrn_source.pdbx_wavelength             ? 
_diffrn_source.pdbx_synchrotron_beamline   'P14 (MX2)' 
_diffrn_source.pdbx_synchrotron_site       'PETRA III, EMBL c/o DESY' 
# 
_reflns.B_iso_Wilson_estimate                          27.6 
_reflns.entry_id                                       9HTD 
_reflns.data_reduction_details                         ? 
_reflns.data_reduction_method                          ? 
_reflns.d_resolution_high                              1.75 
_reflns.d_resolution_low                               49.06 
_reflns.details                                        ? 
_reflns.limit_h_max                                    ? 
_reflns.limit_h_min                                    ? 
_reflns.limit_k_max                                    ? 
_reflns.limit_k_min                                    ? 
_reflns.limit_l_max                                    ? 
_reflns.limit_l_min                                    ? 
_reflns.number_all                                     ? 
_reflns.number_obs                                     12786 
_reflns.observed_criterion                             ? 
_reflns.observed_criterion_F_max                       ? 
_reflns.observed_criterion_F_min                       ? 
_reflns.observed_criterion_I_max                       ? 
_reflns.observed_criterion_I_min                       ? 
_reflns.observed_criterion_sigma_F                     ? 
_reflns.observed_criterion_sigma_I                     ? 
_reflns.percent_possible_obs                           97.1 
_reflns.R_free_details                                 ? 
_reflns.Rmerge_F_all                                   ? 
_reflns.Rmerge_F_obs                                   ? 
_reflns.Friedel_coverage                               ? 
_reflns.number_gt                                      ? 
_reflns.threshold_expression                           ? 
_reflns.pdbx_redundancy                                6.6 
_reflns.pdbx_netI_over_av_sigmaI                       ? 
_reflns.pdbx_netI_over_sigmaI                          14.2 
_reflns.pdbx_res_netI_over_av_sigmaI_2                 ? 
_reflns.pdbx_res_netI_over_sigmaI_2                    ? 
_reflns.pdbx_chi_squared                               ? 
_reflns.pdbx_scaling_rejects                           ? 
_reflns.pdbx_d_res_high_opt                            ? 
_reflns.pdbx_d_res_low_opt                             ? 
_reflns.pdbx_d_res_opt_method                          ? 
_reflns.phase_calculation_details                      ? 
_reflns.pdbx_Rrim_I_all                                ? 
_reflns.pdbx_Rpim_I_all                                0.026 
_reflns.pdbx_d_opt                                     ? 
_reflns.pdbx_number_measured_all                       ? 
_reflns.pdbx_diffrn_id                                 1 
_reflns.pdbx_ordinal                                   1 
_reflns.pdbx_CC_half                                   0.998 
_reflns.pdbx_CC_star                                   ? 
_reflns.pdbx_R_split                                   ? 
_reflns.pdbx_Rmerge_I_obs                              0.063 
_reflns.pdbx_Rmerge_I_all                              ? 
_reflns.pdbx_Rsym_value                                ? 
_reflns.pdbx_CC_split_method                           ? 
_reflns.pdbx_aniso_diffraction_limit_axis_1_ortho[1]   ? 
_reflns.pdbx_aniso_diffraction_limit_axis_1_ortho[2]   ? 
_reflns.pdbx_aniso_diffraction_limit_axis_1_ortho[3]   ? 
_reflns.pdbx_aniso_diffraction_limit_axis_2_ortho[1]   ? 
_reflns.pdbx_aniso_diffraction_limit_axis_2_ortho[2]   ? 
_reflns.pdbx_aniso_diffraction_limit_axis_2_ortho[3]   ? 
_reflns.pdbx_aniso_diffraction_limit_axis_3_ortho[1]   ? 
_reflns.pdbx_aniso_diffraction_limit_axis_3_ortho[2]   ? 
_reflns.pdbx_aniso_diffraction_limit_axis_3_ortho[3]   ? 
_reflns.pdbx_aniso_diffraction_limit_1                 ? 
_reflns.pdbx_aniso_diffraction_limit_2                 ? 
_reflns.pdbx_aniso_diffraction_limit_3                 ? 
_reflns.pdbx_aniso_B_tensor_eigenvector_1_ortho[1]     ? 
_reflns.pdbx_aniso_B_tensor_eigenvector_1_ortho[2]     ? 
_reflns.pdbx_aniso_B_tensor_eigenvector_1_ortho[3]     ? 
_reflns.pdbx_aniso_B_tensor_eigenvector_2_ortho[1]     ? 
_reflns.pdbx_aniso_B_tensor_eigenvector_2_ortho[2]     ? 
_reflns.pdbx_aniso_B_tensor_eigenvector_2_ortho[3]     ? 
_reflns.pdbx_aniso_B_tensor_eigenvector_3_ortho[1]     ? 
_reflns.pdbx_aniso_B_tensor_eigenvector_3_ortho[2]     ? 
_reflns.pdbx_aniso_B_tensor_eigenvector_3_ortho[3]     ? 
_reflns.pdbx_aniso_B_tensor_eigenvalue_1               ? 
_reflns.pdbx_aniso_B_tensor_eigenvalue_2               ? 
_reflns.pdbx_aniso_B_tensor_eigenvalue_3               ? 
_reflns.pdbx_orthogonalization_convention              ? 
_reflns.pdbx_percent_possible_ellipsoidal              ? 
_reflns.pdbx_percent_possible_spherical                ? 
_reflns.pdbx_percent_possible_ellipsoidal_anomalous    ? 
_reflns.pdbx_percent_possible_spherical_anomalous      ? 
_reflns.pdbx_redundancy_anomalous                      ? 
_reflns.pdbx_CC_half_anomalous                         ? 
_reflns.pdbx_absDiff_over_sigma_anomalous              ? 
_reflns.pdbx_percent_possible_anomalous                ? 
_reflns.pdbx_observed_signal_threshold                 ? 
_reflns.pdbx_signal_type                               ? 
_reflns.pdbx_signal_details                            ? 
_reflns.pdbx_signal_software_id                        ? 
# 
_reflns_shell.d_res_high                                    1.75 
_reflns_shell.d_res_low                                     1.78 
_reflns_shell.meanI_over_sigI_all                           ? 
_reflns_shell.meanI_over_sigI_obs                           1.3 
_reflns_shell.number_measured_all                           ? 
_reflns_shell.number_measured_obs                           ? 
_reflns_shell.number_possible                               ? 
_reflns_shell.number_unique_all                             ? 
_reflns_shell.number_unique_obs                             718 
_reflns_shell.percent_possible_obs                          ? 
_reflns_shell.Rmerge_F_all                                  ? 
_reflns_shell.Rmerge_F_obs                                  ? 
_reflns_shell.meanI_over_sigI_gt                            ? 
_reflns_shell.meanI_over_uI_all                             ? 
_reflns_shell.meanI_over_uI_gt                              ? 
_reflns_shell.number_measured_gt                            ? 
_reflns_shell.number_unique_gt                              ? 
_reflns_shell.percent_possible_gt                           ? 
_reflns_shell.Rmerge_F_gt                                   ? 
_reflns_shell.Rmerge_I_gt                                   ? 
_reflns_shell.pdbx_redundancy                               6.8 
_reflns_shell.pdbx_chi_squared                              ? 
_reflns_shell.pdbx_netI_over_sigmaI_all                     ? 
_reflns_shell.pdbx_netI_over_sigmaI_obs                     ? 
_reflns_shell.pdbx_Rrim_I_all                               ? 
_reflns_shell.pdbx_Rpim_I_all                               0.433 
_reflns_shell.pdbx_rejects                                  ? 
_reflns_shell.pdbx_ordinal                                  1 
_reflns_shell.pdbx_diffrn_id                                1 
_reflns_shell.pdbx_CC_half                                  0.556 
_reflns_shell.pdbx_CC_star                                  ? 
_reflns_shell.pdbx_R_split                                  ? 
_reflns_shell.percent_possible_all                          98.4 
_reflns_shell.Rmerge_I_all                                  ? 
_reflns_shell.Rmerge_I_obs                                  1.075 
_reflns_shell.pdbx_Rsym_value                               ? 
_reflns_shell.pdbx_percent_possible_ellipsoidal             ? 
_reflns_shell.pdbx_percent_possible_spherical               ? 
_reflns_shell.pdbx_percent_possible_ellipsoidal_anomalous   ? 
_reflns_shell.pdbx_percent_possible_spherical_anomalous     ? 
_reflns_shell.pdbx_redundancy_anomalous                     ? 
_reflns_shell.pdbx_CC_half_anomalous                        ? 
_reflns_shell.pdbx_absDiff_over_sigma_anomalous             ? 
_reflns_shell.pdbx_percent_possible_anomalous               ? 
# 
_refine.aniso_B[1][1]                            -0.196 
_refine.aniso_B[1][2]                            -0.098 
_refine.aniso_B[1][3]                            -0.000 
_refine.aniso_B[2][2]                            -0.196 
_refine.aniso_B[2][3]                            0.000 
_refine.aniso_B[3][3]                            0.637 
_refine.B_iso_max                                ? 
_refine.B_iso_mean                               39.127 
_refine.B_iso_min                                ? 
_refine.correlation_coeff_Fo_to_Fc               0.974 
_refine.correlation_coeff_Fo_to_Fc_free          0.963 
_refine.details                                  'Hydrogens have been added in their riding positions' 
_refine.diff_density_max                         ? 
_refine.diff_density_max_esd                     ? 
_refine.diff_density_min                         ? 
_refine.diff_density_min_esd                     ? 
_refine.diff_density_rms                         ? 
_refine.diff_density_rms_esd                     ? 
_refine.entry_id                                 9HTD 
_refine.pdbx_refine_id                           'X-RAY DIFFRACTION' 
_refine.ls_abs_structure_details                 ? 
_refine.ls_abs_structure_Flack                   ? 
_refine.ls_abs_structure_Flack_esd               ? 
_refine.ls_abs_structure_Rogers                  ? 
_refine.ls_abs_structure_Rogers_esd              ? 
_refine.ls_d_res_high                            1.751 
_refine.ls_d_res_low                             49.06 
_refine.ls_extinction_coef                       ? 
_refine.ls_extinction_coef_esd                   ? 
_refine.ls_extinction_expression                 ? 
_refine.ls_extinction_method                     ? 
_refine.ls_goodness_of_fit_all                   ? 
_refine.ls_goodness_of_fit_all_esd               ? 
_refine.ls_goodness_of_fit_obs                   ? 
_refine.ls_goodness_of_fit_obs_esd               ? 
_refine.ls_hydrogen_treatment                    ? 
_refine.ls_matrix_type                           ? 
_refine.ls_number_constraints                    ? 
_refine.ls_number_parameters                     ? 
_refine.ls_number_reflns_all                     ? 
_refine.ls_number_reflns_obs                     12783 
_refine.ls_number_reflns_R_free                  687 
_refine.ls_number_reflns_R_work                  12096 
_refine.ls_number_restraints                     ? 
_refine.ls_percent_reflns_obs                    96.113 
_refine.ls_percent_reflns_R_free                 5.374 
_refine.ls_R_factor_all                          0.166 
_refine.ls_R_factor_obs                          ? 
_refine.ls_R_factor_R_free                       0.1951 
_refine.ls_R_factor_R_free_error                 ? 
_refine.ls_R_factor_R_free_error_details         ? 
_refine.ls_R_factor_R_work                       0.1648 
_refine.ls_R_Fsqd_factor_obs                     ? 
_refine.ls_R_I_factor_obs                        ? 
_refine.ls_redundancy_reflns_all                 ? 
_refine.ls_redundancy_reflns_obs                 ? 
_refine.ls_restrained_S_all                      ? 
_refine.ls_restrained_S_obs                      ? 
_refine.ls_shift_over_esd_max                    ? 
_refine.ls_shift_over_esd_mean                   ? 
_refine.ls_structure_factor_coef                 ? 
_refine.ls_weighting_details                     ? 
_refine.ls_weighting_scheme                      ? 
_refine.ls_wR_factor_all                         ? 
_refine.ls_wR_factor_obs                         ? 
_refine.ls_wR_factor_R_free                      ? 
_refine.ls_wR_factor_R_work                      ? 
_refine.occupancy_max                            ? 
_refine.occupancy_min                            ? 
_refine.solvent_model_details                    'MASK BULK SOLVENT' 
_refine.solvent_model_param_bsol                 ? 
_refine.solvent_model_param_ksol                 ? 
_refine.pdbx_R_complete                          ? 
_refine.ls_R_factor_gt                           ? 
_refine.ls_goodness_of_fit_gt                    ? 
_refine.ls_goodness_of_fit_ref                   ? 
_refine.ls_shift_over_su_max                     ? 
_refine.ls_shift_over_su_max_lt                  ? 
_refine.ls_shift_over_su_mean                    ? 
_refine.ls_shift_over_su_mean_lt                 ? 
_refine.pdbx_ls_sigma_I                          ? 
_refine.pdbx_ls_sigma_F                          ? 
_refine.pdbx_ls_sigma_Fsqd                       ? 
_refine.pdbx_data_cutoff_high_absF               ? 
_refine.pdbx_data_cutoff_high_rms_absF           ? 
_refine.pdbx_data_cutoff_low_absF                ? 
_refine.pdbx_isotropic_thermal_model             ? 
_refine.pdbx_ls_cross_valid_method               'FREE R-VALUE' 
_refine.pdbx_method_to_determine_struct          'MOLECULAR REPLACEMENT' 
_refine.pdbx_starting_model                      ? 
_refine.pdbx_stereochemistry_target_values       ? 
_refine.pdbx_R_Free_selection_details            ? 
_refine.pdbx_stereochem_target_val_spec_case     ? 
_refine.pdbx_overall_ESU_R                       0.096 
_refine.pdbx_overall_ESU_R_Free                  0.095 
_refine.pdbx_solvent_vdw_probe_radii             1.200 
_refine.pdbx_solvent_ion_probe_radii             0.800 
_refine.pdbx_solvent_shrinkage_radii             0.800 
_refine.pdbx_real_space_R                        ? 
_refine.pdbx_density_correlation                 ? 
_refine.pdbx_pd_number_of_powder_patterns        ? 
_refine.pdbx_pd_number_of_points                 ? 
_refine.pdbx_pd_meas_number_of_points            ? 
_refine.pdbx_pd_proc_ls_prof_R_factor            ? 
_refine.pdbx_pd_proc_ls_prof_wR_factor           ? 
_refine.pdbx_pd_Marquardt_correlation_coeff      ? 
_refine.pdbx_pd_Fsqrd_R_factor                   ? 
_refine.pdbx_pd_ls_matrix_band_width             ? 
_refine.pdbx_overall_phase_error                 ? 
_refine.pdbx_overall_SU_R_free_Cruickshank_DPI   ? 
_refine.pdbx_overall_SU_R_free_Blow_DPI          ? 
_refine.pdbx_overall_SU_R_Blow_DPI               ? 
_refine.pdbx_TLS_residual_ADP_flag               ? 
_refine.pdbx_diffrn_id                           1 
_refine.overall_SU_B                             2.210 
_refine.overall_SU_ML                            0.067 
_refine.overall_SU_R_Cruickshank_DPI             ? 
_refine.overall_SU_R_free                        ? 
_refine.overall_FOM_free_R_set                   ? 
_refine.overall_FOM_work_R_set                   ? 
_refine.pdbx_average_fsc_overall                 ? 
_refine.pdbx_average_fsc_work                    ? 
_refine.pdbx_average_fsc_free                    ? 
# 
_refine_hist.pdbx_refine_id                   'X-RAY DIFFRACTION' 
_refine_hist.cycle_id                         LAST 
_refine_hist.pdbx_number_atoms_protein        802 
_refine_hist.pdbx_number_atoms_nucleic_acid   0 
_refine_hist.pdbx_number_atoms_ligand         25 
_refine_hist.number_atoms_solvent             55 
_refine_hist.number_atoms_total               882 
_refine_hist.d_res_high                       1.751 
_refine_hist.d_res_low                        49.06 
# 
loop_
_refine_ls_restr.pdbx_refine_id 
_refine_ls_restr.criterion 
_refine_ls_restr.dev_ideal 
_refine_ls_restr.dev_ideal_target 
_refine_ls_restr.number 
_refine_ls_restr.rejects 
_refine_ls_restr.type 
_refine_ls_restr.weight 
_refine_ls_restr.pdbx_restraint_function 
'X-RAY DIFFRACTION' ? 0.011  0.012  838  ? r_bond_refined_d               ? ? 
'X-RAY DIFFRACTION' ? 0.002  0.016  760  ? r_bond_other_d                 ? ? 
'X-RAY DIFFRACTION' ? 1.905  1.844  1130 ? r_angle_refined_deg            ? ? 
'X-RAY DIFFRACTION' ? 0.741  1.768  1749 ? r_angle_other_deg              ? ? 
'X-RAY DIFFRACTION' ? 5.556  5.000  99   ? r_dihedral_angle_1_deg         ? ? 
'X-RAY DIFFRACTION' ? 8.494  5.000  6    ? r_dihedral_angle_2_deg         ? ? 
'X-RAY DIFFRACTION' ? 12.335 10.000 133  ? r_dihedral_angle_3_deg         ? ? 
'X-RAY DIFFRACTION' ? 17.063 10.000 43   ? r_dihedral_angle_6_deg         ? ? 
'X-RAY DIFFRACTION' ? 0.097  0.200  119  ? r_chiral_restr                 ? ? 
'X-RAY DIFFRACTION' ? 0.010  0.020  1000 ? r_gen_planes_refined           ? ? 
'X-RAY DIFFRACTION' ? 0.003  0.020  190  ? r_gen_planes_other             ? ? 
'X-RAY DIFFRACTION' ? 0.219  0.200  177  ? r_nbd_refined                  ? ? 
'X-RAY DIFFRACTION' ? 0.142  0.200  662  ? r_symmetry_nbd_other           ? ? 
'X-RAY DIFFRACTION' ? 0.181  0.200  415  ? r_nbtor_refined                ? ? 
'X-RAY DIFFRACTION' ? 0.071  0.200  457  ? r_symmetry_nbtor_other         ? ? 
'X-RAY DIFFRACTION' ? 0.189  0.200  44   ? r_xyhbond_nbd_refined          ? ? 
'X-RAY DIFFRACTION' ? 0.103  0.200  13   ? r_symmetry_nbd_refined         ? ? 
'X-RAY DIFFRACTION' ? 0.107  0.200  21   ? r_nbd_other                    ? ? 
'X-RAY DIFFRACTION' ? 0.134  0.200  11   ? r_symmetry_xyhbond_nbd_refined ? ? 
'X-RAY DIFFRACTION' ? 4.246  3.566  414  ? r_mcbond_it                    ? ? 
'X-RAY DIFFRACTION' ? 4.201  3.560  413  ? r_mcbond_other                 ? ? 
'X-RAY DIFFRACTION' ? 5.780  6.293  507  ? r_mcangle_it                   ? ? 
'X-RAY DIFFRACTION' ? 5.776  6.296  508  ? r_mcangle_other                ? ? 
'X-RAY DIFFRACTION' ? 6.025  4.133  424  ? r_scbond_it                    ? ? 
'X-RAY DIFFRACTION' ? 5.953  4.094  420  ? r_scbond_other                 ? ? 
'X-RAY DIFFRACTION' ? 8.940  7.317  623  ? r_scangle_it                   ? ? 
'X-RAY DIFFRACTION' ? 8.894  7.245  618  ? r_scangle_other                ? ? 
'X-RAY DIFFRACTION' ? 9.990  38.529 968  ? r_lrange_it                    ? ? 
'X-RAY DIFFRACTION' ? 9.734  37.843 959  ? r_lrange_other                 ? ? 
# 
loop_
_refine_ls_shell.pdbx_refine_id 
_refine_ls_shell.d_res_high 
_refine_ls_shell.d_res_low 
_refine_ls_shell.number_reflns_all 
_refine_ls_shell.number_reflns_obs 
_refine_ls_shell.number_reflns_R_free 
_refine_ls_shell.number_reflns_R_work 
_refine_ls_shell.percent_reflns_obs 
_refine_ls_shell.percent_reflns_R_free 
_refine_ls_shell.R_factor_all 
_refine_ls_shell.R_factor_obs 
_refine_ls_shell.R_factor_R_free_error 
_refine_ls_shell.R_factor_R_work 
_refine_ls_shell.redundancy_reflns_all 
_refine_ls_shell.redundancy_reflns_obs 
_refine_ls_shell.wR_factor_all 
_refine_ls_shell.wR_factor_obs 
_refine_ls_shell.wR_factor_R_free 
_refine_ls_shell.wR_factor_R_work 
_refine_ls_shell.pdbx_R_complete 
_refine_ls_shell.pdbx_total_number_of_bins_used 
_refine_ls_shell.pdbx_phase_error 
_refine_ls_shell.pdbx_fsc_work 
_refine_ls_shell.pdbx_fsc_free 
_refine_ls_shell.R_factor_R_free 
'X-RAY DIFFRACTION' 1.751 1.796 . . 49 885 98.2124 . . . . 0.278 . . . . . . . . . . . 0.279 
'X-RAY DIFFRACTION' 1.796 1.846 . . 46 882 98.4093 . . . . 0.255 . . . . . . . . . . . 0.270 
'X-RAY DIFFRACTION' 1.846 1.899 . . 49 867 97.9679 . . . . 0.262 . . . . . . . . . . . 0.255 
'X-RAY DIFFRACTION' 1.899 1.957 . . 30 829 96.8433 . . . . 0.264 . . . . . . . . . . . 0.315 
'X-RAY DIFFRACTION' 1.957 2.022 . . 64 777 97.4508 . . . . 0.198 . . . . . . . . . . . 0.261 
'X-RAY DIFFRACTION' 2.022 2.092 . . 58 745 96.9807 . . . . 0.190 . . . . . . . . . . . 0.213 
'X-RAY DIFFRACTION' 2.092 2.171 . . 40 760 97.6801 . . . . 0.171 . . . . . . . . . . . 0.272 
'X-RAY DIFFRACTION' 2.171 2.260 . . 34 714 96.5161 . . . . 0.161 . . . . . . . . . . . 0.172 
'X-RAY DIFFRACTION' 2.260 2.360 . . 32 687 95.9947 . . . . 0.141 . . . . . . . . . . . 0.165 
'X-RAY DIFFRACTION' 2.360 2.475 . . 39 654 96.7877 . . . . 0.147 . . . . . . . . . . . 0.154 
'X-RAY DIFFRACTION' 2.475 2.608 . . 34 627 96.3557 . . . . 0.158 . . . . . . . . . . . 0.206 
'X-RAY DIFFRACTION' 2.608 2.766 . . 25 596 95.8333 . . . . 0.170 . . . . . . . . . . . 0.290 
'X-RAY DIFFRACTION' 2.766 2.956 . . 45 547 95.4839 . . . . 0.165 . . . . . . . . . . . 0.154 
'X-RAY DIFFRACTION' 2.956 3.192 . . 25 517 95.4225 . . . . 0.150 . . . . . . . . . . . 0.172 
'X-RAY DIFFRACTION' 3.192 3.495 . . 41 459 93.9850 . . . . 0.153 . . . . . . . . . . . 0.154 
'X-RAY DIFFRACTION' 3.495 3.906 . . 20 435 93.0470 . . . . 0.140 . . . . . . . . . . . 0.171 
'X-RAY DIFFRACTION' 3.906 4.505 . . 21 375 92.9577 . . . . 0.135 . . . . . . . . . . . 0.162 
'X-RAY DIFFRACTION' 4.505 5.506 . . 13 335 91.0995 . . . . 0.153 . . . . . . . . . . . 0.126 
'X-RAY DIFFRACTION' 5.506 7.738 . . 16 247 88.8513 . . . . 0.199 . . . . . . . . . . . 0.301 
'X-RAY DIFFRACTION' 7.738 49.06 . . 6  158 87.7005 . . . . 0.170 . . . . . . . . . . . 0.284 
# 
_struct.entry_id                     9HTD 
_struct.title                        
;Peptide-substrate-binding (PSB) domain of human type II collagen prolyl 4-hydroxylase complexed with Pro-Hyp-Gly-Pro-Ala-Gly-Pro-Hyp-Gly.
;
_struct.pdbx_model_details           ? 
_struct.pdbx_formula_weight          ? 
_struct.pdbx_formula_weight_method   ? 
_struct.pdbx_model_type_details      ? 
_struct.pdbx_CASP_flag               N 
# 
_struct_keywords.entry_id        9HTD 
_struct_keywords.text            'collagen, tetratricopeptide, extracellular matrix, PROTEIN BINDING' 
_struct_keywords.pdbx_keywords   'PROTEIN BINDING' 
# 
loop_
_struct_asym.id 
_struct_asym.pdbx_blank_PDB_chainid_flag 
_struct_asym.pdbx_modified 
_struct_asym.entity_id 
_struct_asym.details 
A N N 1 ? 
B N N 2 ? 
C N N 3 ? 
D N N 3 ? 
E N N 3 ? 
F N N 3 ? 
G N N 4 ? 
H N N 5 ? 
I N N 5 ? 
# 
loop_
_struct_ref.id 
_struct_ref.db_name 
_struct_ref.db_code 
_struct_ref.pdbx_db_accession 
_struct_ref.pdbx_db_isoform 
_struct_ref.entity_id 
_struct_ref.pdbx_seq_one_letter_code 
_struct_ref.pdbx_align_begin 
1 UNP P4HA2_HUMAN O15460 ? 1 
;MLSVDDCFGMGRSAYNEGDYYHTVLWMEQVLKQLDAGEEATTTKSQVLDYLSYAVFQLGDLHRALELTRRLLSLDPSHER
AGGNLRYFEQLLEEE
;
163 
2 PDB 9HTD        9HTD   ? 2 ?                                                                                                  1 
# 
loop_
_struct_ref_seq.align_id 
_struct_ref_seq.ref_id 
_struct_ref_seq.pdbx_PDB_id_code 
_struct_ref_seq.pdbx_strand_id 
_struct_ref_seq.seq_align_beg 
_struct_ref_seq.pdbx_seq_align_beg_ins_code 
_struct_ref_seq.seq_align_end 
_struct_ref_seq.pdbx_seq_align_end_ins_code 
_struct_ref_seq.pdbx_db_accession 
_struct_ref_seq.db_align_beg 
_struct_ref_seq.pdbx_db_align_beg_ins_code 
_struct_ref_seq.db_align_end 
_struct_ref_seq.pdbx_db_align_end_ins_code 
_struct_ref_seq.pdbx_auth_seq_align_beg 
_struct_ref_seq.pdbx_auth_seq_align_end 
1 1 9HTD A 8 ? 102 ? O15460 163 ? 257 ? 144 238 
2 2 9HTD C 1 ? 9   ? 9HTD   1   ? 9   ? 1   9   
# 
loop_
_struct_ref_seq_dif.align_id 
_struct_ref_seq_dif.pdbx_pdb_id_code 
_struct_ref_seq_dif.mon_id 
_struct_ref_seq_dif.pdbx_pdb_strand_id 
_struct_ref_seq_dif.seq_num 
_struct_ref_seq_dif.pdbx_pdb_ins_code 
_struct_ref_seq_dif.pdbx_seq_db_name 
_struct_ref_seq_dif.pdbx_seq_db_accession_code 
_struct_ref_seq_dif.db_mon_id 
_struct_ref_seq_dif.pdbx_seq_db_seq_num 
_struct_ref_seq_dif.details 
_struct_ref_seq_dif.pdbx_auth_seq_num 
_struct_ref_seq_dif.pdbx_ordinal 
1 9HTD MET A 1 ? UNP O15460 ? ? 'initiating methionine' 137 1 
1 9HTD HIS A 2 ? UNP O15460 ? ? 'expression tag'        138 2 
1 9HTD HIS A 3 ? UNP O15460 ? ? 'expression tag'        139 3 
1 9HTD HIS A 4 ? UNP O15460 ? ? 'expression tag'        140 4 
1 9HTD HIS A 5 ? UNP O15460 ? ? 'expression tag'        141 5 
1 9HTD HIS A 6 ? UNP O15460 ? ? 'expression tag'        142 6 
1 9HTD HIS A 7 ? UNP O15460 ? ? 'expression tag'        143 7 
# 
_pdbx_struct_assembly.id                   1 
_pdbx_struct_assembly.details              author_and_software_defined_assembly 
_pdbx_struct_assembly.method_details       PISA 
_pdbx_struct_assembly.oligomeric_details   dimeric 
_pdbx_struct_assembly.oligomeric_count     2 
# 
loop_
_pdbx_struct_assembly_prop.biol_id 
_pdbx_struct_assembly_prop.type 
_pdbx_struct_assembly_prop.value 
_pdbx_struct_assembly_prop.details 
1 'ABSA (A^2)' 980  ? 
1 MORE         -16  ? 
1 'SSA (A^2)'  5730 ? 
# 
_pdbx_struct_assembly_gen.assembly_id       1 
_pdbx_struct_assembly_gen.oper_expression   1 
_pdbx_struct_assembly_gen.asym_id_list      A,B,C,D,E,F,G,H,I 
# 
_pdbx_struct_assembly_auth_evidence.id                     1 
_pdbx_struct_assembly_auth_evidence.assembly_id            1 
_pdbx_struct_assembly_auth_evidence.experimental_support   'light scattering' 
_pdbx_struct_assembly_auth_evidence.details                
'SEC-MALS experiments show that the PSB-II construct is monomer in the solution.' 
# 
_pdbx_struct_oper_list.id                   1 
_pdbx_struct_oper_list.type                 'identity operation' 
_pdbx_struct_oper_list.name                 1_555 
_pdbx_struct_oper_list.symmetry_operation   x,y,z 
_pdbx_struct_oper_list.matrix[1][1]         1.0000000000 
_pdbx_struct_oper_list.matrix[1][2]         0.0000000000 
_pdbx_struct_oper_list.matrix[1][3]         0.0000000000 
_pdbx_struct_oper_list.vector[1]            0.0000000000 
_pdbx_struct_oper_list.matrix[2][1]         0.0000000000 
_pdbx_struct_oper_list.matrix[2][2]         1.0000000000 
_pdbx_struct_oper_list.matrix[2][3]         0.0000000000 
_pdbx_struct_oper_list.vector[2]            0.0000000000 
_pdbx_struct_oper_list.matrix[3][1]         0.0000000000 
_pdbx_struct_oper_list.matrix[3][2]         0.0000000000 
_pdbx_struct_oper_list.matrix[3][3]         1.0000000000 
_pdbx_struct_oper_list.vector[3]            0.0000000000 
# 
loop_
_struct_conf.conf_type_id 
_struct_conf.id 
_struct_conf.pdbx_PDB_helix_id 
_struct_conf.beg_label_comp_id 
_struct_conf.beg_label_asym_id 
_struct_conf.beg_label_seq_id 
_struct_conf.pdbx_beg_PDB_ins_code 
_struct_conf.end_label_comp_id 
_struct_conf.end_label_asym_id 
_struct_conf.end_label_seq_id 
_struct_conf.pdbx_end_PDB_ins_code 
_struct_conf.beg_auth_comp_id 
_struct_conf.beg_auth_asym_id 
_struct_conf.beg_auth_seq_id 
_struct_conf.end_auth_comp_id 
_struct_conf.end_auth_asym_id 
_struct_conf.end_auth_seq_id 
_struct_conf.pdbx_PDB_helix_class 
_struct_conf.details 
_struct_conf.pdbx_PDB_helix_length 
HELX_P HELX_P1 AA1 SER A 10 ? GLU A 24  ? SER A 146 GLU A 160 1 ? 15 
HELX_P HELX_P2 AA2 ASP A 26 ? ALA A 43  ? ASP A 162 ALA A 179 1 ? 18 
HELX_P HELX_P3 AA3 THR A 50 ? LEU A 65  ? THR A 186 LEU A 201 1 ? 16 
HELX_P HELX_P4 AA4 ASP A 67 ? ASP A 82  ? ASP A 203 ASP A 218 1 ? 16 
HELX_P HELX_P5 AA5 HIS A 85 ? GLU A 102 ? HIS A 221 GLU A 238 1 ? 18 
# 
_struct_conf_type.id          HELX_P 
_struct_conf_type.criteria    ? 
_struct_conf_type.reference   ? 
# 
loop_
_struct_conn.id 
_struct_conn.conn_type_id 
_struct_conn.pdbx_leaving_atom_flag 
_struct_conn.pdbx_PDB_id 
_struct_conn.ptnr1_label_asym_id 
_struct_conn.ptnr1_label_comp_id 
_struct_conn.ptnr1_label_seq_id 
_struct_conn.ptnr1_label_atom_id 
_struct_conn.pdbx_ptnr1_label_alt_id 
_struct_conn.pdbx_ptnr1_PDB_ins_code 
_struct_conn.pdbx_ptnr1_standard_comp_id 
_struct_conn.ptnr1_symmetry 
_struct_conn.ptnr2_label_asym_id 
_struct_conn.ptnr2_label_comp_id 
_struct_conn.ptnr2_label_seq_id 
_struct_conn.ptnr2_label_atom_id 
_struct_conn.pdbx_ptnr2_label_alt_id 
_struct_conn.pdbx_ptnr2_PDB_ins_code 
_struct_conn.ptnr1_auth_asym_id 
_struct_conn.ptnr1_auth_comp_id 
_struct_conn.ptnr1_auth_seq_id 
_struct_conn.ptnr2_auth_asym_id 
_struct_conn.ptnr2_auth_comp_id 
_struct_conn.ptnr2_auth_seq_id 
_struct_conn.ptnr2_symmetry 
_struct_conn.pdbx_ptnr3_label_atom_id 
_struct_conn.pdbx_ptnr3_label_seq_id 
_struct_conn.pdbx_ptnr3_label_comp_id 
_struct_conn.pdbx_ptnr3_label_asym_id 
_struct_conn.pdbx_ptnr3_label_alt_id 
_struct_conn.pdbx_ptnr3_PDB_ins_code 
_struct_conn.details 
_struct_conn.pdbx_dist_value 
_struct_conn.pdbx_value_order 
_struct_conn.pdbx_role 
covale1 covale both ? B PRO 7 C ? ? ? 1_555 B HYP 8 N ? ? C PRO 7 C HYP 8 1_555 ? ? ? ? ? ? ? 1.356 ? ? 
covale2 covale both ? B HYP 8 C ? ? ? 1_555 B GLY 9 N ? ? C HYP 8 C GLY 9 1_555 ? ? ? ? ? ? ? 1.332 ? ? 
# 
_struct_conn_type.id          covale 
_struct_conn_type.criteria    ? 
_struct_conn_type.reference   ? 
# 
_pdbx_modification_feature.ordinal                            1 
_pdbx_modification_feature.label_comp_id                      HYP 
_pdbx_modification_feature.label_asym_id                      B 
_pdbx_modification_feature.label_seq_id                       8 
_pdbx_modification_feature.label_alt_id                       ? 
_pdbx_modification_feature.modified_residue_label_comp_id     . 
_pdbx_modification_feature.modified_residue_label_asym_id     . 
_pdbx_modification_feature.modified_residue_label_seq_id      . 
_pdbx_modification_feature.modified_residue_label_alt_id      . 
_pdbx_modification_feature.auth_comp_id                       HYP 
_pdbx_modification_feature.auth_asym_id                       C 
_pdbx_modification_feature.auth_seq_id                        8 
_pdbx_modification_feature.PDB_ins_code                       ? 
_pdbx_modification_feature.symmetry                           1_555 
_pdbx_modification_feature.modified_residue_auth_comp_id      . 
_pdbx_modification_feature.modified_residue_auth_asym_id      . 
_pdbx_modification_feature.modified_residue_auth_seq_id       . 
_pdbx_modification_feature.modified_residue_PDB_ins_code      . 
_pdbx_modification_feature.modified_residue_symmetry          . 
_pdbx_modification_feature.comp_id_linking_atom               . 
_pdbx_modification_feature.modified_residue_id_linking_atom   . 
_pdbx_modification_feature.modified_residue_id                PRO 
_pdbx_modification_feature.ref_pcm_id                         1 
_pdbx_modification_feature.ref_comp_id                        HYP 
_pdbx_modification_feature.type                               Hydroxylation 
_pdbx_modification_feature.category                           'Named protein modification' 
# 
_pdbx_entry_details.entry_id                   9HTD 
_pdbx_entry_details.nonpolymer_details         ? 
_pdbx_entry_details.sequence_details           ? 
_pdbx_entry_details.compound_details           ? 
_pdbx_entry_details.source_details             ? 
_pdbx_entry_details.has_ligand_of_interest     N 
_pdbx_entry_details.has_protein_modification   Y 
# 
loop_
_pdbx_validate_rmsd_angle.id 
_pdbx_validate_rmsd_angle.PDB_model_num 
_pdbx_validate_rmsd_angle.auth_atom_id_1 
_pdbx_validate_rmsd_angle.auth_asym_id_1 
_pdbx_validate_rmsd_angle.auth_comp_id_1 
_pdbx_validate_rmsd_angle.auth_seq_id_1 
_pdbx_validate_rmsd_angle.PDB_ins_code_1 
_pdbx_validate_rmsd_angle.label_alt_id_1 
_pdbx_validate_rmsd_angle.auth_atom_id_2 
_pdbx_validate_rmsd_angle.auth_asym_id_2 
_pdbx_validate_rmsd_angle.auth_comp_id_2 
_pdbx_validate_rmsd_angle.auth_seq_id_2 
_pdbx_validate_rmsd_angle.PDB_ins_code_2 
_pdbx_validate_rmsd_angle.label_alt_id_2 
_pdbx_validate_rmsd_angle.auth_atom_id_3 
_pdbx_validate_rmsd_angle.auth_asym_id_3 
_pdbx_validate_rmsd_angle.auth_comp_id_3 
_pdbx_validate_rmsd_angle.auth_seq_id_3 
_pdbx_validate_rmsd_angle.PDB_ins_code_3 
_pdbx_validate_rmsd_angle.label_alt_id_3 
_pdbx_validate_rmsd_angle.angle_value 
_pdbx_validate_rmsd_angle.angle_target_value 
_pdbx_validate_rmsd_angle.angle_deviation 
_pdbx_validate_rmsd_angle.angle_standard_deviation 
_pdbx_validate_rmsd_angle.linker_flag 
1 1 CB A GLU 160 ? ? CA A GLU 160 ? ? C   A GLU 160 ? ? 98.10  110.40 -12.30 2.00 N 
2 1 NE A ARG 206 ? ? CZ A ARG 206 ? ? NH1 A ARG 206 ? ? 124.02 120.30 3.72   0.50 N 
3 1 NE A ARG 206 ? ? CZ A ARG 206 ? ? NH2 A ARG 206 ? ? 113.99 120.30 -6.31  0.50 N 
# 
_pdbx_validate_torsion.id              1 
_pdbx_validate_torsion.PDB_model_num   1 
_pdbx_validate_torsion.auth_comp_id    ASP 
_pdbx_validate_torsion.auth_asym_id    A 
_pdbx_validate_torsion.auth_seq_id     218 
_pdbx_validate_torsion.PDB_ins_code    ? 
_pdbx_validate_torsion.label_alt_id    ? 
_pdbx_validate_torsion.phi             -155.34 
_pdbx_validate_torsion.psi             66.08 
# 
_pdbx_validate_planes.id              1 
_pdbx_validate_planes.PDB_model_num   1 
_pdbx_validate_planes.auth_comp_id    ARG 
_pdbx_validate_planes.auth_asym_id    A 
_pdbx_validate_planes.auth_seq_id     155 
_pdbx_validate_planes.PDB_ins_code    ? 
_pdbx_validate_planes.label_alt_id    ? 
_pdbx_validate_planes.rmsd            0.089 
_pdbx_validate_planes.type            'SIDE CHAIN' 
# 
loop_
_pdbx_unobs_or_zero_occ_residues.id 
_pdbx_unobs_or_zero_occ_residues.PDB_model_num 
_pdbx_unobs_or_zero_occ_residues.polymer_flag 
_pdbx_unobs_or_zero_occ_residues.occupancy_flag 
_pdbx_unobs_or_zero_occ_residues.auth_asym_id 
_pdbx_unobs_or_zero_occ_residues.auth_comp_id 
_pdbx_unobs_or_zero_occ_residues.auth_seq_id 
_pdbx_unobs_or_zero_occ_residues.PDB_ins_code 
_pdbx_unobs_or_zero_occ_residues.label_asym_id 
_pdbx_unobs_or_zero_occ_residues.label_comp_id 
_pdbx_unobs_or_zero_occ_residues.label_seq_id 
1  1 Y 1 A MET 137 ? A MET 1 
2  1 Y 1 A HIS 138 ? A HIS 2 
3  1 Y 1 A HIS 139 ? A HIS 3 
4  1 Y 1 A HIS 140 ? A HIS 4 
5  1 Y 1 A HIS 141 ? A HIS 5 
6  1 Y 1 A HIS 142 ? A HIS 6 
7  1 Y 1 A HIS 143 ? A HIS 7 
8  1 Y 1 A MET 144 ? A MET 8 
9  1 Y 1 C PRO 1   ? B PRO 1 
10 1 Y 1 C HYP 2   ? B HYP 2 
# 
loop_
_chem_comp_atom.comp_id 
_chem_comp_atom.atom_id 
_chem_comp_atom.type_symbol 
_chem_comp_atom.pdbx_aromatic_flag 
_chem_comp_atom.pdbx_stereo_config 
_chem_comp_atom.pdbx_ordinal 
ALA N    N N N 1   
ALA CA   C N S 2   
ALA C    C N N 3   
ALA O    O N N 4   
ALA CB   C N N 5   
ALA OXT  O N N 6   
ALA H    H N N 7   
ALA H2   H N N 8   
ALA HA   H N N 9   
ALA HB1  H N N 10  
ALA HB2  H N N 11  
ALA HB3  H N N 12  
ALA HXT  H N N 13  
ARG N    N N N 14  
ARG CA   C N S 15  
ARG C    C N N 16  
ARG O    O N N 17  
ARG CB   C N N 18  
ARG CG   C N N 19  
ARG CD   C N N 20  
ARG NE   N N N 21  
ARG CZ   C N N 22  
ARG NH1  N N N 23  
ARG NH2  N N N 24  
ARG OXT  O N N 25  
ARG H    H N N 26  
ARG H2   H N N 27  
ARG HA   H N N 28  
ARG HB2  H N N 29  
ARG HB3  H N N 30  
ARG HG2  H N N 31  
ARG HG3  H N N 32  
ARG HD2  H N N 33  
ARG HD3  H N N 34  
ARG HE   H N N 35  
ARG HH11 H N N 36  
ARG HH12 H N N 37  
ARG HH21 H N N 38  
ARG HH22 H N N 39  
ARG HXT  H N N 40  
ASN N    N N N 41  
ASN CA   C N S 42  
ASN C    C N N 43  
ASN O    O N N 44  
ASN CB   C N N 45  
ASN CG   C N N 46  
ASN OD1  O N N 47  
ASN ND2  N N N 48  
ASN OXT  O N N 49  
ASN H    H N N 50  
ASN H2   H N N 51  
ASN HA   H N N 52  
ASN HB2  H N N 53  
ASN HB3  H N N 54  
ASN HD21 H N N 55  
ASN HD22 H N N 56  
ASN HXT  H N N 57  
ASP N    N N N 58  
ASP CA   C N S 59  
ASP C    C N N 60  
ASP O    O N N 61  
ASP CB   C N N 62  
ASP CG   C N N 63  
ASP OD1  O N N 64  
ASP OD2  O N N 65  
ASP OXT  O N N 66  
ASP H    H N N 67  
ASP H2   H N N 68  
ASP HA   H N N 69  
ASP HB2  H N N 70  
ASP HB3  H N N 71  
ASP HD2  H N N 72  
ASP HXT  H N N 73  
CYS N    N N N 74  
CYS CA   C N R 75  
CYS C    C N N 76  
CYS O    O N N 77  
CYS CB   C N N 78  
CYS SG   S N N 79  
CYS OXT  O N N 80  
CYS H    H N N 81  
CYS H2   H N N 82  
CYS HA   H N N 83  
CYS HB2  H N N 84  
CYS HB3  H N N 85  
CYS HG   H N N 86  
CYS HXT  H N N 87  
GLN N    N N N 88  
GLN CA   C N S 89  
GLN C    C N N 90  
GLN O    O N N 91  
GLN CB   C N N 92  
GLN CG   C N N 93  
GLN CD   C N N 94  
GLN OE1  O N N 95  
GLN NE2  N N N 96  
GLN OXT  O N N 97  
GLN H    H N N 98  
GLN H2   H N N 99  
GLN HA   H N N 100 
GLN HB2  H N N 101 
GLN HB3  H N N 102 
GLN HG2  H N N 103 
GLN HG3  H N N 104 
GLN HE21 H N N 105 
GLN HE22 H N N 106 
GLN HXT  H N N 107 
GLU N    N N N 108 
GLU CA   C N S 109 
GLU C    C N N 110 
GLU O    O N N 111 
GLU CB   C N N 112 
GLU CG   C N N 113 
GLU CD   C N N 114 
GLU OE1  O N N 115 
GLU OE2  O N N 116 
GLU OXT  O N N 117 
GLU H    H N N 118 
GLU H2   H N N 119 
GLU HA   H N N 120 
GLU HB2  H N N 121 
GLU HB3  H N N 122 
GLU HG2  H N N 123 
GLU HG3  H N N 124 
GLU HE2  H N N 125 
GLU HXT  H N N 126 
GLY N    N N N 127 
GLY CA   C N N 128 
GLY C    C N N 129 
GLY O    O N N 130 
GLY OXT  O N N 131 
GLY H    H N N 132 
GLY H2   H N N 133 
GLY HA2  H N N 134 
GLY HA3  H N N 135 
GLY HXT  H N N 136 
HIS N    N N N 137 
HIS CA   C N S 138 
HIS C    C N N 139 
HIS O    O N N 140 
HIS CB   C N N 141 
HIS CG   C Y N 142 
HIS ND1  N Y N 143 
HIS CD2  C Y N 144 
HIS CE1  C Y N 145 
HIS NE2  N Y N 146 
HIS OXT  O N N 147 
HIS H    H N N 148 
HIS H2   H N N 149 
HIS HA   H N N 150 
HIS HB2  H N N 151 
HIS HB3  H N N 152 
HIS HD1  H N N 153 
HIS HD2  H N N 154 
HIS HE1  H N N 155 
HIS HE2  H N N 156 
HIS HXT  H N N 157 
HOH O    O N N 158 
HOH H1   H N N 159 
HOH H2   H N N 160 
HYP N    N N N 161 
HYP CA   C N S 162 
HYP C    C N N 163 
HYP O    O N N 164 
HYP CB   C N N 165 
HYP CG   C N R 166 
HYP CD   C N N 167 
HYP OD1  O N N 168 
HYP OXT  O N N 169 
HYP H    H N N 170 
HYP HA   H N N 171 
HYP HB2  H N N 172 
HYP HB3  H N N 173 
HYP HG   H N N 174 
HYP HD22 H N N 175 
HYP HD23 H N N 176 
HYP HD1  H N N 177 
HYP HXT  H N N 178 
LEU N    N N N 179 
LEU CA   C N S 180 
LEU C    C N N 181 
LEU O    O N N 182 
LEU CB   C N N 183 
LEU CG   C N N 184 
LEU CD1  C N N 185 
LEU CD2  C N N 186 
LEU OXT  O N N 187 
LEU H    H N N 188 
LEU H2   H N N 189 
LEU HA   H N N 190 
LEU HB2  H N N 191 
LEU HB3  H N N 192 
LEU HG   H N N 193 
LEU HD11 H N N 194 
LEU HD12 H N N 195 
LEU HD13 H N N 196 
LEU HD21 H N N 197 
LEU HD22 H N N 198 
LEU HD23 H N N 199 
LEU HXT  H N N 200 
LYS N    N N N 201 
LYS CA   C N S 202 
LYS C    C N N 203 
LYS O    O N N 204 
LYS CB   C N N 205 
LYS CG   C N N 206 
LYS CD   C N N 207 
LYS CE   C N N 208 
LYS NZ   N N N 209 
LYS OXT  O N N 210 
LYS H    H N N 211 
LYS H2   H N N 212 
LYS HA   H N N 213 
LYS HB2  H N N 214 
LYS HB3  H N N 215 
LYS HG2  H N N 216 
LYS HG3  H N N 217 
LYS HD2  H N N 218 
LYS HD3  H N N 219 
LYS HE2  H N N 220 
LYS HE3  H N N 221 
LYS HZ1  H N N 222 
LYS HZ2  H N N 223 
LYS HZ3  H N N 224 
LYS HXT  H N N 225 
MET N    N N N 226 
MET CA   C N S 227 
MET C    C N N 228 
MET O    O N N 229 
MET CB   C N N 230 
MET CG   C N N 231 
MET SD   S N N 232 
MET CE   C N N 233 
MET OXT  O N N 234 
MET H    H N N 235 
MET H2   H N N 236 
MET HA   H N N 237 
MET HB2  H N N 238 
MET HB3  H N N 239 
MET HG2  H N N 240 
MET HG3  H N N 241 
MET HE1  H N N 242 
MET HE2  H N N 243 
MET HE3  H N N 244 
MET HXT  H N N 245 
PHE N    N N N 246 
PHE CA   C N S 247 
PHE C    C N N 248 
PHE O    O N N 249 
PHE CB   C N N 250 
PHE CG   C Y N 251 
PHE CD1  C Y N 252 
PHE CD2  C Y N 253 
PHE CE1  C Y N 254 
PHE CE2  C Y N 255 
PHE CZ   C Y N 256 
PHE OXT  O N N 257 
PHE H    H N N 258 
PHE H2   H N N 259 
PHE HA   H N N 260 
PHE HB2  H N N 261 
PHE HB3  H N N 262 
PHE HD1  H N N 263 
PHE HD2  H N N 264 
PHE HE1  H N N 265 
PHE HE2  H N N 266 
PHE HZ   H N N 267 
PHE HXT  H N N 268 
PRO N    N N N 269 
PRO CA   C N S 270 
PRO C    C N N 271 
PRO O    O N N 272 
PRO CB   C N N 273 
PRO CG   C N N 274 
PRO CD   C N N 275 
PRO OXT  O N N 276 
PRO H    H N N 277 
PRO HA   H N N 278 
PRO HB2  H N N 279 
PRO HB3  H N N 280 
PRO HG2  H N N 281 
PRO HG3  H N N 282 
PRO HD2  H N N 283 
PRO HD3  H N N 284 
PRO HXT  H N N 285 
SER N    N N N 286 
SER CA   C N S 287 
SER C    C N N 288 
SER O    O N N 289 
SER CB   C N N 290 
SER OG   O N N 291 
SER OXT  O N N 292 
SER H    H N N 293 
SER H2   H N N 294 
SER HA   H N N 295 
SER HB2  H N N 296 
SER HB3  H N N 297 
SER HG   H N N 298 
SER HXT  H N N 299 
SO4 S    S N N 300 
SO4 O1   O N N 301 
SO4 O2   O N N 302 
SO4 O3   O N N 303 
SO4 O4   O N N 304 
THR N    N N N 305 
THR CA   C N S 306 
THR C    C N N 307 
THR O    O N N 308 
THR CB   C N R 309 
THR OG1  O N N 310 
THR CG2  C N N 311 
THR OXT  O N N 312 
THR H    H N N 313 
THR H2   H N N 314 
THR HA   H N N 315 
THR HB   H N N 316 
THR HG1  H N N 317 
THR HG21 H N N 318 
THR HG22 H N N 319 
THR HG23 H N N 320 
THR HXT  H N N 321 
TRP N    N N N 322 
TRP CA   C N S 323 
TRP C    C N N 324 
TRP O    O N N 325 
TRP CB   C N N 326 
TRP CG   C Y N 327 
TRP CD1  C Y N 328 
TRP CD2  C Y N 329 
TRP NE1  N Y N 330 
TRP CE2  C Y N 331 
TRP CE3  C Y N 332 
TRP CZ2  C Y N 333 
TRP CZ3  C Y N 334 
TRP CH2  C Y N 335 
TRP OXT  O N N 336 
TRP H    H N N 337 
TRP H2   H N N 338 
TRP HA   H N N 339 
TRP HB2  H N N 340 
TRP HB3  H N N 341 
TRP HD1  H N N 342 
TRP HE1  H N N 343 
TRP HE3  H N N 344 
TRP HZ2  H N N 345 
TRP HZ3  H N N 346 
TRP HH2  H N N 347 
TRP HXT  H N N 348 
TYR N    N N N 349 
TYR CA   C N S 350 
TYR C    C N N 351 
TYR O    O N N 352 
TYR CB   C N N 353 
TYR CG   C Y N 354 
TYR CD1  C Y N 355 
TYR CD2  C Y N 356 
TYR CE1  C Y N 357 
TYR CE2  C Y N 358 
TYR CZ   C Y N 359 
TYR OH   O N N 360 
TYR OXT  O N N 361 
TYR H    H N N 362 
TYR H2   H N N 363 
TYR HA   H N N 364 
TYR HB2  H N N 365 
TYR HB3  H N N 366 
TYR HD1  H N N 367 
TYR HD2  H N N 368 
TYR HE1  H N N 369 
TYR HE2  H N N 370 
TYR HH   H N N 371 
TYR HXT  H N N 372 
VAL N    N N N 373 
VAL CA   C N S 374 
VAL C    C N N 375 
VAL O    O N N 376 
VAL CB   C N N 377 
VAL CG1  C N N 378 
VAL CG2  C N N 379 
VAL OXT  O N N 380 
VAL H    H N N 381 
VAL H2   H N N 382 
VAL HA   H N N 383 
VAL HB   H N N 384 
VAL HG11 H N N 385 
VAL HG12 H N N 386 
VAL HG13 H N N 387 
VAL HG21 H N N 388 
VAL HG22 H N N 389 
VAL HG23 H N N 390 
VAL HXT  H N N 391 
# 
loop_
_chem_comp_bond.comp_id 
_chem_comp_bond.atom_id_1 
_chem_comp_bond.atom_id_2 
_chem_comp_bond.value_order 
_chem_comp_bond.pdbx_aromatic_flag 
_chem_comp_bond.pdbx_stereo_config 
_chem_comp_bond.pdbx_ordinal 
ALA N   CA   sing N N 1   
ALA N   H    sing N N 2   
ALA N   H2   sing N N 3   
ALA CA  C    sing N N 4   
ALA CA  CB   sing N N 5   
ALA CA  HA   sing N N 6   
ALA C   O    doub N N 7   
ALA C   OXT  sing N N 8   
ALA CB  HB1  sing N N 9   
ALA CB  HB2  sing N N 10  
ALA CB  HB3  sing N N 11  
ALA OXT HXT  sing N N 12  
ARG N   CA   sing N N 13  
ARG N   H    sing N N 14  
ARG N   H2   sing N N 15  
ARG CA  C    sing N N 16  
ARG CA  CB   sing N N 17  
ARG CA  HA   sing N N 18  
ARG C   O    doub N N 19  
ARG C   OXT  sing N N 20  
ARG CB  CG   sing N N 21  
ARG CB  HB2  sing N N 22  
ARG CB  HB3  sing N N 23  
ARG CG  CD   sing N N 24  
ARG CG  HG2  sing N N 25  
ARG CG  HG3  sing N N 26  
ARG CD  NE   sing N N 27  
ARG CD  HD2  sing N N 28  
ARG CD  HD3  sing N N 29  
ARG NE  CZ   sing N N 30  
ARG NE  HE   sing N N 31  
ARG CZ  NH1  sing N N 32  
ARG CZ  NH2  doub N N 33  
ARG NH1 HH11 sing N N 34  
ARG NH1 HH12 sing N N 35  
ARG NH2 HH21 sing N N 36  
ARG NH2 HH22 sing N N 37  
ARG OXT HXT  sing N N 38  
ASN N   CA   sing N N 39  
ASN N   H    sing N N 40  
ASN N   H2   sing N N 41  
ASN CA  C    sing N N 42  
ASN CA  CB   sing N N 43  
ASN CA  HA   sing N N 44  
ASN C   O    doub N N 45  
ASN C   OXT  sing N N 46  
ASN CB  CG   sing N N 47  
ASN CB  HB2  sing N N 48  
ASN CB  HB3  sing N N 49  
ASN CG  OD1  doub N N 50  
ASN CG  ND2  sing N N 51  
ASN ND2 HD21 sing N N 52  
ASN ND2 HD22 sing N N 53  
ASN OXT HXT  sing N N 54  
ASP N   CA   sing N N 55  
ASP N   H    sing N N 56  
ASP N   H2   sing N N 57  
ASP CA  C    sing N N 58  
ASP CA  CB   sing N N 59  
ASP CA  HA   sing N N 60  
ASP C   O    doub N N 61  
ASP C   OXT  sing N N 62  
ASP CB  CG   sing N N 63  
ASP CB  HB2  sing N N 64  
ASP CB  HB3  sing N N 65  
ASP CG  OD1  doub N N 66  
ASP CG  OD2  sing N N 67  
ASP OD2 HD2  sing N N 68  
ASP OXT HXT  sing N N 69  
CYS N   CA   sing N N 70  
CYS N   H    sing N N 71  
CYS N   H2   sing N N 72  
CYS CA  C    sing N N 73  
CYS CA  CB   sing N N 74  
CYS CA  HA   sing N N 75  
CYS C   O    doub N N 76  
CYS C   OXT  sing N N 77  
CYS CB  SG   sing N N 78  
CYS CB  HB2  sing N N 79  
CYS CB  HB3  sing N N 80  
CYS SG  HG   sing N N 81  
CYS OXT HXT  sing N N 82  
GLN N   CA   sing N N 83  
GLN N   H    sing N N 84  
GLN N   H2   sing N N 85  
GLN CA  C    sing N N 86  
GLN CA  CB   sing N N 87  
GLN CA  HA   sing N N 88  
GLN C   O    doub N N 89  
GLN C   OXT  sing N N 90  
GLN CB  CG   sing N N 91  
GLN CB  HB2  sing N N 92  
GLN CB  HB3  sing N N 93  
GLN CG  CD   sing N N 94  
GLN CG  HG2  sing N N 95  
GLN CG  HG3  sing N N 96  
GLN CD  OE1  doub N N 97  
GLN CD  NE2  sing N N 98  
GLN NE2 HE21 sing N N 99  
GLN NE2 HE22 sing N N 100 
GLN OXT HXT  sing N N 101 
GLU N   CA   sing N N 102 
GLU N   H    sing N N 103 
GLU N   H2   sing N N 104 
GLU CA  C    sing N N 105 
GLU CA  CB   sing N N 106 
GLU CA  HA   sing N N 107 
GLU C   O    doub N N 108 
GLU C   OXT  sing N N 109 
GLU CB  CG   sing N N 110 
GLU CB  HB2  sing N N 111 
GLU CB  HB3  sing N N 112 
GLU CG  CD   sing N N 113 
GLU CG  HG2  sing N N 114 
GLU CG  HG3  sing N N 115 
GLU CD  OE1  doub N N 116 
GLU CD  OE2  sing N N 117 
GLU OE2 HE2  sing N N 118 
GLU OXT HXT  sing N N 119 
GLY N   CA   sing N N 120 
GLY N   H    sing N N 121 
GLY N   H2   sing N N 122 
GLY CA  C    sing N N 123 
GLY CA  HA2  sing N N 124 
GLY CA  HA3  sing N N 125 
GLY C   O    doub N N 126 
GLY C   OXT  sing N N 127 
GLY OXT HXT  sing N N 128 
HIS N   CA   sing N N 129 
HIS N   H    sing N N 130 
HIS N   H2   sing N N 131 
HIS CA  C    sing N N 132 
HIS CA  CB   sing N N 133 
HIS CA  HA   sing N N 134 
HIS C   O    doub N N 135 
HIS C   OXT  sing N N 136 
HIS CB  CG   sing N N 137 
HIS CB  HB2  sing N N 138 
HIS CB  HB3  sing N N 139 
HIS CG  ND1  sing Y N 140 
HIS CG  CD2  doub Y N 141 
HIS ND1 CE1  doub Y N 142 
HIS ND1 HD1  sing N N 143 
HIS CD2 NE2  sing Y N 144 
HIS CD2 HD2  sing N N 145 
HIS CE1 NE2  sing Y N 146 
HIS CE1 HE1  sing N N 147 
HIS NE2 HE2  sing N N 148 
HIS OXT HXT  sing N N 149 
HOH O   H1   sing N N 150 
HOH O   H2   sing N N 151 
HYP N   CA   sing N N 152 
HYP N   CD   sing N N 153 
HYP N   H    sing N N 154 
HYP CA  C    sing N N 155 
HYP CA  CB   sing N N 156 
HYP CA  HA   sing N N 157 
HYP C   O    doub N N 158 
HYP C   OXT  sing N N 159 
HYP CB  CG   sing N N 160 
HYP CB  HB2  sing N N 161 
HYP CB  HB3  sing N N 162 
HYP CG  CD   sing N N 163 
HYP CG  OD1  sing N N 164 
HYP CG  HG   sing N N 165 
HYP CD  HD22 sing N N 166 
HYP CD  HD23 sing N N 167 
HYP OD1 HD1  sing N N 168 
HYP OXT HXT  sing N N 169 
LEU N   CA   sing N N 170 
LEU N   H    sing N N 171 
LEU N   H2   sing N N 172 
LEU CA  C    sing N N 173 
LEU CA  CB   sing N N 174 
LEU CA  HA   sing N N 175 
LEU C   O    doub N N 176 
LEU C   OXT  sing N N 177 
LEU CB  CG   sing N N 178 
LEU CB  HB2  sing N N 179 
LEU CB  HB3  sing N N 180 
LEU CG  CD1  sing N N 181 
LEU CG  CD2  sing N N 182 
LEU CG  HG   sing N N 183 
LEU CD1 HD11 sing N N 184 
LEU CD1 HD12 sing N N 185 
LEU CD1 HD13 sing N N 186 
LEU CD2 HD21 sing N N 187 
LEU CD2 HD22 sing N N 188 
LEU CD2 HD23 sing N N 189 
LEU OXT HXT  sing N N 190 
LYS N   CA   sing N N 191 
LYS N   H    sing N N 192 
LYS N   H2   sing N N 193 
LYS CA  C    sing N N 194 
LYS CA  CB   sing N N 195 
LYS CA  HA   sing N N 196 
LYS C   O    doub N N 197 
LYS C   OXT  sing N N 198 
LYS CB  CG   sing N N 199 
LYS CB  HB2  sing N N 200 
LYS CB  HB3  sing N N 201 
LYS CG  CD   sing N N 202 
LYS CG  HG2  sing N N 203 
LYS CG  HG3  sing N N 204 
LYS CD  CE   sing N N 205 
LYS CD  HD2  sing N N 206 
LYS CD  HD3  sing N N 207 
LYS CE  NZ   sing N N 208 
LYS CE  HE2  sing N N 209 
LYS CE  HE3  sing N N 210 
LYS NZ  HZ1  sing N N 211 
LYS NZ  HZ2  sing N N 212 
LYS NZ  HZ3  sing N N 213 
LYS OXT HXT  sing N N 214 
MET N   CA   sing N N 215 
MET N   H    sing N N 216 
MET N   H2   sing N N 217 
MET CA  C    sing N N 218 
MET CA  CB   sing N N 219 
MET CA  HA   sing N N 220 
MET C   O    doub N N 221 
MET C   OXT  sing N N 222 
MET CB  CG   sing N N 223 
MET CB  HB2  sing N N 224 
MET CB  HB3  sing N N 225 
MET CG  SD   sing N N 226 
MET CG  HG2  sing N N 227 
MET CG  HG3  sing N N 228 
MET SD  CE   sing N N 229 
MET CE  HE1  sing N N 230 
MET CE  HE2  sing N N 231 
MET CE  HE3  sing N N 232 
MET OXT HXT  sing N N 233 
PHE N   CA   sing N N 234 
PHE N   H    sing N N 235 
PHE N   H2   sing N N 236 
PHE CA  C    sing N N 237 
PHE CA  CB   sing N N 238 
PHE CA  HA   sing N N 239 
PHE C   O    doub N N 240 
PHE C   OXT  sing N N 241 
PHE CB  CG   sing N N 242 
PHE CB  HB2  sing N N 243 
PHE CB  HB3  sing N N 244 
PHE CG  CD1  doub Y N 245 
PHE CG  CD2  sing Y N 246 
PHE CD1 CE1  sing Y N 247 
PHE CD1 HD1  sing N N 248 
PHE CD2 CE2  doub Y N 249 
PHE CD2 HD2  sing N N 250 
PHE CE1 CZ   doub Y N 251 
PHE CE1 HE1  sing N N 252 
PHE CE2 CZ   sing Y N 253 
PHE CE2 HE2  sing N N 254 
PHE CZ  HZ   sing N N 255 
PHE OXT HXT  sing N N 256 
PRO N   CA   sing N N 257 
PRO N   CD   sing N N 258 
PRO N   H    sing N N 259 
PRO CA  C    sing N N 260 
PRO CA  CB   sing N N 261 
PRO CA  HA   sing N N 262 
PRO C   O    doub N N 263 
PRO C   OXT  sing N N 264 
PRO CB  CG   sing N N 265 
PRO CB  HB2  sing N N 266 
PRO CB  HB3  sing N N 267 
PRO CG  CD   sing N N 268 
PRO CG  HG2  sing N N 269 
PRO CG  HG3  sing N N 270 
PRO CD  HD2  sing N N 271 
PRO CD  HD3  sing N N 272 
PRO OXT HXT  sing N N 273 
SER N   CA   sing N N 274 
SER N   H    sing N N 275 
SER N   H2   sing N N 276 
SER CA  C    sing N N 277 
SER CA  CB   sing N N 278 
SER CA  HA   sing N N 279 
SER C   O    doub N N 280 
SER C   OXT  sing N N 281 
SER CB  OG   sing N N 282 
SER CB  HB2  sing N N 283 
SER CB  HB3  sing N N 284 
SER OG  HG   sing N N 285 
SER OXT HXT  sing N N 286 
SO4 S   O1   doub N N 287 
SO4 S   O2   doub N N 288 
SO4 S   O3   sing N N 289 
SO4 S   O4   sing N N 290 
THR N   CA   sing N N 291 
THR N   H    sing N N 292 
THR N   H2   sing N N 293 
THR CA  C    sing N N 294 
THR CA  CB   sing N N 295 
THR CA  HA   sing N N 296 
THR C   O    doub N N 297 
THR C   OXT  sing N N 298 
THR CB  OG1  sing N N 299 
THR CB  CG2  sing N N 300 
THR CB  HB   sing N N 301 
THR OG1 HG1  sing N N 302 
THR CG2 HG21 sing N N 303 
THR CG2 HG22 sing N N 304 
THR CG2 HG23 sing N N 305 
THR OXT HXT  sing N N 306 
TRP N   CA   sing N N 307 
TRP N   H    sing N N 308 
TRP N   H2   sing N N 309 
TRP CA  C    sing N N 310 
TRP CA  CB   sing N N 311 
TRP CA  HA   sing N N 312 
TRP C   O    doub N N 313 
TRP C   OXT  sing N N 314 
TRP CB  CG   sing N N 315 
TRP CB  HB2  sing N N 316 
TRP CB  HB3  sing N N 317 
TRP CG  CD1  doub Y N 318 
TRP CG  CD2  sing Y N 319 
TRP CD1 NE1  sing Y N 320 
TRP CD1 HD1  sing N N 321 
TRP CD2 CE2  doub Y N 322 
TRP CD2 CE3  sing Y N 323 
TRP NE1 CE2  sing Y N 324 
TRP NE1 HE1  sing N N 325 
TRP CE2 CZ2  sing Y N 326 
TRP CE3 CZ3  doub Y N 327 
TRP CE3 HE3  sing N N 328 
TRP CZ2 CH2  doub Y N 329 
TRP CZ2 HZ2  sing N N 330 
TRP CZ3 CH2  sing Y N 331 
TRP CZ3 HZ3  sing N N 332 
TRP CH2 HH2  sing N N 333 
TRP OXT HXT  sing N N 334 
TYR N   CA   sing N N 335 
TYR N   H    sing N N 336 
TYR N   H2   sing N N 337 
TYR CA  C    sing N N 338 
TYR CA  CB   sing N N 339 
TYR CA  HA   sing N N 340 
TYR C   O    doub N N 341 
TYR C   OXT  sing N N 342 
TYR CB  CG   sing N N 343 
TYR CB  HB2  sing N N 344 
TYR CB  HB3  sing N N 345 
TYR CG  CD1  doub Y N 346 
TYR CG  CD2  sing Y N 347 
TYR CD1 CE1  sing Y N 348 
TYR CD1 HD1  sing N N 349 
TYR CD2 CE2  doub Y N 350 
TYR CD2 HD2  sing N N 351 
TYR CE1 CZ   doub Y N 352 
TYR CE1 HE1  sing N N 353 
TYR CE2 CZ   sing Y N 354 
TYR CE2 HE2  sing N N 355 
TYR CZ  OH   sing N N 356 
TYR OH  HH   sing N N 357 
TYR OXT HXT  sing N N 358 
VAL N   CA   sing N N 359 
VAL N   H    sing N N 360 
VAL N   H2   sing N N 361 
VAL CA  C    sing N N 362 
VAL CA  CB   sing N N 363 
VAL CA  HA   sing N N 364 
VAL C   O    doub N N 365 
VAL C   OXT  sing N N 366 
VAL CB  CG1  sing N N 367 
VAL CB  CG2  sing N N 368 
VAL CB  HB   sing N N 369 
VAL CG1 HG11 sing N N 370 
VAL CG1 HG12 sing N N 371 
VAL CG1 HG13 sing N N 372 
VAL CG2 HG21 sing N N 373 
VAL CG2 HG22 sing N N 374 
VAL CG2 HG23 sing N N 375 
VAL OXT HXT  sing N N 376 
# 
loop_
_pdbx_audit_support.funding_organization 
_pdbx_audit_support.country 
_pdbx_audit_support.grant_number 
_pdbx_audit_support.ordinal 
'Jane and Aatos Erkko Foundation' Finland 220013 1 
'Sigrid Juselius Foundation'      Finland ?      2 
# 
_pdbx_initial_refinement_model.id               1 
_pdbx_initial_refinement_model.entity_id_list   ? 
_pdbx_initial_refinement_model.type             'experimental model' 
_pdbx_initial_refinement_model.source_name      PDB 
_pdbx_initial_refinement_model.accession_code   6EVL 
_pdbx_initial_refinement_model.details          ? 
# 
_atom_sites.entry_id                    9HTD 
_atom_sites.Cartn_transf_matrix[1][1]   ? 
_atom_sites.Cartn_transf_matrix[1][2]   ? 
_atom_sites.Cartn_transf_matrix[1][3]   ? 
_atom_sites.Cartn_transf_matrix[2][1]   ? 
_atom_sites.Cartn_transf_matrix[2][2]   ? 
_atom_sites.Cartn_transf_matrix[2][3]   ? 
_atom_sites.Cartn_transf_matrix[3][1]   ? 
_atom_sites.Cartn_transf_matrix[3][2]   ? 
_atom_sites.Cartn_transf_matrix[3][3]   ? 
_atom_sites.Cartn_transf_vector[1]      ? 
_atom_sites.Cartn_transf_vector[2]      ? 
_atom_sites.Cartn_transf_vector[3]      ? 
_atom_sites.Cartn_transform_axes        ? 
_atom_sites.fract_transf_matrix[1][1]   -0.00750928 
_atom_sites.fract_transf_matrix[1][2]   0.01894256 
_atom_sites.fract_transf_matrix[1][3]   -0.00045232 
_atom_sites.fract_transf_matrix[2][1]   0.00593340 
_atom_sites.fract_transf_matrix[2][2]   0.01364950 
_atom_sites.fract_transf_matrix[2][3]   0.01392376 
_atom_sites.fract_transf_matrix[3][1]   0.01090147 
_atom_sites.fract_transf_matrix[3][2]   0.00411436 
_atom_sites.fract_transf_matrix[3][3]   -0.00867882 
_atom_sites.fract_transf_vector[1]      0.111681 
_atom_sites.fract_transf_vector[2]      -0.463849 
_atom_sites.fract_transf_vector[3]      -0.005035 
_atom_sites.solution_primary            ? 
_atom_sites.solution_secondary          ? 
_atom_sites.solution_hydrogens          ? 
_atom_sites.special_details             ? 
# 
loop_
_atom_type.symbol 
_atom_type.pdbx_scat_Z 
_atom_type.pdbx_N_electrons 
_atom_type.scat_Cromer_Mann_a1 
_atom_type.scat_Cromer_Mann_b1 
_atom_type.scat_Cromer_Mann_a2 
_atom_type.scat_Cromer_Mann_b2 
_atom_type.scat_Cromer_Mann_a3 
_atom_type.scat_Cromer_Mann_b3 
_atom_type.scat_Cromer_Mann_a4 
_atom_type.scat_Cromer_Mann_b4 
_atom_type.scat_Cromer_Mann_c 
C 6  6  2.3103  20.8439 1.0201 10.2075 1.5888 0.5687  0.8651 51.6512 0.2156   
H 1  1  0.4930  10.5109 0.3229 26.1257 0.1402 3.1424  0.0408 57.7997 0.0030   
N 7  7  12.2220 0.0057  3.1346 9.8933  2.0141 28.9975 1.1672 0.5826  -11.5379 
O 8  8  3.0487  13.2771 2.2870 5.7011  1.5464 0.3239  0.8671 32.9089 0.2508   
S 16 16 6.9054  1.4679  5.2035 22.2151 1.4379 0.2536  1.5863 56.1720 1.0487   
# 
loop_
_atom_site.group_PDB 
_atom_site.id 
_atom_site.type_symbol 
_atom_site.label_atom_id 
_atom_site.label_alt_id 
_atom_site.label_comp_id 
_atom_site.label_asym_id 
_atom_site.label_entity_id 
_atom_site.label_seq_id 
_atom_site.pdbx_PDB_ins_code 
_atom_site.Cartn_x 
_atom_site.Cartn_y 
_atom_site.Cartn_z 
_atom_site.occupancy 
_atom_site.B_iso_or_equiv 
_atom_site.pdbx_formal_charge 
_atom_site.auth_seq_id 
_atom_site.auth_comp_id 
_atom_site.auth_asym_id 
_atom_site.auth_atom_id 
_atom_site.pdbx_PDB_model_num 
_atom_site.calc_flag 
ATOM   1    N N    . LEU A 1 9   ? 10.415  -15.338 10.009  1 57.583  ? 145 LEU A N    1 ? 
ATOM   2    C CA   . LEU A 1 9   ? 10.487  -14.311 8.941   1 49.382  ? 145 LEU A CA   1 ? 
ATOM   3    C C    . LEU A 1 9   ? 10.652  -12.934 9.582   1 41.295  ? 145 LEU A C    1 ? 
ATOM   4    O O    . LEU A 1 9   ? 9.783   -12.472 10.313  1 44.416  ? 145 LEU A O    1 ? 
ATOM   5    C CB   . LEU A 1 9   ? 9.236   -14.338 8.056   1 44.346  ? 145 LEU A CB   1 ? 
ATOM   6    C CG   . LEU A 1 9   ? 9.023   -15.593 7.195   1 49.796  ? 145 LEU A CG   1 ? 
ATOM   7    C CD1  . LEU A 1 9   ? 7.826   -15.399 6.309   1 45.941  ? 145 LEU A CD1  1 ? 
ATOM   8    C CD2  . LEU A 1 9   ? 10.229  -15.948 6.327   1 52.746  ? 145 LEU A CD2  1 ? 
ATOM   9    H H    . LEU A 1 9   ? 10.384  -16.162 9.646   1 54.855  ? 145 LEU A H    1 c 
ATOM   10   H HA   . LEU A 1 9   ? 11.282  -14.506 8.388   1 48.219  ? 145 LEU A HA   1 c 
ATOM   11   H HB2  . LEU A 1 9   ? 8.448   -14.227 8.638   1 46.65   ? 145 LEU A HB2  1 c 
ATOM   12   H HB3  . LEU A 1 9   ? 9.268   -13.557 7.458   1 46.625  ? 145 LEU A HB3  1 c 
ATOM   13   H HG   . LEU A 1 9   ? 8.842   -16.359 7.800   1 48.527  ? 145 LEU A HG   1 c 
ATOM   14   H HD11 . LEU A 1 9   ? 7.056   -15.157 6.851   1 47.067  ? 145 LEU A HD11 1 c 
ATOM   15   H HD12 . LEU A 1 9   ? 7.636   -16.225 5.832   1 47.09   ? 145 LEU A HD12 1 c 
ATOM   16   H HD13 . LEU A 1 9   ? 8.006   -14.691 5.669   1 47.066  ? 145 LEU A HD13 1 c 
ATOM   17   H HD21 . LEU A 1 9   ? 10.941  -16.300 6.887   1 51.806  ? 145 LEU A HD21 1 c 
ATOM   18   H HD22 . LEU A 1 9   ? 10.543  -15.151 5.867   1 51.835  ? 145 LEU A HD22 1 c 
ATOM   19   H HD23 . LEU A 1 9   ? 9.975   -16.620 5.671   1 51.781  ? 145 LEU A HD23 1 c 
ATOM   20   N N    . SER A 1 10  ? 11.690  -12.225 9.160   1 41.121  ? 146 SER A N    1 ? 
ATOM   21   C CA   . SER A 1 10  ? 11.857  -10.837 9.536   1 40.943  ? 146 SER A CA   1 ? 
ATOM   22   C C    . SER A 1 10  ? 10.802  -9.961  8.850   1 42.501  ? 146 SER A C    1 ? 
ATOM   23   O O    . SER A 1 10  ? 10.115  -10.343 7.888   1 35.602  ? 146 SER A O    1 ? 
ATOM   24   C CB   . SER A 1 10  ? 13.214  -10.401 9.199   1 38.577  ? 146 SER A CB   1 ? 
ATOM   25   O OG   . SER A 1 10  ? 13.394  -10.388 7.791   1 39.846  ? 146 SER A OG   1 ? 
ATOM   26   H H    . SER A 1 10  ? 12.319  -12.613 8.621   1 41.214  ? 146 SER A H    1 c 
ATOM   27   H HA   . SER A 1 10  ? 11.741  -10.760 10.518  1 40.854  ? 146 SER A HA   1 c 
ATOM   28   H HB2  . SER A 1 10  ? 13.367  -9.509  9.556   1 39.515  ? 146 SER A HB2  1 c 
ATOM   29   H HB3  . SER A 1 10  ? 13.861  -11.009 9.605   1 39.435  ? 146 SER A HB3  1 c 
ATOM   30   H HG   . SER A 1 10  ? 14.155  -10.112 7.597   0 39.67   ? 146 SER A HG   1 c 
ATOM   31   N N    . VAL A 1 11  ? 10.745  -8.721  9.294   1 38.827  ? 147 VAL A N    1 ? 
ATOM   32   C CA   . VAL A 1 11  ? 9.897   -7.730  8.641   1 38.61   ? 147 VAL A CA   1 ? 
ATOM   33   C C    . VAL A 1 11  ? 10.262  -7.632  7.156   1 36.472  ? 147 VAL A C    1 ? 
ATOM   34   O O    . VAL A 1 11  ? 9.389   -7.577  6.294   1 33.81   ? 147 VAL A O    1 ? 
ATOM   35   C CB   . VAL A 1 11  ? 10.041  -6.364  9.350   1 40.301  ? 147 VAL A CB   1 ? 
ATOM   36   C CG1  . VAL A 1 11  ? 9.377   -5.243  8.572   1 44.27   ? 147 VAL A CG1  1 ? 
ATOM   37   C CG2  . VAL A 1 11  ? 9.521   -6.401  10.774  1 45.689  ? 147 VAL A CG2  1 ? 
ATOM   38   H H    . VAL A 1 11  ? 11.260  -8.470  10.006  1 39.718  ? 147 VAL A H    1 c 
ATOM   39   H HA   . VAL A 1 11  ? 8.968   -8.023  8.716   1 38.534  ? 147 VAL A HA   1 c 
ATOM   40   H HB   . VAL A 1 11  ? 11.004  -6.167  9.393   1 41.675  ? 147 VAL A HB   1 c 
ATOM   41   H HG11 . VAL A 1 11  ? 8.530   -5.559  8.229   1 42.906  ? 147 VAL A HG11 1 c 
ATOM   42   H HG12 . VAL A 1 11  ? 9.948   -4.970  7.835   1 42.993  ? 147 VAL A HG12 1 c 
ATOM   43   H HG13 . VAL A 1 11  ? 9.225   -4.481  9.156   1 43.038  ? 147 VAL A HG13 1 c 
ATOM   44   H HG21 . VAL A 1 11  ? 9.578   -5.514  11.168  1 44.016  ? 147 VAL A HG21 1 c 
ATOM   45   H HG22 . VAL A 1 11  ? 10.050  -7.018  11.303  1 44.011  ? 147 VAL A HG22 1 c 
ATOM   46   H HG23 . VAL A 1 11  ? 8.597   -6.694  10.771  1 44.024  ? 147 VAL A HG23 1 c 
ATOM   47   N N    . ASP A 1 12  ? 11.559  -7.536  6.838   1 34.154  ? 148 ASP A N    1 ? 
ATOM   48   C CA   . ASP A 1 12  ? 11.991  -7.363  5.462   1 32.858  ? 148 ASP A CA   1 ? 
ATOM   49   C C    . ASP A 1 12  ? 11.654  -8.604  4.623   1 34.307  ? 148 ASP A C    1 ? 
ATOM   50   O O    . ASP A 1 12  ? 11.367  -8.470  3.433   1 32.195  ? 148 ASP A O    1 ? 
ATOM   51   C CB   . ASP A 1 12  ? 13.459  -6.932  5.399   1 40.443  ? 148 ASP A CB   1 ? 
ATOM   52   C CG   . ASP A 1 12  ? 13.704  -5.527  5.962   1 49.546  ? 148 ASP A CG   1 ? 
ATOM   53   O OD1  . ASP A 1 12  ? 12.912  -4.608  5.643   1 44.849  ? 148 ASP A OD1  1 ? 
ATOM   54   O OD2  . ASP A 1 12  ? 14.661  -5.345  6.752   1 62.217  ? 148 ASP A OD2  1 ? 
ATOM   55   H H    . ASP A 1 12  ? 12.192  -7.563  7.496   1 34.481  ? 148 ASP A H    1 c 
ATOM   56   H HA   . ASP A 1 12  ? 11.480  -6.616  5.080   1 34.815  ? 148 ASP A HA   1 c 
ATOM   57   H HB2  . ASP A 1 12  ? 14.003  -7.570  5.907   1 40.409  ? 148 ASP A HB2  1 c 
ATOM   58   H HB3  . ASP A 1 12  ? 13.759  -6.950  4.465   1 40.409  ? 148 ASP A HB3  1 c 
ATOM   59   N N    . ASP A 1 13  ? 11.731  -9.790  5.234   1 36.361  ? 149 ASP A N    1 ? 
ATOM   60   C CA   . ASP A 1 13  ? 11.368  -11.029 4.550   1 34.585  ? 149 ASP A CA   1 ? 
ATOM   61   C C    . ASP A 1 13  ? 9.863   -11.044 4.217   1 30.628  ? 149 ASP A C    1 ? 
ATOM   62   O O    . ASP A 1 13  ? 9.493   -11.400 3.112   1 27.984  ? 149 ASP A O    1 ? 
ATOM   63   C CB   . ASP A 1 13  ? 11.682  -12.245 5.402   1 37.33   ? 149 ASP A CB   1 ? 
ATOM   64   C CG   . ASP A 1 13  ? 13.148  -12.615 5.616   1 48.467  ? 149 ASP A CG   1 ? 
ATOM   65   O OD1  . ASP A 1 13  ? 14.003  -12.150 4.819   1 53.223  ? 149 ASP A OD1  1 ? 
ATOM   66   O OD2  . ASP A 1 13  ? 13.421  -13.387 6.584   1 51.229  ? 149 ASP A OD2  1 ? 
ATOM   67   H H    . ASP A 1 13  ? 12.045  -9.842  6.090   1 35.444  ? 149 ASP A H    1 c 
ATOM   68   H HA   . ASP A 1 13  ? 11.877  -11.085 3.709   1 34.712  ? 149 ASP A HA   1 c 
ATOM   69   H HB2  . ASP A 1 13  ? 11.280  -12.115 6.285   1 38.938  ? 149 ASP A HB2  1 c 
ATOM   70   H HB3  . ASP A 1 13  ? 11.251  -13.029 5.000   1 38.925  ? 149 ASP A HB3  1 c 
ATOM   71   N N    . CYS A 1 14  ? 8.987   -10.658 5.162   1 33.466  ? 150 CYS A N    1 ? 
ATOM   72   C CA   . CYS A 1 14  ? 7.565   -10.485 4.884   1 32.361  ? 150 CYS A CA   1 ? 
ATOM   73   C C    . CYS A 1 14  ? 7.300   -9.497  3.765   1 28.366  ? 150 CYS A C    1 ? 
ATOM   74   O O    . CYS A 1 14  ? 6.446   -9.723  2.910   1 27.336  ? 150 CYS A O    1 ? 
ATOM   75   C CB   . CYS A 1 14  ? 6.796   -10.011 6.109   1 34.315  ? 150 CYS A CB   1 ? 
ATOM   76   S SG   . CYS A 1 14  ? 6.783   -11.234 7.438   1 39.158  ? 150 CYS A SG   1 ? 
ATOM   77   H H    . CYS A 1 14  ? 9.287   -10.508 6.011   1 32.566  ? 150 CYS A H    1 c 
ATOM   78   H HA   . CYS A 1 14  ? 7.201   -11.366 4.613   1 32.134  ? 150 CYS A HA   1 c 
ATOM   79   H HB2  . CYS A 1 14  ? 7.205   -9.183  6.449   1 34.659  ? 150 CYS A HB2  1 c 
ATOM   80   H HB3  . CYS A 1 14  ? 5.867   -9.813  5.857   1 34.653  ? 150 CYS A HB3  1 c 
ATOM   81   H HG   . CYS A 1 14  ? 6.113   -10.607 8.221   0 39.31   ? 150 CYS A HG   1 c 
ATOM   82   N N    . PHE A 1 15  ? 8.048   -8.373  3.751   1 28.604  ? 151 PHE A N    1 ? 
ATOM   83   C CA   . PHE A 1 15  ? 7.953   -7.416  2.681   1 30.528  ? 151 PHE A CA   1 ? 
ATOM   84   C C    . PHE A 1 15  ? 8.265   -8.099  1.340   1 28.223  ? 151 PHE A C    1 ? 
ATOM   85   O O    . PHE A 1 15  ? 7.520   -7.862  0.396   1 26.89   ? 151 PHE A O    1 ? 
ATOM   86   C CB   . PHE A 1 15  ? 8.788   -6.160  2.967   1 28.137  ? 151 PHE A CB   1 ? 
ATOM   87   C CG   . PHE A 1 15  ? 8.636   -5.135  1.875   1 26.618  ? 151 PHE A CG   1 ? 
ATOM   88   C CD1  . PHE A 1 15  ? 7.465   -4.420  1.711   1 30.178  ? 151 PHE A CD1  1 ? 
ATOM   89   C CD2  . PHE A 1 15  ? 9.661   -4.940  0.945   1 34.091  ? 151 PHE A CD2  1 ? 
ATOM   90   C CE1  . PHE A 1 15  ? 7.341   -3.472  0.706   1 34.012  ? 151 PHE A CE1  1 ? 
ATOM   91   C CE2  . PHE A 1 15  ? 9.528   -3.990  -0.035  1 36.106  ? 151 PHE A CE2  1 ? 
ATOM   92   C CZ   . PHE A 1 15  ? 8.369   -3.275  -0.169  1 35.063  ? 151 PHE A CZ   1 ? 
ATOM   93   H H    . PHE A 1 15  ? 8.616   -8.200  4.445   1 29.016  ? 151 PHE A H    1 c 
ATOM   94   H HA   . PHE A 1 15  ? 7.003   -7.123  2.643   1 29.254  ? 151 PHE A HA   1 c 
ATOM   95   H HB2  . PHE A 1 15  ? 8.496   -5.770  3.820   1 28.309  ? 151 PHE A HB2  1 c 
ATOM   96   H HB3  . PHE A 1 15  ? 9.733   -6.415  3.046   1 28.369  ? 151 PHE A HB3  1 c 
ATOM   97   H HD1  . PHE A 1 15  ? 6.761   -4.544  2.326   1 30.234  ? 151 PHE A HD1  1 c 
ATOM   98   H HD2  . PHE A 1 15  ? 10.472  -5.414  1.034   1 32.6    ? 151 PHE A HD2  1 c 
ATOM   99   H HE1  . PHE A 1 15  ? 6.541   -2.977  0.619   1 33.287  ? 151 PHE A HE1  1 c 
ATOM   100  H HE2  . PHE A 1 15  ? 10.232  -3.855  -0.648  1 35.437  ? 151 PHE A HE2  1 c 
ATOM   101  H HZ   . PHE A 1 15  ? 8.283   -2.641  -0.864  1 34.955  ? 151 PHE A HZ   1 c 
ATOM   102  N N    . GLY A 1 16  ? 9.403   -8.821  1.235   1 30.173  ? 152 GLY A N    1 ? 
ATOM   103  C CA   . GLY A 1 16  ? 9.766   -9.511  -0.005  1 28.589  ? 152 GLY A CA   1 ? 
ATOM   104  C C    . GLY A 1 16  ? 8.692   -10.530 -0.439  1 26.78   ? 152 GLY A C    1 ? 
ATOM   105  O O    . GLY A 1 16  ? 8.390   -10.649 -1.602  1 28.886  ? 152 GLY A O    1 ? 
ATOM   106  H H    . GLY A 1 16  ? 9.969   -8.878  1.951   1 29.342  ? 152 GLY A H    1 c 
ATOM   107  H HA2  . GLY A 1 16  ? 9.890   -8.842  -0.720  1 28.542  ? 152 GLY A HA2  1 c 
ATOM   108  H HA3  . GLY A 1 16  ? 10.625  -9.976  0.125   1 28.542  ? 152 GLY A HA3  1 c 
ATOM   109  N N    . MET A 1 17  ? 8.035   -11.179 0.529   1 26.859  ? 153 MET A N    1 ? 
ATOM   110  C CA   . MET A 1 17  ? 6.956   -12.103 0.230   1 29.276  ? 153 MET A CA   1 ? 
ATOM   111  C C    . MET A 1 17  ? 5.816   -11.342 -0.419  1 26.006  ? 153 MET A C    1 ? 
ATOM   112  O O    . MET A 1 17  ? 5.229   -11.776 -1.405  1 24.985  ? 153 MET A O    1 ? 
ATOM   113  C CB   . MET A 1 17  ? 6.510   -12.835 1.492   1 27.52   ? 153 MET A CB   1 ? 
ATOM   114  C CG   . MET A 1 17  ? 7.538   -13.786 2.048   1 30.973  ? 153 MET A CG   1 ? 
ATOM   115  S SD   . MET A 1 17  ? 7.508   -15.304 1.062   1 35.946  ? 153 MET A SD   1 ? 
ATOM   116  C CE   . MET A 1 17  ? 8.695   -16.205 2.067   1 37.479  ? 153 MET A CE   1 ? 
ATOM   117  H H    . MET A 1 17  ? 8.280   -11.061 1.401   1 27.413  ? 153 MET A H    1 c 
ATOM   118  H HA   . MET A 1 17  ? 7.289   -12.759 -0.423  1 27.876  ? 153 MET A HA   1 c 
ATOM   119  H HB2  . MET A 1 17  ? 6.284   -12.176 2.180   1 28.675  ? 153 MET A HB2  1 c 
ATOM   120  H HB3  . MET A 1 17  ? 5.697   -13.336 1.282   1 28.692  ? 153 MET A HB3  1 c 
ATOM   121  H HG2  . MET A 1 17  ? 8.424   -13.393 2.000   1 30.924  ? 153 MET A HG2  1 c 
ATOM   122  H HG3  . MET A 1 17  ? 7.335   -13.996 2.981   1 30.953  ? 153 MET A HG3  1 c 
ATOM   123  H HE1  . MET A 1 17  ? 8.727   -17.134 1.776   1 37.09   ? 153 MET A HE1  1 c 
ATOM   124  H HE2  . MET A 1 17  ? 9.577   -15.802 1.966   1 37.09   ? 153 MET A HE2  1 c 
ATOM   125  H HE3  . MET A 1 17  ? 8.424   -16.165 3.003   1 37.091  ? 153 MET A HE3  1 c 
ATOM   126  N N    . GLY A 1 18  ? 5.431   -10.199 0.177   1 29.228  ? 154 GLY A N    1 ? 
ATOM   127  C CA   . GLY A 1 18  ? 4.321   -9.431  -0.359  1 28.18   ? 154 GLY A CA   1 ? 
ATOM   128  C C    . GLY A 1 18  ? 4.643   -8.845  -1.718  1 26.645  ? 154 GLY A C    1 ? 
ATOM   129  O O    . GLY A 1 18  ? 3.804   -8.753  -2.590  1 27.132  ? 154 GLY A O    1 ? 
ATOM   130  H H    . GLY A 1 18  ? 5.848   -9.905  0.935   1 28.19   ? 154 GLY A H    1 c 
ATOM   131  H HA2  . GLY A 1 18  ? 3.527   -10.012 -0.430  1 28.043  ? 154 GLY A HA2  1 c 
ATOM   132  H HA3  . GLY A 1 18  ? 4.105   -8.701  0.268   1 28.066  ? 154 GLY A HA3  1 c 
ATOM   133  N N    . ARG A 1 19  ? 5.874   -8.391  -1.894  1 24.417  ? 155 ARG A N    1 ? 
ATOM   134  C CA   . ARG A 1 19  ? 6.285   -7.880  -3.174  1 26.265  ? 155 ARG A CA   1 ? 
ATOM   135  C C    . ARG A 1 19  ? 6.244   -8.966  -4.254  1 27.201  ? 155 ARG A C    1 ? 
ATOM   136  O O    . ARG A 1 19  ? 5.867   -8.679  -5.386  1 29.001  ? 155 ARG A O    1 ? 
ATOM   137  C CB   . ARG A 1 19  ? 7.675   -7.269  -2.999  1 30.818  ? 155 ARG A CB   1 ? 
ATOM   138  C CG   . ARG A 1 19  ? 8.150   -6.655  -4.293  1 38.899  ? 155 ARG A CG   1 ? 
ATOM   139  C CD   . ARG A 1 19  ? 9.325   -5.673  -4.068  1 47.875  ? 155 ARG A CD   1 ? 
ATOM   140  N NE   . ARG A 1 19  ? 10.551  -6.329  -3.618  1 59.968  ? 155 ARG A NE   1 ? 
ATOM   141  C CZ   . ARG A 1 19  ? 11.563  -5.653  -3.063  1 72.203  ? 155 ARG A CZ   1 ? 
ATOM   142  N NH1  . ARG A 1 19  ? 11.665  -4.337  -3.200  1 65.762  ? 155 ARG A NH1  1 ? 
ATOM   143  N NH2  . ARG A 1 19  ? 12.471  -6.306  -2.369  1 68.355  ? 155 ARG A NH2  1 ? 
ATOM   144  H H    . ARG A 1 19  ? 6.465   -8.374  -1.196  1 25.425  ? 155 ARG A H    1 c 
ATOM   145  H HA   . ARG A 1 19  ? 5.664   -7.151  -3.435  1 26.9    ? 155 ARG A HA   1 c 
ATOM   146  H HB2  . ARG A 1 19  ? 7.644   -6.580  -2.302  1 31.453  ? 155 ARG A HB2  1 c 
ATOM   147  H HB3  . ARG A 1 19  ? 8.306   -7.965  -2.718  1 31.381  ? 155 ARG A HB3  1 c 
ATOM   148  H HG2  . ARG A 1 19  ? 8.446   -7.363  -4.905  1 38.532  ? 155 ARG A HG2  1 c 
ATOM   149  H HG3  . ARG A 1 19  ? 7.408   -6.172  -4.721  1 38.436  ? 155 ARG A HG3  1 c 
ATOM   150  H HD2  . ARG A 1 19  ? 9.508   -5.188  -4.893  1 48.435  ? 155 ARG A HD2  1 c 
ATOM   151  H HD3  . ARG A 1 19  ? 9.050   -5.015  -3.397  1 48.309  ? 155 ARG A HD3  1 c 
ATOM   152  H HE   . ARG A 1 19  ? 10.624  -7.191  -3.719  1 59.454  ? 155 ARG A HE   1 c 
ATOM   153  H HH11 . ARG A 1 19  ? 11.656  -3.978  -4.008  1 67.463  ? 155 ARG A HH11 1 c 
ATOM   154  H HH12 . ARG A 1 19  ? 11.746  -3.826  -2.484  1 67.277  ? 155 ARG A HH12 1 c 
ATOM   155  H HH21 . ARG A 1 19  ? 12.263  -7.075  -1.982  1 69.348  ? 155 ARG A HH21 1 c 
ATOM   156  H HH22 . ARG A 1 19  ? 13.287  -5.975  -2.289  1 69.45   ? 155 ARG A HH22 1 c 
ATOM   157  N N    . SER A 1 20  ? 6.708   -10.167 -3.925  1 31.4    ? 156 SER A N    1 ? 
ATOM   158  C CA   . SER A 1 20  ? 6.632   -11.311 -4.833  1 31.04   ? 156 SER A CA   1 ? 
ATOM   159  C C    . SER A 1 20  ? 5.178   -11.599 -5.232  1 31.149  ? 156 SER A C    1 ? 
ATOM   160  O O    . SER A 1 20  ? 4.887   -11.697 -6.433  1 30.439  ? 156 SER A O    1 ? 
ATOM   161  C CB   . SER A 1 20  ? 7.365   -12.480 -4.238  1 35.197  ? 156 SER A CB   1 ? 
ATOM   162  O OG   . SER A 1 20  ? 7.404   -13.592 -5.123  1 45.315  ? 156 SER A OG   1 ? 
ATOM   163  H H    . SER A 1 20  ? 7.110   -10.284 -3.113  1 30.224  ? 156 SER A H    1 c 
ATOM   164  H HA   . SER A 1 20  ? 7.114   -11.055 -5.659  1 31.852  ? 156 SER A HA   1 c 
ATOM   165  H HB2  . SER A 1 20  ? 8.276   -12.206 -4.024  1 36.328  ? 156 SER A HB2  1 c 
ATOM   166  H HB3  . SER A 1 20  ? 6.926   -12.744 -3.407  1 36.329  ? 156 SER A HB3  1 c 
ATOM   167  H HG   . SER A 1 20  ? 7.845   -14.215 -4.756  0 45.26   ? 156 SER A HG   1 c 
ATOM   168  N N    . ALA A 1 21  ? 4.259   -11.693 -4.234  1 29.961  ? 157 ALA A N    1 ? 
ATOM   169  C CA   . ALA A 1 21  ? 2.823   -11.805 -4.508  1 30.174  ? 157 ALA A CA   1 ? 
ATOM   170  C C    . ALA A 1 21  ? 2.313   -10.734 -5.465  1 30.782  ? 157 ALA A C    1 ? 
ATOM   171  O O    . ALA A 1 21  ? 1.590   -11.018 -6.420  1 30.399  ? 157 ALA A O    1 ? 
ATOM   172  C CB   . ALA A 1 21  ? 2.010   -11.777 -3.225  1 28.432  ? 157 ALA A CB   1 ? 
ATOM   173  H H    . ALA A 1 21  ? 4.543   -11.692 -3.365  1 30.287  ? 157 ALA A H    1 c 
ATOM   174  H HA   . ALA A 1 21  ? 2.676   -12.688 -4.947  1 29.915  ? 157 ALA A HA   1 c 
ATOM   175  H HB1  . ALA A 1 21  ? 2.290   -12.504 -2.644  1 28.938  ? 157 ALA A HB1  1 c 
ATOM   176  H HB2  . ALA A 1 21  ? 2.150   -10.930 -2.768  1 28.938  ? 157 ALA A HB2  1 c 
ATOM   177  H HB3  . ALA A 1 21  ? 1.066   -11.877 -3.433  1 28.945  ? 157 ALA A HB3  1 c 
ATOM   178  N N    . TYR A 1 22  ? 2.680   -9.479  -5.195  1 27.804  ? 158 TYR A N    1 ? 
ATOM   179  C CA   . TYR A 1 22  ? 2.219   -8.381  -6.019  1 28.68   ? 158 TYR A CA   1 ? 
ATOM   180  C C    . TYR A 1 22  ? 2.676   -8.556  -7.475  1 28.064  ? 158 TYR A C    1 ? 
ATOM   181  O O    . TYR A 1 22  ? 1.884   -8.300  -8.396  1 28.431  ? 158 TYR A O    1 ? 
ATOM   182  C CB   . TYR A 1 22  ? 2.744   -7.092  -5.394  1 28.045  ? 158 TYR A CB   1 ? 
ATOM   183  C CG   . TYR A 1 22  ? 2.505   -5.863  -6.241  1 29.036  ? 158 TYR A CG   1 ? 
ATOM   184  C CD1  . TYR A 1 22  ? 1.353   -5.110  -6.116  1 32.204  ? 158 TYR A CD1  1 ? 
ATOM   185  C CD2  . TYR A 1 22  ? 3.503   -5.454  -7.129  1 31.177  ? 158 TYR A CD2  1 ? 
ATOM   186  C CE1  . TYR A 1 22  ? 1.173   -3.963  -6.872  1 32.84   ? 158 TYR A CE1  1 ? 
ATOM   187  C CE2  . TYR A 1 22  ? 3.349   -4.291  -7.846  1 30.448  ? 158 TYR A CE2  1 ? 
ATOM   188  C CZ   . TYR A 1 22  ? 2.165   -3.593  -7.758  1 33.574  ? 158 TYR A CZ   1 ? 
ATOM   189  O OH   . TYR A 1 22  ? 2.052   -2.462  -8.493  1 40.256  ? 158 TYR A OH   1 ? 
ATOM   190  H H    . TYR A 1 22  ? 3.211   -9.305  -4.472  1 28.698  ? 158 TYR A H    1 c 
ATOM   191  H HA   . TYR A 1 22  ? 1.226   -8.364  -5.997  1 28.289  ? 158 TYR A HA   1 c 
ATOM   192  H HB2  . TYR A 1 22  ? 2.311   -6.969  -4.524  1 28.421  ? 158 TYR A HB2  1 c 
ATOM   193  H HB3  . TYR A 1 22  ? 3.708   -7.185  -5.240  1 28.447  ? 158 TYR A HB3  1 c 
ATOM   194  H HD1  . TYR A 1 22  ? 0.677   -5.385  -5.518  1 31.585  ? 158 TYR A HD1  1 c 
ATOM   195  H HD2  . TYR A 1 22  ? 4.306   -5.940  -7.191  1 30.602  ? 158 TYR A HD2  1 c 
ATOM   196  H HE1  . TYR A 1 22  ? 0.393   -3.461  -6.797  1 32.867  ? 158 TYR A HE1  1 c 
ATOM   197  H HE2  . TYR A 1 22  ? 4.008   -4.024  -8.463  1 31.365  ? 158 TYR A HE2  1 c 
ATOM   198  H HH   . TYR A 1 22  ? 1.297   -2.055  -8.280  0 39.86   ? 158 TYR A HH   1 c 
ATOM   199  N N    . ASN A 1 23  ? 3.942   -8.905  -7.639  1 30.985  ? 159 ASN A N    1 ? 
ATOM   200  C CA   . ASN A 1 23  ? 4.541   -9.027  -8.975  1 36.3    ? 159 ASN A CA   1 ? 
ATOM   201  C C    . ASN A 1 23  ? 3.854   -10.119 -9.800  1 39.875  ? 159 ASN A C    1 ? 
ATOM   202  O O    . ASN A 1 23  ? 3.916   -10.047 -11.022 1 42.379  ? 159 ASN A O    1 ? 
ATOM   203  C CB   . ASN A 1 23  ? 6.040   -9.245  -8.878  1 34.562  ? 159 ASN A CB   1 ? 
ATOM   204  C CG   . ASN A 1 23  ? 6.799   -8.018  -8.435  1 39.25   ? 159 ASN A CG   1 ? 
ATOM   205  O OD1  . ASN A 1 23  ? 6.297   -6.896  -8.530  1 44.189  ? 159 ASN A OD1  1 ? 
ATOM   206  N ND2  . ASN A 1 23  ? 8.019   -8.205  -7.963  1 48.479  ? 159 ASN A ND2  1 ? 
ATOM   207  H H    . ASN A 1 23  ? 4.471   -9.054  -6.908  1 31.361  ? 159 ASN A H    1 c 
ATOM   208  H HA   . ASN A 1 23  ? 4.394   -8.178  -9.448  1 35.519  ? 159 ASN A HA   1 c 
ATOM   209  H HB2  . ASN A 1 23  ? 6.212   -9.963  -8.241  1 36.003  ? 159 ASN A HB2  1 c 
ATOM   210  H HB3  . ASN A 1 23  ? 6.381   -9.530  -9.751  1 36.011  ? 159 ASN A HB3  1 c 
ATOM   211  H HD21 . ASN A 1 23  ? 8.403   -7.574  -7.471  1 45.544  ? 159 ASN A HD21 1 c 
ATOM   212  H HD22 . ASN A 1 23  ? 8.455   -8.960  -8.135  1 45.368  ? 159 ASN A HD22 1 c 
ATOM   213  N N    . GLU A 1 24  ? 3.129   -11.059 -9.161  1 33.8    ? 160 GLU A N    1 ? 
ATOM   214  C CA   . GLU A 1 24  ? 2.337   -12.089 -9.824  1 42.379  ? 160 GLU A CA   1 ? 
ATOM   215  C C    . GLU A 1 24  ? 0.858   -11.729 -9.972  1 39.647  ? 160 GLU A C    1 ? 
ATOM   216  O O    . GLU A 1 24  ? 0.096   -12.552 -10.440 1 43.159  ? 160 GLU A O    1 ? 
ATOM   217  C CB   . GLU A 1 24  ? 2.167   -13.366 -8.991  1 43.487  ? 160 GLU A CB   1 ? 
ATOM   218  C CG   . GLU A 1 24  ? 3.444   -13.917 -8.395  1 47.347  ? 160 GLU A CG   1 ? 
ATOM   219  C CD   . GLU A 1 24  ? 3.667   -15.398 -8.609  1 44.656  ? 160 GLU A CD   1 ? 
ATOM   220  O OE1  . GLU A 1 24  ? 2.951   -16.062 -9.410  1 39.592  ? 160 GLU A OE1  1 ? 
ATOM   221  O OE2  . GLU A 1 24  ? 4.628   -15.859 -7.967  1 38.949  ? 160 GLU A OE2  1 ? 
ATOM   222  H H    . GLU A 1 24  ? 3.179   -11.101 -8.252  1 36.96   ? 160 GLU A H    1 c 
ATOM   223  H HA   . GLU A 1 24  ? 2.726   -12.300 -10.710 1 40.27   ? 160 GLU A HA   1 c 
ATOM   224  H HB2  . GLU A 1 24  ? 1.565   -13.184 -8.236  1 44.065  ? 160 GLU A HB2  1 c 
ATOM   225  H HB3  . GLU A 1 24  ? 1.744   -14.051 -9.546  1 44.022  ? 160 GLU A HB3  1 c 
ATOM   226  H HG2  . GLU A 1 24  ? 4.210   -13.437 -8.773  1 45.703  ? 160 GLU A HG2  1 c 
ATOM   227  H HG3  . GLU A 1 24  ? 3.440   -13.745 -7.429  1 45.699  ? 160 GLU A HG3  1 c 
ATOM   228  N N    . GLY A 1 25  ? 0.412   -10.567 -9.495  1 33.374  ? 161 GLY A N    1 ? 
ATOM   229  C CA   . GLY A 1 25  ? -0.984  -10.180 -9.554  1 33.954  ? 161 GLY A CA   1 ? 
ATOM   230  C C    . GLY A 1 25  ? -1.849  -10.831 -8.467  1 33.077  ? 161 GLY A C    1 ? 
ATOM   231  O O    . GLY A 1 25  ? -3.084  -10.762 -8.554  1 33.941  ? 161 GLY A O    1 ? 
ATOM   232  H H    . GLY A 1 25  ? 1.001   -9.976  -9.132  1 34.921  ? 161 GLY A H    1 c 
ATOM   233  H HA2  . GLY A 1 25  ? -1.039  -9.200  -9.459  1 33.633  ? 161 GLY A HA2  1 c 
ATOM   234  H HA3  . GLY A 1 25  ? -1.349  -10.411 -10.441 1 33.695  ? 161 GLY A HA3  1 c 
ATOM   235  N N    . ASP A 1 26  ? -1.223  -11.391 -7.416  1 34.711  ? 162 ASP A N    1 ? 
ATOM   236  C CA   . ASP A 1 26  ? -1.944  -11.962 -6.277  1 28.339  ? 162 ASP A CA   1 ? 
ATOM   237  C C    . ASP A 1 26  ? -2.121  -10.852 -5.232  1 27.478  ? 162 ASP A C    1 ? 
ATOM   238  O O    . ASP A 1 26  ? -1.371  -10.768 -4.251  1 30.066  ? 162 ASP A O    1 ? 
ATOM   239  C CB   . ASP A 1 26  ? -1.246  -13.177 -5.727  1 28.668  ? 162 ASP A CB   1 ? 
ATOM   240  C CG   . ASP A 1 26  ? -2.053  -13.870 -4.637  1 34.349  ? 162 ASP A CG   1 ? 
ATOM   241  O OD1  . ASP A 1 26  ? -3.124  -13.291 -4.211  1 31.595  ? 162 ASP A OD1  1 ? 
ATOM   242  O OD2  . ASP A 1 26  ? -1.599  -14.947 -4.197  1 39.449  ? 162 ASP A OD2  1 ? 
ATOM   243  H H    . ASP A 1 26  ? -0.311  -11.403 -7.386  1 32.817  ? 162 ASP A H    1 c 
ATOM   244  H HA   . ASP A 1 26  ? -2.831  -12.260 -6.581  1 29.421  ? 162 ASP A HA   1 c 
ATOM   245  H HB2  . ASP A 1 26  ? -1.106  -13.817 -6.456  1 29.8    ? 162 ASP A HB2  1 c 
ATOM   246  H HB3  . ASP A 1 26  ? -0.368  -12.933 -5.368  1 29.799  ? 162 ASP A HB3  1 c 
ATOM   247  N N    . TYR A 1 27  ? -3.127  -10.014 -5.463  1 25.103  ? 163 TYR A N    1 ? 
ATOM   248  C CA   . TYR A 1 27  ? -3.292  -8.844  -4.628  1 24.408  ? 163 TYR A CA   1 ? 
ATOM   249  C C    . TYR A 1 27  ? -3.830  -9.221  -3.252  1 27.187  ? 163 TYR A C    1 ? 
ATOM   250  O O    . TYR A 1 27  ? -3.545  -8.525  -2.284  1 25.019  ? 163 TYR A O    1 ? 
ATOM   251  C CB   . TYR A 1 27  ? -4.228  -7.866  -5.316  1 26.228  ? 163 TYR A CB   1 ? 
ATOM   252  C CG   . TYR A 1 27  ? -3.619  -7.384  -6.613  1 29.988  ? 163 TYR A CG   1 ? 
ATOM   253  C CD1  . TYR A 1 27  ? -2.358  -6.805  -6.622  1 31.879  ? 163 TYR A CD1  1 ? 
ATOM   254  C CD2  . TYR A 1 27  ? -4.205  -7.709  -7.830  1 33.609  ? 163 TYR A CD2  1 ? 
ATOM   255  C CE1  . TYR A 1 27  ? -1.775  -6.412  -7.816  1 33.801  ? 163 TYR A CE1  1 ? 
ATOM   256  C CE2  . TYR A 1 27  ? -3.617  -7.325  -9.024  1 33.117  ? 163 TYR A CE2  1 ? 
ATOM   257  C CZ   . TYR A 1 27  ? -2.442  -6.619  -9.011  1 33.586  ? 163 TYR A CZ   1 ? 
ATOM   258  O OH   . TYR A 1 27  ? -1.810  -6.290  -10.181 1 36.315  ? 163 TYR A OH   1 ? 
ATOM   259  H H    . TYR A 1 27  ? -3.727  -10.182 -6.131  1 25.571  ? 163 TYR A H    1 c 
ATOM   260  H HA   . TYR A 1 27  ? -2.410  -8.410  -4.503  1 25.487  ? 163 TYR A HA   1 c 
ATOM   261  H HB2  . TYR A 1 27  ? -5.085  -8.312  -5.497  1 26.666  ? 163 TYR A HB2  1 c 
ATOM   262  H HB3  . TYR A 1 27  ? -4.385  -7.098  -4.723  1 26.619  ? 163 TYR A HB3  1 c 
ATOM   263  H HD1  . TYR A 1 27  ? -1.932  -6.592  -5.808  1 31.768  ? 163 TYR A HD1  1 c 
ATOM   264  H HD2  . TYR A 1 27  ? -5.047  -8.135  -7.844  1 32.546  ? 163 TYR A HD2  1 c 
ATOM   265  H HE1  . TYR A 1 27  ? -0.951  -5.955  -7.810  1 33.271  ? 163 TYR A HE1  1 c 
ATOM   266  H HE2  . TYR A 1 27  ? -4.056  -7.490  -9.840  1 33.315  ? 163 TYR A HE2  1 c 
ATOM   267  H HH   . TYR A 1 27  ? -1.027  -5.990  -10.040 0 36.3    ? 163 TYR A HH   1 c 
ATOM   268  N N    . TYR A 1 28  ? -4.669  -10.255 -3.167  1 25.296  ? 164 TYR A N    1 ? 
ATOM   269  C CA   . TYR A 1 28  ? -5.143  -10.689 -1.852  1 24.459  ? 164 TYR A CA   1 ? 
ATOM   270  C C    . TYR A 1 28  ? -3.977  -11.055 -0.928  1 26.904  ? 164 TYR A C    1 ? 
ATOM   271  O O    . TYR A 1 28  ? -3.916  -10.605 0.220   1 24.754  ? 164 TYR A O    1 ? 
ATOM   272  C CB   . TYR A 1 28  ? -6.096  -11.856 -2.034  1 28.365  ? 164 TYR A CB   1 ? 
ATOM   273  C CG   . TYR A 1 28  ? -6.468  -12.535 -0.725  1 27.426  ? 164 TYR A CG   1 ? 
ATOM   274  C CD1  . TYR A 1 28  ? -7.365  -12.001 0.179   1 33.051  ? 164 TYR A CD1  1 ? 
ATOM   275  C CD2  . TYR A 1 28  ? -5.899  -13.756 -0.405  1 28.744  ? 164 TYR A CD2  1 ? 
ATOM   276  C CE1  . TYR A 1 28  ? -7.718  -12.664 1.351   1 34.54   ? 164 TYR A CE1  1 ? 
ATOM   277  C CE2  . TYR A 1 28  ? -6.261  -14.431 0.750   1 30.598  ? 164 TYR A CE2  1 ? 
ATOM   278  C CZ   . TYR A 1 28  ? -7.184  -13.908 1.638   1 31.429  ? 164 TYR A CZ   1 ? 
ATOM   279  O OH   . TYR A 1 28  ? -7.478  -14.555 2.841   1 30.017  ? 164 TYR A OH   1 ? 
ATOM   280  H H    . TYR A 1 28  ? -4.978  -10.673 -3.919  1 25.565  ? 164 TYR A H    1 c 
ATOM   281  H HA   . TYR A 1 28  ? -5.645  -9.939  -1.438  1 25.819  ? 164 TYR A HA   1 c 
ATOM   282  H HB2  . TYR A 1 28  ? -6.915  -11.527 -2.466  1 27.211  ? 164 TYR A HB2  1 c 
ATOM   283  H HB3  . TYR A 1 28  ? -5.678  -12.515 -2.633  1 27.218  ? 164 TYR A HB3  1 c 
ATOM   284  H HD1  . TYR A 1 28  ? -7.772  -11.172 -0.017  1 31.914  ? 164 TYR A HD1  1 c 
ATOM   285  H HD2  . TYR A 1 28  ? -5.298  -14.162 -1.008  1 28.905  ? 164 TYR A HD2  1 c 
ATOM   286  H HE1  . TYR A 1 28  ? -8.337  -12.274 1.944   1 33.328  ? 164 TYR A HE1  1 c 
ATOM   287  H HE2  . TYR A 1 28  ? -5.855  -15.255 0.938   1 30.348  ? 164 TYR A HE2  1 c 
ATOM   288  H HH   . TYR A 1 28  ? -8.005  -14.058 3.312   0 30.14   ? 164 TYR A HH   1 c 
ATOM   289  N N    . HIS A 1 29  ? -3.036  -11.850 -1.421  1 24.316  ? 165 HIS A N    1 ? 
ATOM   290  C CA   . HIS A 1 29  ? -1.873  -12.205 -0.618  1 26.515  ? 165 HIS A CA   1 ? 
ATOM   291  C C    . HIS A 1 29  ? -0.930  -11.013 -0.414  1 25.216  ? 165 HIS A C    1 ? 
ATOM   292  O O    . HIS A 1 29  ? -0.262  -10.982 0.601   1 26.031  ? 165 HIS A O    1 ? 
ATOM   293  C CB   . HIS A 1 29  ? -1.192  -13.487 -1.109  1 29.543  ? 165 HIS A CB   1 ? 
ATOM   294  C CG   . HIS A 1 29  ? -2.052  -14.694 -0.862  1 28.881  ? 165 HIS A CG   1 ? 
ATOM   295  N ND1  . HIS A 1 29  ? -2.557  -15.487 -1.848  1 30.393  ? 165 HIS A ND1  1 ? 
ATOM   296  C CD2  . HIS A 1 29  ? -2.463  -15.236 0.273   1 37.147  ? 165 HIS A CD2  1 ? 
ATOM   297  C CE1  . HIS A 1 29  ? -3.321  -16.454 -1.294  1 31.831  ? 165 HIS A CE1  1 ? 
ATOM   298  N NE2  . HIS A 1 29  ? -3.287  -16.303 -0.021  1 33.777  ? 165 HIS A NE2  1 ? 
ATOM   299  H H    . HIS A 1 29  ? -3.116  -12.194 -2.266  1 25.416  ? 165 HIS A H    1 c 
ATOM   300  H HA   . HIS A 1 29  ? -2.221  -12.440 0.278   1 26.415  ? 165 HIS A HA   1 c 
ATOM   301  H HB2  . HIS A 1 29  ? -1.008  -13.405 -2.066  1 28.752  ? 165 HIS A HB2  1 c 
ATOM   302  H HB3  . HIS A 1 29  ? -0.339  -13.596 -0.636  1 28.695  ? 165 HIS A HB3  1 c 
ATOM   303  H HD1  . HIS A 1 29  ? -2.397  -15.394 -2.707  0 30.56   ? 165 HIS A HD1  1 c 
ATOM   304  H HD2  . HIS A 1 29  ? -2.296  -14.905 1.133   1 34.183  ? 165 HIS A HD2  1 c 
ATOM   305  H HE1  . HIS A 1 29  ? -3.779  -17.132 -1.759  1 31.957  ? 165 HIS A HE1  1 c 
ATOM   306  H HE2  . HIS A 1 29  ? -3.730  -16.803 0.559   0 33.01   ? 165 HIS A HE2  1 c 
ATOM   307  N N    . THR A 1 30  ? -0.864  -10.072 -1.360  1 27.03   ? 166 THR A N    1 ? 
ATOM   308  C CA   . THR A 1 30  ? -0.099  -8.857  -1.117  1 25.754  ? 166 THR A CA   1 ? 
ATOM   309  C C    . THR A 1 30  ? -0.633  -8.163  0.135   1 23.751  ? 166 THR A C    1 ? 
ATOM   310  O O    . THR A 1 30  ? 0.129   -7.734  0.973   1 25.11   ? 166 THR A O    1 ? 
ATOM   311  C CB   . THR A 1 30  ? -0.170  -7.927  -2.313  1 27.779  ? 166 THR A CB   1 ? 
ATOM   312  O OG1  . THR A 1 30  ? 0.320   -8.644  -3.441  1 27.308  ? 166 THR A OG1  1 ? 
ATOM   313  C CG2  . THR A 1 30  ? 0.642   -6.662  -2.090  1 28.93   ? 166 THR A CG2  1 ? 
ATOM   314  H H    . THR A 1 30  ? -1.268  -10.193 -2.170  1 26.299  ? 166 THR A H    1 c 
ATOM   315  H HA   . THR A 1 30  ? 0.840   -9.104  -0.967  1 25.977  ? 166 THR A HA   1 c 
ATOM   316  H HB   . THR A 1 30  ? -1.106  -7.667  -2.477  1 27.5    ? 166 THR A HB   1 c 
ATOM   317  H HG1  . THR A 1 30  ? 1.134   -8.885  -3.288  0 26.74   ? 166 THR A HG1  1 c 
ATOM   318  H HG21 . THR A 1 30  ? 0.817   -6.237  -2.945  1 28.573  ? 166 THR A HG21 1 c 
ATOM   319  H HG22 . THR A 1 30  ? 1.484   -6.886  -1.662  1 28.561  ? 166 THR A HG22 1 c 
ATOM   320  H HG23 . THR A 1 30  ? 0.144   -6.047  -1.525  1 28.554  ? 166 THR A HG23 1 c 
ATOM   321  N N    . VAL A 1 31  ? -1.962  -8.086  0.257   1 23.07   ? 167 VAL A N    1 ? 
ATOM   322  C CA   . VAL A 1 31  ? -2.572  -7.396  1.383   1 23.559  ? 167 VAL A CA   1 ? 
ATOM   323  C C    . VAL A 1 31  ? -2.163  -8.092  2.659   1 24.762  ? 167 VAL A C    1 ? 
ATOM   324  O O    . VAL A 1 31  ? -1.812  -7.447  3.643   1 24.564  ? 167 VAL A O    1 ? 
ATOM   325  C CB   . VAL A 1 31  ? -4.096  -7.312  1.255   1 24.308  ? 167 VAL A CB   1 ? 
ATOM   326  C CG1  . VAL A 1 31  ? -4.714  -6.780  2.534   1 27.282  ? 167 VAL A CG1  1 ? 
ATOM   327  C CG2  . VAL A 1 31  ? -4.483  -6.410  0.093   1 27.118  ? 167 VAL A CG2  1 ? 
ATOM   328  H H    . VAL A 1 31  ? -2.504  -8.458  -0.378  1 23.423  ? 167 VAL A H    1 c 
ATOM   329  H HA   . VAL A 1 31  ? -2.219  -6.485  1.406   1 23.829  ? 167 VAL A HA   1 c 
ATOM   330  H HB   . VAL A 1 31  ? -4.438  -8.217  1.087   1 25.195  ? 167 VAL A HB   1 c 
ATOM   331  H HG11 . VAL A 1 31  ? -4.148  -6.085  2.909   1 26.341  ? 167 VAL A HG11 1 c 
ATOM   332  H HG12 . VAL A 1 31  ? -4.813  -7.503  3.176   1 26.354  ? 167 VAL A HG12 1 c 
ATOM   333  H HG13 . VAL A 1 31  ? -5.591  -6.408  2.339   1 26.363  ? 167 VAL A HG13 1 c 
ATOM   334  H HG21 . VAL A 1 31  ? -5.435  -6.495  -0.082  1 26.249  ? 167 VAL A HG21 1 c 
ATOM   335  H HG22 . VAL A 1 31  ? -3.987  -6.657  -0.698  1 26.216  ? 167 VAL A HG22 1 c 
ATOM   336  H HG23 . VAL A 1 31  ? -4.278  -5.490  0.322   1 26.264  ? 167 VAL A HG23 1 c 
ATOM   337  N N    . LEU A 1 32  ? -2.273  -9.426  2.693   1 24.033  ? 168 LEU A N    1 ? 
ATOM   338  C CA   . LEU A 1 32  ? -1.965  -10.116 3.935   1 27.003  ? 168 LEU A CA   1 ? 
ATOM   339  C C    . LEU A 1 32  ? -0.518  -9.877  4.363   1 26.289  ? 168 LEU A C    1 ? 
ATOM   340  O O    . LEU A 1 32  ? -0.222  -9.670  5.539   1 25.083  ? 168 LEU A O    1 ? 
ATOM   341  C CB   . LEU A 1 32  ? -2.258  -11.606 3.753   1 25.822  ? 168 LEU A CB   1 ? 
ATOM   342  C CG   . LEU A 1 32  ? -3.733  -11.982 3.583   1 31.906  ? 168 LEU A CG   1 ? 
ATOM   343  C CD1  . LEU A 1 32  ? -3.825  -13.481 3.698   1 31.426  ? 168 LEU A CD1  1 ? 
ATOM   344  C CD2  . LEU A 1 32  ? -4.631  -11.348 4.593   1 39.165  ? 168 LEU A CD2  1 ? 
ATOM   345  H H    . LEU A 1 32  ? -2.553  -9.899  1.964   1 24.88   ? 168 LEU A H    1 c 
ATOM   346  H HA   . LEU A 1 32  ? -2.545  -9.752  4.647   1 26.155  ? 168 LEU A HA   1 c 
ATOM   347  H HB2  . LEU A 1 32  ? -1.763  -11.924 2.963   1 27.442  ? 168 LEU A HB2  1 c 
ATOM   348  H HB3  . LEU A 1 32  ? -1.907  -12.079 4.534   1 27.819  ? 168 LEU A HB3  1 c 
ATOM   349  H HG   . LEU A 1 32  ? -4.028  -11.713 2.677   1 31.777  ? 168 LEU A HG   1 c 
ATOM   350  H HD11 . LEU A 1 32  ? -3.202  -13.894 3.077   1 31.55   ? 168 LEU A HD11 1 c 
ATOM   351  H HD12 . LEU A 1 32  ? -4.729  -13.768 3.488   1 31.59   ? 168 LEU A HD12 1 c 
ATOM   352  H HD13 . LEU A 1 32  ? -3.604  -13.751 4.606   1 31.544  ? 168 LEU A HD13 1 c 
ATOM   353  H HD21 . LEU A 1 32  ? -4.727  -10.400 4.399   1 36.66   ? 168 LEU A HD21 1 c 
ATOM   354  H HD22 . LEU A 1 32  ? -4.256  -11.461 5.482   1 36.773  ? 168 LEU A HD22 1 c 
ATOM   355  H HD23 . LEU A 1 32  ? -5.502  -11.765 4.555   1 36.717  ? 168 LEU A HD23 1 c 
ATOM   356  N N    . TRP A 1 33  ? 0.426   -10.017 3.426   1 25.338  ? 169 TRP A N    1 ? 
ATOM   357  C CA   . TRP A 1 33  ? 1.821   -9.817  3.777   1 25.204  ? 169 TRP A CA   1 ? 
ATOM   358  C C    . TRP A 1 33  ? 2.070   -8.376  4.225   1 23.136  ? 169 TRP A C    1 ? 
ATOM   359  O O    . TRP A 1 33  ? 2.755   -8.149  5.204   1 25.663  ? 169 TRP A O    1 ? 
ATOM   360  C CB   . TRP A 1 33  ? 2.717   -10.190 2.606   1 25.923  ? 169 TRP A CB   1 ? 
ATOM   361  C CG   . TRP A 1 33  ? 2.820   -11.668 2.391   1 24.287  ? 169 TRP A CG   1 ? 
ATOM   362  C CD1  . TRP A 1 33  ? 2.346   -12.394 1.343   1 25.671  ? 169 TRP A CD1  1 ? 
ATOM   363  C CD2  . TRP A 1 33  ? 3.492   -12.580 3.254   1 26.021  ? 169 TRP A CD2  1 ? 
ATOM   364  N NE1  . TRP A 1 33  ? 2.677   -13.699 1.488   1 25.241  ? 169 TRP A NE1  1 ? 
ATOM   365  C CE2  . TRP A 1 33  ? 3.379   -13.857 2.643   1 27.346  ? 169 TRP A CE2  1 ? 
ATOM   366  C CE3  . TRP A 1 33  ? 4.178   -12.456 4.470   1 27.861  ? 169 TRP A CE3  1 ? 
ATOM   367  C CZ2  . TRP A 1 33  ? 3.909   -14.983 3.234   1 29.198  ? 169 TRP A CZ2  1 ? 
ATOM   368  C CZ3  . TRP A 1 33  ? 4.730   -13.588 5.032   1 30.798  ? 169 TRP A CZ3  1 ? 
ATOM   369  C CH2  . TRP A 1 33  ? 4.601   -14.837 4.404   1 28.107  ? 169 TRP A CH2  1 ? 
ATOM   370  H H    . TRP A 1 33  ? 0.204   -10.255 2.573   1 25.532  ? 169 TRP A H    1 c 
ATOM   371  H HA   . TRP A 1 33  ? 2.042   -10.421 4.536   1 24.976  ? 169 TRP A HA   1 c 
ATOM   372  H HB2  . TRP A 1 33  ? 2.365   -9.773  1.792   1 25.371  ? 169 TRP A HB2  1 c 
ATOM   373  H HB3  . TRP A 1 33  ? 3.615   -9.831  2.769   1 25.359  ? 169 TRP A HB3  1 c 
ATOM   374  H HD1  . TRP A 1 33  ? 1.883   -12.051 0.605   1 25.289  ? 169 TRP A HD1  1 c 
ATOM   375  H HE1  . TRP A 1 33  ? 2.460   -14.334 0.938   1 25.836  ? 169 TRP A HE1  1 c 
ATOM   376  H HE3  . TRP A 1 33  ? 4.272   -11.614 4.884   1 28.062  ? 169 TRP A HE3  1 c 
ATOM   377  H HZ2  . TRP A 1 33  ? 3.841   -15.819 2.819   1 28.474  ? 169 TRP A HZ2  1 c 
ATOM   378  H HZ3  . TRP A 1 33  ? 5.192   -13.523 5.851   1 29.401  ? 169 TRP A HZ3  1 c 
ATOM   379  H HH2  . TRP A 1 33  ? 4.971   -15.598 4.816   1 28.922  ? 169 TRP A HH2  1 c 
ATOM   380  N N    . MET A 1 34  ? 1.513   -7.406  3.502   1 23.724  ? 170 MET A N    1 ? 
ATOM   381  C CA   . MET A 1 34  ? 1.827   -6.015  3.757   1 22.638  ? 170 MET A CA   1 ? 
ATOM   382  C C    . MET A 1 34  ? 1.163   -5.604  5.074   1 23.636  ? 170 MET A C    1 ? 
ATOM   383  O O    . MET A 1 34  ? 1.732   -4.769  5.802   1 26.56   ? 170 MET A O    1 ? 
ATOM   384  C CB   . MET A 1 34  ? 1.426   -5.109  2.584   1 25.415  ? 170 MET A CB   1 ? 
ATOM   385  C CG   . MET A 1 34  ? 2.185   -5.366  1.316   1 28.182  ? 170 MET A CG   1 ? 
ATOM   386  S SD   . MET A 1 34  ? 3.981   -5.368  1.543   1 33.871  ? 170 MET A SD   1 ? 
ATOM   387  C CE   . MET A 1 34  ? 4.655   -5.722  -0.085  1 33.9    ? 170 MET A CE   1 ? 
ATOM   388  H H    . MET A 1 34  ? 0.933   -7.610  2.825   1 23.372  ? 170 MET A H    1 c 
ATOM   389  H HA   . MET A 1 34  ? 2.802   -5.943  3.898   1 23.568  ? 170 MET A HA   1 c 
ATOM   390  H HB2  . MET A 1 34  ? 0.470   -5.236  2.409   1 25.381  ? 170 MET A HB2  1 c 
ATOM   391  H HB3  . MET A 1 34  ? 1.558   -4.174  2.850   1 25.395  ? 170 MET A HB3  1 c 
ATOM   392  H HG2  . MET A 1 34  ? 1.926   -6.223  0.950   1 28.439  ? 170 MET A HG2  1 c 
ATOM   393  H HG3  . MET A 1 34  ? 1.953   -4.680  0.658   1 28.453  ? 170 MET A HG3  1 c 
ATOM   394  H HE1  . MET A 1 34  ? 5.485   -6.225  0.007   1 33.828  ? 170 MET A HE1  1 c 
ATOM   395  H HE2  . MET A 1 34  ? 4.010   -6.244  -0.596  1 33.833  ? 170 MET A HE2  1 c 
ATOM   396  H HE3  . MET A 1 34  ? 4.834   -4.884  -0.551  1 33.837  ? 170 MET A HE3  1 c 
ATOM   397  N N    . GLU A 1 35  ? -0.043  -6.141  5.381   1 25.759  ? 171 GLU A N    1 ? 
ATOM   398  C CA   . GLU A 1 35  ? -0.629  -5.875  6.688   1 27.047  ? 171 GLU A CA   1 ? 
ATOM   399  C C    . GLU A 1 35  ? 0.250   -6.395  7.831   1 28.222  ? 171 GLU A C    1 ? 
ATOM   400  O O    . GLU A 1 35  ? 0.431   -5.729  8.859   1 27.969  ? 171 GLU A O    1 ? 
ATOM   401  C CB   . GLU A 1 35  ? -2.018  -6.482  6.843   1 28.764  ? 171 GLU A CB   1 ? 
ATOM   402  C CG   . GLU A 1 35  ? -3.159  -5.850  6.064   1 32.547  ? 171 GLU A CG   1 ? 
ATOM   403  C CD   . GLU A 1 35  ? -4.408  -6.780  6.073   1 47.209  ? 171 GLU A CD   1 ? 
ATOM   404  O OE1  . GLU A 1 35  ? -4.405  -8.051  6.312   1 49.115  ? 171 GLU A OE1  1 ? 
ATOM   405  O OE2  . GLU A 1 35  ? -5.494  -6.235  5.834   1 51.976  ? 171 GLU A OE2  1 ? 
ATOM   406  H H    . GLU A 1 35  ? -0.509  -6.638  4.773   1 25.52   ? 171 GLU A H    1 c 
ATOM   407  H HA   . GLU A 1 35  ? -0.719  -4.893  6.790   1 27.285  ? 171 GLU A HA   1 c 
ATOM   408  H HB2  . GLU A 1 35  ? -1.954  -7.426  6.593   1 29.343  ? 171 GLU A HB2  1 c 
ATOM   409  H HB3  . GLU A 1 35  ? -2.272  -6.447  7.790   1 29.218  ? 171 GLU A HB3  1 c 
ATOM   410  H HG2  . GLU A 1 35  ? -3.399  -4.992  6.475   1 34.393  ? 171 GLU A HG2  1 c 
ATOM   411  H HG3  . GLU A 1 35  ? -2.884  -5.684  5.141   1 34.338  ? 171 GLU A HG3  1 c 
ATOM   412  N N    . GLN A 1 36  ? 0.926   -7.535  7.630   1 25.043  ? 172 GLN A N    1 ? 
ATOM   413  C CA   . GLN A 1 36  ? 1.828   -8.057  8.628   1 27.761  ? 172 GLN A CA   1 ? 
ATOM   414  C C    . GLN A 1 36  ? 3.046   -7.143  8.796   1 27.678  ? 172 GLN A C    1 ? 
ATOM   415  O O    . GLN A 1 36  ? 3.454   -6.830  9.928   1 31.151  ? 172 GLN A O    1 ? 
ATOM   416  C CB   . GLN A 1 36  ? 2.175   -9.493  8.220   1 29.374  ? 172 GLN A CB   1 ? 
ATOM   417  C CG   . GLN A 1 36  ? 3.146   -10.206 9.155   1 33.735  ? 172 GLN A CG   1 ? 
ATOM   418  C CD   . GLN A 1 36  ? 2.633   -10.324 10.575  1 41.119  ? 172 GLN A CD   1 ? 
ATOM   419  O OE1  . GLN A 1 36  ? 1.439   -10.514 10.819  1 41.095  ? 172 GLN A OE1  1 ? 
ATOM   420  N NE2  . GLN A 1 36  ? 3.537   -10.140 11.525  1 48.473  ? 172 GLN A NE2  1 ? 
ATOM   421  H H    . GLN A 1 36  ? 0.801   -8.005  6.856   1 26.404  ? 172 GLN A H    1 c 
ATOM   422  H HA   . GLN A 1 36  ? 1.341   -8.090  9.491   1 27.532  ? 172 GLN A HA   1 c 
ATOM   423  H HB2  . GLN A 1 36  ? 1.344   -10.012 8.172   1 29.97   ? 172 GLN A HB2  1 c 
ATOM   424  H HB3  . GLN A 1 36  ? 2.563   -9.481  7.325   1 29.894  ? 172 GLN A HB3  1 c 
ATOM   425  H HG2  . GLN A 1 36  ? 3.318   -11.105 8.811   1 34.363  ? 172 GLN A HG2  1 c 
ATOM   426  H HG3  . GLN A 1 36  ? 4.002   -9.728  9.160   1 34.346  ? 172 GLN A HG3  1 c 
ATOM   427  H HE21 . GLN A 1 36  ? 3.302   -9.831  12.318  1 46.179  ? 172 GLN A HE21 1 c 
ATOM   428  H HE22 . GLN A 1 36  ? 4.386   -10.350 11.378  1 45.96   ? 172 GLN A HE22 1 c 
ATOM   429  N N    . VAL A 1 37  ? 3.593   -6.674  7.671   1 25.826  ? 173 VAL A N    1 ? 
ATOM   430  C CA   . VAL A 1 37  ? 4.743   -5.786  7.723   1 27.848  ? 173 VAL A CA   1 ? 
ATOM   431  C C    . VAL A 1 37  ? 4.388   -4.493  8.476   1 28.76   ? 173 VAL A C    1 ? 
ATOM   432  O O    . VAL A 1 37  ? 5.129   -4.077  9.377   1 30.798  ? 173 VAL A O    1 ? 
ATOM   433  C CB   . VAL A 1 37  ? 5.281   -5.451  6.329   1 28.614  ? 173 VAL A CB   1 ? 
ATOM   434  C CG1  . VAL A 1 37  ? 6.387   -4.378  6.393   1 33.329  ? 173 VAL A CG1  1 ? 
ATOM   435  C CG2  . VAL A 1 37  ? 5.825   -6.666  5.602   1 31.935  ? 173 VAL A CG2  1 ? 
ATOM   436  H H    . VAL A 1 37  ? 3.253   -6.912  6.857   1 26.767  ? 173 VAL A H    1 c 
ATOM   437  H HA   . VAL A 1 37  ? 5.452   -6.241  8.218   1 27.758  ? 173 VAL A HA   1 c 
ATOM   438  H HB   . VAL A 1 37  ? 4.531   -5.089  5.804   1 29.884  ? 173 VAL A HB   1 c 
ATOM   439  H HG11 . VAL A 1 37  ? 6.997   -4.587  7.112   1 32.013  ? 173 VAL A HG11 1 c 
ATOM   440  H HG12 . VAL A 1 37  ? 5.991   -3.510  6.555   1 31.925  ? 173 VAL A HG12 1 c 
ATOM   441  H HG13 . VAL A 1 37  ? 6.874   -4.359  5.552   1 31.925  ? 173 VAL A HG13 1 c 
ATOM   442  H HG21 . VAL A 1 37  ? 5.910   -6.464  4.656   1 30.888  ? 173 VAL A HG21 1 c 
ATOM   443  H HG22 . VAL A 1 37  ? 5.227   -7.419  5.718   1 30.828  ? 173 VAL A HG22 1 c 
ATOM   444  H HG23 . VAL A 1 37  ? 6.700   -6.893  5.962   1 30.926  ? 173 VAL A HG23 1 c 
ATOM   445  N N    . LEU A 1 38  ? 3.248   -3.887  8.080   1 27.738  ? 174 LEU A N    1 ? 
ATOM   446  C CA   . LEU A 1 38  ? 2.794   -2.623  8.630   1 32.724  ? 174 LEU A CA   1 ? 
ATOM   447  C C    . LEU A 1 38  ? 2.513   -2.748  10.117  1 34.38   ? 174 LEU A C    1 ? 
ATOM   448  O O    . LEU A 1 38  ? 2.898   -1.878  10.896  1 35.115  ? 174 LEU A O    1 ? 
ATOM   449  C CB   . LEU A 1 38  ? 1.600   -2.082  7.851   1 29.542  ? 174 LEU A CB   1 ? 
ATOM   450  C CG   . LEU A 1 38  ? 1.197   -0.635  8.099   1 39.496  ? 174 LEU A CG   1 ? 
ATOM   451  C CD1  . LEU A 1 38  ? 2.332   0.285   7.741   1 38.137  ? 174 LEU A CD1  1 ? 
ATOM   452  C CD2  . LEU A 1 38  ? -0.077  -0.386  7.271   1 35.898  ? 174 LEU A CD2  1 ? 
ATOM   453  H H    . LEU A 1 38  ? 2.741   -4.279  7.428   1 29.046  ? 174 LEU A H    1 c 
ATOM   454  H HA   . LEU A 1 38  ? 3.547   -1.988  8.532   1 31.468  ? 174 LEU A HA   1 c 
ATOM   455  H HB2  . LEU A 1 38  ? 1.792   -2.189  6.890   1 32.366  ? 174 LEU A HB2  1 c 
ATOM   456  H HB3  . LEU A 1 38  ? 0.825   -2.657  8.051   1 32.348  ? 174 LEU A HB3  1 c 
ATOM   457  H HG   . LEU A 1 38  ? 0.982   -0.522  9.060   1 36.526  ? 174 LEU A HG   1 c 
ATOM   458  H HD11 . LEU A 1 38  ? 2.983   0.295   8.462   1 38.457  ? 174 LEU A HD11 1 c 
ATOM   459  H HD12 . LEU A 1 38  ? 1.989   1.184   7.605   1 38.499  ? 174 LEU A HD12 1 c 
ATOM   460  H HD13 . LEU A 1 38  ? 2.759   -0.022  6.923   1 38.417  ? 174 LEU A HD13 1 c 
ATOM   461  H HD21 . LEU A 1 38  ? -0.809  -0.913  7.633   1 36.895  ? 174 LEU A HD21 1 c 
ATOM   462  H HD22 . LEU A 1 38  ? 0.078   -0.644  6.346   1 36.833  ? 174 LEU A HD22 1 c 
ATOM   463  H HD23 . LEU A 1 38  ? -0.311  0.556   7.305   1 36.902  ? 174 LEU A HD23 1 c 
ATOM   464  N N    . LYS A 1 39  ? 1.928   -3.858  10.552  1 34.656  ? 175 LYS A N    1 ? 
ATOM   465  C CA   . LYS A 1 39  ? 1.760   -4.138  11.962  1 36.635  ? 175 LYS A CA   1 ? 
ATOM   466  C C    . LYS A 1 39  ? 3.099   -4.086  12.706  1 40.304  ? 175 LYS A C    1 ? 
ATOM   467  O O    . LYS A 1 39  ? 3.161   -3.500  13.792  1 39.282  ? 175 LYS A O    1 ? 
ATOM   468  C CB   . LYS A 1 39  ? 1.148   -5.529  12.146  1 38.854  ? 175 LYS A CB   1 ? 
ATOM   469  C CG   . LYS A 1 39  ? 0.947   -6.005  13.562  1 48.308  ? 175 LYS A CG   1 ? 
ATOM   470  C CD   . LYS A 1 39  ? 0.192   -7.319  13.627  1 50.644  ? 175 LYS A CD   1 ? 
ATOM   471  C CE   . LYS A 1 39  ? 1.107   -8.447  13.298  1 56.549  ? 175 LYS A CE   1 ? 
ATOM   472  N NZ   . LYS A 1 39  ? 0.348   -9.697  13.161  1 65.69   ? 175 LYS A NZ   1 ? 
ATOM   473  H H    . LYS A 1 39  ? 1.591   -4.456  9.946   1 34.984  ? 175 LYS A H    1 c 
ATOM   474  H HA   . LYS A 1 39  ? 1.152   -3.457  12.348  1 37.268  ? 175 LYS A HA   1 c 
ATOM   475  H HB2  . LYS A 1 39  ? 0.277   -5.538  11.694  1 40.41   ? 175 LYS A HB2  1 c 
ATOM   476  H HB3  . LYS A 1 39  ? 1.721   -6.173  11.685  1 40.441  ? 175 LYS A HB3  1 c 
ATOM   477  H HG2  . LYS A 1 39  ? 1.821   -6.118  13.994  1 46.467  ? 175 LYS A HG2  1 c 
ATOM   478  H HG3  . LYS A 1 39  ? 0.448   -5.320  14.059  1 46.441  ? 175 LYS A HG3  1 c 
ATOM   479  H HD2  . LYS A 1 39  ? -0.169  -7.445  14.532  1 51.403  ? 175 LYS A HD2  1 c 
ATOM   480  H HD3  . LYS A 1 39  ? -0.556  -7.307  12.991  1 51.391  ? 175 LYS A HD3  1 c 
ATOM   481  H HE2  . LYS A 1 39  ? 1.573   -8.282  12.463  1 56.825  ? 175 LYS A HE2  1 c 
ATOM   482  H HE3  . LYS A 1 39  ? 1.769   -8.552  14.006  1 57.064  ? 175 LYS A HE3  1 c 
ATOM   483  H HZ1  . LYS A 1 39  ? -0.252  -9.620  12.487  1 62.625  ? 175 LYS A HZ1  1 c 
ATOM   484  H HZ2  . LYS A 1 39  ? -0.092  -9.876  13.933  1 62.631  ? 175 LYS A HZ2  1 c 
ATOM   485  H HZ3  . LYS A 1 39  ? 0.916   -10.379 12.978  1 62.69   ? 175 LYS A HZ3  1 c 
ATOM   486  N N    . GLN A 1 40  ? 4.140   -4.708  12.144  1 36.574  ? 176 GLN A N    1 ? 
ATOM   487  C CA   . GLN A 1 40  ? 5.440   -4.799  12.808  1 36.139  ? 176 GLN A CA   1 ? 
ATOM   488  C C    . GLN A 1 40  ? 6.167   -3.447  12.789  1 35.465  ? 176 GLN A C    1 ? 
ATOM   489  O O    . GLN A 1 40  ? 6.684   -3.025  13.813  1 43.73   ? 176 GLN A O    1 ? 
ATOM   490  C CB   . GLN A 1 40  ? 6.302   -5.939  12.241  1 39.872  ? 176 GLN A CB   1 ? 
ATOM   491  C CG   . GLN A 1 40  ? 5.702   -7.341  12.411  1 41.702  ? 176 GLN A CG   1 ? 
ATOM   492  C CD   . GLN A 1 40  ? 6.564   -8.465  11.863  1 59.876  ? 176 GLN A CD   1 ? 
ATOM   493  O OE1  . GLN A 1 40  ? 6.229   -9.171  10.895  1 60.475  ? 176 GLN A OE1  1 ? 
ATOM   494  N NE2  . GLN A 1 40  ? 7.706   -8.670  12.506  1 76.283  ? 176 GLN A NE2  1 ? 
ATOM   495  H H    . GLN A 1 40  ? 4.040   -5.107  11.328  1 37.275  ? 176 GLN A H    1 c 
ATOM   496  H HA   . GLN A 1 40  ? 5.276   -5.034  13.758  1 36.833  ? 176 GLN A HA   1 c 
ATOM   497  H HB2  . GLN A 1 40  ? 6.447   -5.773  11.286  1 39.419  ? 176 GLN A HB2  1 c 
ATOM   498  H HB3  . GLN A 1 40  ? 7.177   -5.915  12.680  1 39.397  ? 176 GLN A HB3  1 c 
ATOM   499  H HG2  . GLN A 1 40  ? 5.554   -7.507  13.368  1 44.886  ? 176 GLN A HG2  1 c 
ATOM   500  H HG3  . GLN A 1 40  ? 4.830   -7.374  11.974  1 44.804  ? 176 GLN A HG3  1 c 
ATOM   501  H HE21 . GLN A 1 40  ? 8.465   -8.734  12.053  1 70.629  ? 176 GLN A HE21 1 c 
ATOM   502  H HE22 . GLN A 1 40  ? 7.705   -8.755  13.389  1 70.81   ? 176 GLN A HE22 1 c 
ATOM   503  N N    . LEU A 1 41  ? 6.150   -2.731  11.673  1 34.765  ? 177 LEU A N    1 ? 
ATOM   504  C CA   . LEU A 1 41  ? 6.634   -1.349  11.633  1 35.929  ? 177 LEU A CA   1 ? 
ATOM   505  C C    . LEU A 1 41  ? 5.913   -0.443  12.637  1 41.458  ? 177 LEU A C    1 ? 
ATOM   506  O O    . LEU A 1 41  ? 6.566   0.343   13.313  1 45.017  ? 177 LEU A O    1 ? 
ATOM   507  C CB   . LEU A 1 41  ? 6.521   -0.781  10.229  1 35.458  ? 177 LEU A CB   1 ? 
ATOM   508  C CG   . LEU A 1 41  ? 7.426   -1.446  9.212   1 31.498  ? 177 LEU A CG   1 ? 
ATOM   509  C CD1  . LEU A 1 41  ? 7.292   -0.758  7.871   1 33.022  ? 177 LEU A CD1  1 ? 
ATOM   510  C CD2  . LEU A 1 41  ? 8.849   -1.486  9.709   1 36.408  ? 177 LEU A CD2  1 ? 
ATOM   511  H H    . LEU A 1 41  ? 5.829   -3.109  10.905  1 35.171  ? 177 LEU A H    1 c 
ATOM   512  H HA   . LEU A 1 41  ? 7.582   -1.363  11.905  1 36.634  ? 177 LEU A HA   1 c 
ATOM   513  H HB2  . LEU A 1 41  ? 5.588   -0.877  9.929   1 34.62   ? 177 LEU A HB2  1 c 
ATOM   514  H HB3  . LEU A 1 41  ? 6.741   0.179   10.261  1 34.647  ? 177 LEU A HB3  1 c 
ATOM   515  H HG   . LEU A 1 41  ? 7.126   -2.383  9.097   1 33.379  ? 177 LEU A HG   1 c 
ATOM   516  H HD11 . LEU A 1 41  ? 6.364   -0.785  7.584   1 32.566  ? 177 LEU A HD11 1 c 
ATOM   517  H HD12 . LEU A 1 41  ? 7.847   -1.211  7.215   1 32.577  ? 177 LEU A HD12 1 c 
ATOM   518  H HD13 . LEU A 1 41  ? 7.578   0.168   7.952   1 32.566  ? 177 LEU A HD13 1 c 
ATOM   519  H HD21 . LEU A 1 41  ? 8.976   -2.261  10.282  1 34.888  ? 177 LEU A HD21 1 c 
ATOM   520  H HD22 . LEU A 1 41  ? 9.047   -0.676  10.209  1 34.891  ? 177 LEU A HD22 1 c 
ATOM   521  H HD23 . LEU A 1 41  ? 9.455   -1.548  8.951   1 34.853  ? 177 LEU A HD23 1 c 
ATOM   522  N N    . ASP A 1 42  ? 4.581   -0.491  12.701  1 40.974  ? 178 ASP A N    1 ? 
ATOM   523  C CA   . ASP A 1 42  ? 3.823   0.388   13.587  1 44.664  ? 178 ASP A CA   1 ? 
ATOM   524  C C    . ASP A 1 42  ? 4.055   0.021   15.050  1 48.825  ? 178 ASP A C    1 ? 
ATOM   525  O O    . ASP A 1 42  ? 3.940   0.912   15.893  1 49.495  ? 178 ASP A O    1 ? 
ATOM   526  C CB   . ASP A 1 42  ? 2.346   0.460   13.226  1 41.032  ? 178 ASP A CB   1 ? 
ATOM   527  C CG   . ASP A 1 42  ? 2.049   1.159   11.895  1 51.698  ? 178 ASP A CG   1 ? 
ATOM   528  O OD1  . ASP A 1 42  ? 2.951   1.867   11.358  1 64.727  ? 178 ASP A OD1  1 ? 
ATOM   529  O OD2  . ASP A 1 42  ? 0.941   0.966   11.351  1 43.687  ? 178 ASP A OD2  1 ? 
ATOM   530  H H    . ASP A 1 42  ? 4.125   -1.081  12.173  1 41.798  ? 178 ASP A H    1 c 
ATOM   531  H HA   . ASP A 1 42  ? 4.165   1.302   13.469  1 44.104  ? 178 ASP A HA   1 c 
ATOM   532  H HB2  . ASP A 1 42  ? 1.988   -0.451  13.181  1 44.106  ? 178 ASP A HB2  1 c 
ATOM   533  H HB3  . ASP A 1 42  ? 1.867   0.939   13.934  1 44.127  ? 178 ASP A HB3  1 c 
ATOM   534  N N    . ALA A 1 43  ? 4.405   -1.251  15.333  1 45.137  ? 179 ALA A N    1 ? 
ATOM   535  C CA   . ALA A 1 43  ? 4.795   -1.701  16.675  1 51.339  ? 179 ALA A CA   1 ? 
ATOM   536  C C    . ALA A 1 43  ? 6.239   -1.322  17.026  1 54.463  ? 179 ALA A C    1 ? 
ATOM   537  O O    . ALA A 1 43  ? 6.712   -1.676  18.104  1 58.74   ? 179 ALA A O    1 ? 
ATOM   538  C CB   . ALA A 1 43  ? 4.597   -3.212  16.819  1 46.263  ? 179 ALA A CB   1 ? 
ATOM   539  H H    . ALA A 1 43  ? 4.365   -1.878  14.671  1 47.238  ? 179 ALA A H    1 c 
ATOM   540  H HA   . ALA A 1 43  ? 4.199   -1.249  17.334  1 49.66   ? 179 ALA A HA   1 c 
ATOM   541  H HB1  . ALA A 1 43  ? 3.692   -3.449  16.556  1 47.71   ? 179 ALA A HB1  1 c 
ATOM   542  H HB2  . ALA A 1 43  ? 5.229   -3.681  16.250  1 47.71   ? 179 ALA A HB2  1 c 
ATOM   543  H HB3  . ALA A 1 43  ? 4.740   -3.475  17.744  1 47.75   ? 179 ALA A HB3  1 c 
ATOM   544  N N    . GLY A 1 44  ? 6.960   -0.683  16.100  1 50.783  ? 180 GLY A N    1 ? 
ATOM   545  C CA   . GLY A 1 44  ? 8.266   -0.099  16.346  1 54.074  ? 180 GLY A CA   1 ? 
ATOM   546  C C    . GLY A 1 44  ? 9.428   -1.017  15.965  1 57.937  ? 180 GLY A C    1 ? 
ATOM   547  O O    . GLY A 1 44  ? 10.561  -0.659  16.231  1 50.627  ? 180 GLY A O    1 ? 
ATOM   548  H H    . GLY A 1 44  ? 6.661   -0.668  15.242  1 52.223  ? 180 GLY A H    1 c 
ATOM   549  H HA2  . GLY A 1 44  ? 8.336   0.735   15.826  1 54.101  ? 180 GLY A HA2  1 c 
ATOM   550  H HA3  . GLY A 1 44  ? 8.342   0.143   17.300  1 54.124  ? 180 GLY A HA3  1 c 
ATOM   551  N N    . GLU A 1 45  ? 9.198   -2.150  15.286  1 54.337  ? 181 GLU A N    1 ? 
ATOM   552  C CA   . GLU A 1 45  ? 10.296  -3.021  14.870  1 54.138  ? 181 GLU A CA   1 ? 
ATOM   553  C C    . GLU A 1 45  ? 11.162  -2.382  13.779  1 56.526  ? 181 GLU A C    1 ? 
ATOM   554  O O    . GLU A 1 45  ? 10.682  -1.627  12.933  1 53.33   ? 181 GLU A O    1 ? 
ATOM   555  C CB   . GLU A 1 45  ? 9.843   -4.375  14.332  1 58.955  ? 181 GLU A CB   1 ? 
ATOM   556  C CG   . GLU A 1 45  ? 9.514   -5.351  15.453  1 68.548  ? 181 GLU A CG   1 ? 
ATOM   557  C CD   . GLU A 1 45  ? 9.119   -6.710  14.905  1 82.9    ? 181 GLU A CD   1 ? 
ATOM   558  O OE1  . GLU A 1 45  ? 9.896   -7.290  14.103  1 96.621  ? 181 GLU A OE1  1 ? 
ATOM   559  O OE2  . GLU A 1 45  ? 8.014   -7.176  15.271  1 77.412  ? 181 GLU A OE2  1 ? 
ATOM   560  H H    . GLU A 1 45  ? 8.345   -2.391  15.068  1 55.153  ? 181 GLU A H    1 c 
ATOM   561  H HA   . GLU A 1 45  ? 10.866  -3.190  15.663  1 55.594  ? 181 GLU A HA   1 c 
ATOM   562  H HB2  . GLU A 1 45  ? 9.058   -4.248  13.762  1 59.737  ? 181 GLU A HB2  1 c 
ATOM   563  H HB3  . GLU A 1 45  ? 10.556  -4.759  13.780  1 59.968  ? 181 GLU A HB3  1 c 
ATOM   564  H HG2  . GLU A 1 45  ? 10.296  -5.459  16.035  1 69.107  ? 181 GLU A HG2  1 c 
ATOM   565  H HG3  . GLU A 1 45  ? 8.775   -4.994  15.991  1 69.22   ? 181 GLU A HG3  1 c 
ATOM   566  N N    . GLU A 1 46  ? 12.461  -2.710  13.811  1 54.005  ? 182 GLU A N    1 ? 
ATOM   567  C CA   . GLU A 1 46  ? 13.419  -2.113  12.899  1 62.591  ? 182 GLU A CA   1 ? 
ATOM   568  C C    . GLU A 1 46  ? 13.503  -2.990  11.656  1 50.373  ? 182 GLU A C    1 ? 
ATOM   569  O O    . GLU A 1 46  ? 13.316  -4.196  11.704  1 54.147  ? 182 GLU A O    1 ? 
ATOM   570  C CB   . GLU A 1 46  ? 14.768  -1.812  13.560  1 76.571  ? 182 GLU A CB   1 ? 
ATOM   571  C CG   . GLU A 1 46  ? 14.806  -0.429  14.213  1 80.536  ? 182 GLU A CG   1 ? 
ATOM   572  C CD   . GLU A 1 46  ? 16.186  0.078   14.578  1 91.701  ? 182 GLU A CD   1 ? 
ATOM   573  O OE1  . GLU A 1 46  ? 17.155  -0.719  14.574  1 98.384  ? 182 GLU A OE1  1 ? 
ATOM   574  O OE2  . GLU A 1 46  ? 16.287  1.295   14.852  1 93.959  ? 182 GLU A OE2  1 ? 
ATOM   575  H H    . GLU A 1 46  ? 12.757  -3.337  14.408  1 56.545  ? 182 GLU A H    1 c 
ATOM   576  H HA   . GLU A 1 46  ? 13.055  -1.237  12.616  1 60.698  ? 182 GLU A HA   1 c 
ATOM   577  H HB2  . GLU A 1 46  ? 14.952  -2.495  14.238  1 73.84   ? 182 GLU A HB2  1 c 
ATOM   578  H HB3  . GLU A 1 46  ? 15.473  -1.866  12.881  1 73.905  ? 182 GLU A HB3  1 c 
ATOM   579  H HG2  . GLU A 1 46  ? 14.396  0.223   13.606  1 81.868  ? 182 GLU A HG2  1 c 
ATOM   580  H HG3  . GLU A 1 46  ? 14.259  -0.450  15.028  1 82.008  ? 182 GLU A HG3  1 c 
ATOM   581  N N    . ALA A 1 47  ? 13.730  -2.321  10.537  1 51.685  ? 183 ALA A N    1 ? 
ATOM   582  C CA   . ALA A 1 47  ? 13.785  -2.937  9.233   1 45.254  ? 183 ALA A CA   1 ? 
ATOM   583  C C    . ALA A 1 47  ? 14.356  -1.900  8.300   1 40.828  ? 183 ALA A C    1 ? 
ATOM   584  O O    . ALA A 1 47  ? 14.316  -0.722  8.629   1 47.112  ? 183 ALA A O    1 ? 
ATOM   585  C CB   . ALA A 1 47  ? 12.381  -3.320  8.822   1 45.33   ? 183 ALA A CB   1 ? 
ATOM   586  H H    . ALA A 1 47  ? 13.868  -1.419  10.590  1 49.926  ? 183 ALA A H    1 c 
ATOM   587  H HA   . ALA A 1 47  ? 14.381  -3.735  9.259   1 45.622  ? 183 ALA A HA   1 c 
ATOM   588  H HB1  . ALA A 1 47  ? 12.099  -4.108  9.316   1 45.347  ? 183 ALA A HB1  1 c 
ATOM   589  H HB2  . ALA A 1 47  ? 11.773  -2.587  9.015   1 45.346  ? 183 ALA A HB2  1 c 
ATOM   590  H HB3  . ALA A 1 47  ? 12.356  -3.512  7.873   1 45.296  ? 183 ALA A HB3  1 c 
ATOM   591  N N    . THR A 1 48  ? 14.803  -2.315  7.126   1 40.97   ? 184 THR A N    1 ? 
ATOM   592  C CA   . THR A 1 48  ? 15.163  -1.378  6.075   1 43.929  ? 184 THR A CA   1 ? 
ATOM   593  C C    . THR A 1 48  ? 13.894  -0.927  5.329   1 42.344  ? 184 THR A C    1 ? 
ATOM   594  O O    . THR A 1 48  ? 13.909  0.139   4.731   1 41.298  ? 184 THR A O    1 ? 
ATOM   595  C CB   . THR A 1 48  ? 16.194  -1.985  5.123   1 51.324  ? 184 THR A CB   1 ? 
ATOM   596  O OG1  . THR A 1 48  ? 15.598  -3.007  4.347   1 62.441  ? 184 THR A OG1  1 ? 
ATOM   597  C CG2  . THR A 1 48  ? 17.335  -2.665  5.849   1 53.763  ? 184 THR A CG2  1 ? 
ATOM   598  H H    . THR A 1 48  ? 14.873  -3.210  6.967   1 41.843  ? 184 THR A H    1 c 
ATOM   599  H HA   . THR A 1 48  ? 15.574  -0.587  6.487   1 44.306  ? 184 THR A HA   1 c 
ATOM   600  H HB   . THR A 1 48  ? 16.553  -1.286  4.526   1 52.302  ? 184 THR A HB   1 c 
ATOM   601  H HG1  . THR A 1 48  ? 15.272  -3.621  4.865   0 61.5    ? 184 THR A HG1  1 c 
ATOM   602  H HG21 . THR A 1 48  ? 18.088  -2.771  5.243   1 53.004  ? 184 THR A HG21 1 c 
ATOM   603  H HG22 . THR A 1 48  ? 17.052  -3.539  6.165   1 52.929  ? 184 THR A HG22 1 c 
ATOM   604  H HG23 . THR A 1 48  ? 17.607  -2.120  6.608   1 53.004  ? 184 THR A HG23 1 c 
ATOM   605  N N    . THR A 1 49  ? 12.829  -1.770  5.308   1 39.726  ? 185 THR A N    1 ? 
ATOM   606  C CA   . THR A 1 49  ? 11.581  -1.374  4.679   1 36.93   ? 185 THR A CA   1 ? 
ATOM   607  C C    . THR A 1 49  ? 10.996  -0.177  5.447   1 30.557  ? 185 THR A C    1 ? 
ATOM   608  O O    . THR A 1 49  ? 10.997  -0.219  6.675   1 34.645  ? 185 THR A O    1 ? 
ATOM   609  C CB   . THR A 1 49  ? 10.570  -2.527  4.684   1 35.542  ? 185 THR A CB   1 ? 
ATOM   610  O OG1  . THR A 1 49  ? 11.192  -3.679  4.140   1 43.189  ? 185 THR A OG1  1 ? 
ATOM   611  C CG2  . THR A 1 49  ? 9.390   -2.167  3.818   1 36.503  ? 185 THR A CG2  1 ? 
ATOM   612  H H    . THR A 1 49  ? 12.895  -2.610  5.664   1 39.655  ? 185 THR A H    1 c 
ATOM   613  H HA   . THR A 1 49  ? 11.767  -1.117  3.755   1 36.008  ? 185 THR A HA   1 c 
ATOM   614  H HB   . THR A 1 49  ? 10.268  -2.715  5.605   1 37.328  ? 185 THR A HB   1 c 
ATOM   615  H HG1  . THR A 1 49  ? 11.444  -3.538  3.384   0 42.75   ? 185 THR A HG1  1 c 
ATOM   616  H HG21 . THR A 1 49  ? 8.812   -2.939  3.728   1 36.111  ? 185 THR A HG21 1 c 
ATOM   617  H HG22 . THR A 1 49  ? 9.701   -1.892  2.939   1 36.175  ? 185 THR A HG22 1 c 
ATOM   618  H HG23 . THR A 1 49  ? 8.891   -1.441  4.226   1 36.117  ? 185 THR A HG23 1 c 
ATOM   619  N N    . THR A 1 50  ? 10.388  0.770   4.714   1 31.572  ? 186 THR A N    1 ? 
ATOM   620  C CA   . THR A 1 50  ? 9.738   1.932   5.302   1 34.058  ? 186 THR A CA   1 ? 
ATOM   621  C C    . THR A 1 50  ? 8.223   1.804   5.231   1 32.617  ? 186 THR A C    1 ? 
ATOM   622  O O    . THR A 1 50  ? 7.710   1.109   4.357   1 29.924  ? 186 THR A O    1 ? 
ATOM   623  C CB   . THR A 1 50  ? 10.231  3.190   4.596   1 37.231  ? 186 THR A CB   1 ? 
ATOM   624  O OG1  . THR A 1 50  ? 9.600   3.170   3.322   1 35.023  ? 186 THR A OG1  1 ? 
ATOM   625  C CG2  . THR A 1 50  ? 11.756  3.235   4.541   1 44.306  ? 186 THR A CG2  1 ? 
ATOM   626  H H    . THR A 1 50  ? 10.375  0.686   3.803   1 31.934  ? 186 THR A H    1 c 
ATOM   627  H HA   . THR A 1 50  ? 9.998   1.996   6.241   1 34.002  ? 186 THR A HA   1 c 
ATOM   628  H HB   . THR A 1 50  ? 9.917   3.981   5.095   1 37.693  ? 186 THR A HB   1 c 
ATOM   629  H HG1  . THR A 1 50  ? 9.868   2.454   2.889   0 35.4    ? 186 THR A HG1  1 c 
ATOM   630  H HG21 . THR A 1 50  ? 12.061  4.155   4.557   1 42.309  ? 186 THR A HG21 1 c 
ATOM   631  H HG22 . THR A 1 50  ? 12.064  2.806   3.723   1 42.123  ? 186 THR A HG22 1 c 
ATOM   632  H HG23 . THR A 1 50  ? 12.125  2.764   5.309   1 42.034  ? 186 THR A HG23 1 c 
ATOM   633  N N    . LYS A 1 51  ? 7.512   2.562   6.091   1 31.123  ? 187 LYS A N    1 ? 
ATOM   634  C CA   . LYS A 1 51  ? 6.063   2.577   6.083   1 32.479  ? 187 LYS A CA   1 ? 
ATOM   635  C C    . LYS A 1 51  ? 5.539   3.030   4.723   1 30.993  ? 187 LYS A C    1 ? 
ATOM   636  O O    . LYS A 1 51  ? 4.546   2.516   4.225   1 27.097  ? 187 LYS A O    1 ? 
ATOM   637  C CB   . LYS A 1 51  ? 5.492   3.446   7.189   1 37.819  ? 187 LYS A CB   1 ? 
ATOM   638  C CG   . LYS A 1 51  ? 5.811   2.905   8.568   1 36.842  ? 187 LYS A CG   1 ? 
ATOM   639  C CD   . LYS A 1 51  ? 5.445   3.935   9.619   1 42.502  ? 187 LYS A CD   1 ? 
ATOM   640  C CE   . LYS A 1 51  ? 5.876   3.473   10.974  1 51.497  ? 187 LYS A CE   1 ? 
ATOM   641  N NZ   . LYS A 1 51  ? 5.535   4.514   11.944  1 62.419  ? 187 LYS A NZ   1 ? 
ATOM   642  H H    . LYS A 1 51  ? 7.956   3.102   6.681   1 31.915  ? 187 LYS A H    1 c 
ATOM   643  H HA   . LYS A 1 51  ? 5.751   1.649   6.237   1 32.85   ? 187 LYS A HA   1 c 
ATOM   644  H HB2  . LYS A 1 51  ? 5.859   4.352   7.107   1 36.378  ? 187 LYS A HB2  1 c 
ATOM   645  H HB3  . LYS A 1 51  ? 4.518   3.502   7.088   1 36.296  ? 187 LYS A HB3  1 c 
ATOM   646  H HG2  . LYS A 1 51  ? 5.298   2.081   8.721   1 38.27   ? 187 LYS A HG2  1 c 
ATOM   647  H HG3  . LYS A 1 51  ? 6.767   2.698   8.632   1 38.2    ? 187 LYS A HG3  1 c 
ATOM   648  H HD2  . LYS A 1 51  ? 5.884   4.788   9.412   1 43.073  ? 187 LYS A HD2  1 c 
ATOM   649  H HD3  . LYS A 1 51  ? 4.476   4.073   9.617   1 43.096  ? 187 LYS A HD3  1 c 
ATOM   650  H HE2  . LYS A 1 51  ? 5.437   2.640   11.214  1 51.654  ? 187 LYS A HE2  1 c 
ATOM   651  H HE3  . LYS A 1 51  ? 6.841   3.329   10.984  1 51.596  ? 187 LYS A HE3  1 c 
ATOM   652  H HZ1  . LYS A 1 51  ? 4.641   4.671   11.932  1 58.538  ? 187 LYS A HZ1  1 c 
ATOM   653  H HZ2  . LYS A 1 51  ? 5.975   5.282   11.746  1 58.538  ? 187 LYS A HZ2  1 c 
ATOM   654  H HZ3  . LYS A 1 51  ? 5.774   4.245   12.775  1 58.717  ? 187 LYS A HZ3  1 c 
ATOM   655  N N    . SER A 1 52  ? 6.206   4.013   4.106   1 31.338  ? 188 SER A N    1 ? 
ATOM   656  C CA   . SER A 1 52  ? 5.833   4.500   2.791   1 31.89   ? 188 SER A CA   1 ? 
ATOM   657  C C    . SER A 1 52  ? 5.856   3.376   1.763   1 28.118  ? 188 SER A C    1 ? 
ATOM   658  O O    . SER A 1 52  ? 4.896   3.242   1.022   1 28.517  ? 188 SER A O    1 ? 
ATOM   659  C CB   . SER A 1 52  ? 6.772   5.650   2.331   1 36.767  ? 188 SER A CB   1 ? 
ATOM   660  O OG   . SER A 1 52  ? 6.667   5.834   0.919   1 41.98   ? 188 SER A OG   1 ? 
ATOM   661  H H    . SER A 1 52  ? 6.903   4.419   4.536   1 31.457  ? 188 SER A H    1 c 
ATOM   662  H HA   . SER A 1 52  ? 4.909   4.855   2.846   1 31.836  ? 188 SER A HA   1 c 
ATOM   663  H HB2  . SER A 1 52  ? 6.527   6.476   2.790   1 36.809  ? 188 SER A HB2  1 c 
ATOM   664  H HB3  . SER A 1 52  ? 7.693   5.427   2.562   1 36.886  ? 188 SER A HB3  1 c 
ATOM   665  H HG   . SER A 1 52  ? 7.164   6.465   0.676   0 42.18   ? 188 SER A HG   1 c 
ATOM   666  N N    . GLN A 1 53  ? 6.910   2.556   1.745   1 32.322  ? 189 GLN A N    1 ? 
ATOM   667  C CA   . GLN A 1 53  ? 6.984   1.456   0.787   1 33.379  ? 189 GLN A CA   1 ? 
ATOM   668  C C    . GLN A 1 53  ? 5.827   0.476   0.964   1 29.018  ? 189 GLN A C    1 ? 
ATOM   669  O O    . GLN A 1 53  ? 5.135   0.127   0.014   1 30.106  ? 189 GLN A O    1 ? 
ATOM   670  C CB   . GLN A 1 53  ? 8.270   0.679   0.976   1 36.54   ? 189 GLN A CB   1 ? 
ATOM   671  C CG   . GLN A 1 53  ? 9.456   1.350   0.317   1 40.863  ? 189 GLN A CG   1 ? 
ATOM   672  C CD   . GLN A 1 53  ? 10.688  0.526   0.628   1 52.206  ? 189 GLN A CD   1 ? 
ATOM   673  O OE1  . GLN A 1 53  ? 11.121  0.405   1.792   1 49.554  ? 189 GLN A OE1  1 ? 
ATOM   674  N NE2  . GLN A 1 53  ? 11.167  -0.152  -0.402  1 53.554  ? 189 GLN A NE2  1 ? 
ATOM   675  H H    . GLN A 1 53  ? 7.606   2.695   2.321   1 31.56   ? 189 GLN A H    1 c 
ATOM   676  H HA   . GLN A 1 53  ? 6.953   1.831   -0.129  1 32.913  ? 189 GLN A HA   1 c 
ATOM   677  H HB2  . GLN A 1 53  ? 8.446   0.573   1.931   1 36.772  ? 189 GLN A HB2  1 c 
ATOM   678  H HB3  . GLN A 1 53  ? 8.165   -0.218  0.591   1 36.751  ? 189 GLN A HB3  1 c 
ATOM   679  H HG2  . GLN A 1 53  ? 9.314   1.411   -0.650  1 42.3    ? 189 GLN A HG2  1 c 
ATOM   680  H HG3  . GLN A 1 53  ? 9.564   2.259   0.673   1 42.161  ? 189 GLN A HG3  1 c 
ATOM   681  H HE21 . GLN A 1 53  ? 12.043  -0.187  -0.537  1 53.09   ? 189 GLN A HE21 1 c 
ATOM   682  H HE22 . GLN A 1 53  ? 10.614  -0.574  -0.953  1 52.942  ? 189 GLN A HE22 1 c 
ATOM   683  N N    . VAL A 1 54  ? 5.589   0.116   2.203   1 25.697  ? 190 VAL A N    1 ? 
ATOM   684  C CA   . VAL A 1 54  ? 4.505   -0.812  2.514   1 27.52   ? 190 VAL A CA   1 ? 
ATOM   685  C C    . VAL A 1 54  ? 3.147   -0.245  2.091   1 26.699  ? 190 VAL A C    1 ? 
ATOM   686  O O    . VAL A 1 54  ? 2.345   -0.913  1.414   1 29.78   ? 190 VAL A O    1 ? 
ATOM   687  C CB   . VAL A 1 54  ? 4.526   -1.190  4.001   1 28.777  ? 190 VAL A CB   1 ? 
ATOM   688  C CG1  . VAL A 1 54  ? 3.413   -2.188  4.324   1 31.562  ? 190 VAL A CG1  1 ? 
ATOM   689  C CG2  . VAL A 1 54  ? 5.873   -1.747  4.412   1 35.798  ? 190 VAL A CG2  1 ? 
ATOM   690  H H    . VAL A 1 54  ? 6.065   0.494   2.886   1 27.048  ? 190 VAL A H    1 c 
ATOM   691  H HA   . VAL A 1 54  ? 4.659   -1.628  1.999   1 27.27   ? 190 VAL A HA   1 c 
ATOM   692  H HB   . VAL A 1 54  ? 4.362   -0.367  4.517   1 30.246  ? 190 VAL A HB   1 c 
ATOM   693  H HG11 . VAL A 1 54  ? 3.311   -2.809  3.584   1 30.634  ? 190 VAL A HG11 1 c 
ATOM   694  H HG12 . VAL A 1 54  ? 2.577   -1.713  4.465   1 30.684  ? 190 VAL A HG12 1 c 
ATOM   695  H HG13 . VAL A 1 54  ? 3.640   -2.682  5.130   1 30.721  ? 190 VAL A HG13 1 c 
ATOM   696  H HG21 . VAL A 1 54  ? 5.984   -1.634  5.370   1 33.489  ? 190 VAL A HG21 1 c 
ATOM   697  H HG22 . VAL A 1 54  ? 6.589   -1.287  3.957   1 33.393  ? 190 VAL A HG22 1 c 
ATOM   698  H HG23 . VAL A 1 54  ? 5.911   -2.692  4.189   1 33.483  ? 190 VAL A HG23 1 c 
ATOM   699  N N    . LEU A 1 55  ? 2.857   1.010   2.454   1 26.267  ? 191 LEU A N    1 ? 
ATOM   700  C CA   . LEU A 1 55  ? 1.602   1.627   2.086   1 23.966  ? 191 LEU A CA   1 ? 
ATOM   701  C C    . LEU A 1 55  ? 1.376   1.723   0.579   1 23.494  ? 191 LEU A C    1 ? 
ATOM   702  O O    . LEU A 1 55  ? 0.267   1.710   0.093   1 25.922  ? 191 LEU A O    1 ? 
ATOM   703  C CB   . LEU A 1 55  ? 1.475   2.987   2.765   1 25.091  ? 191 LEU A CB   1 ? 
ATOM   704  C CG   . LEU A 1 55  ? 1.316   2.988   4.274   1 25.844  ? 191 LEU A CG   1 ? 
ATOM   705  C CD1  . LEU A 1 55  ? 1.589   4.317   4.902   1 28.482  ? 191 LEU A CD1  1 ? 
ATOM   706  C CD2  . LEU A 1 55  ? -0.097  2.445   4.671   1 28.58   ? 191 LEU A CD2  1 ? 
ATOM   707  H H    . LEU A 1 55  ? 3.456   1.486   2.955   1 25.826  ? 191 LEU A H    1 c 
ATOM   708  H HA   . LEU A 1 55  ? 0.883   1.045   2.437   1 24.581  ? 191 LEU A HA   1 c 
ATOM   709  H HB2  . LEU A 1 55  ? 2.274   3.517   2.537   1 25.023  ? 191 LEU A HB2  1 c 
ATOM   710  H HB3  . LEU A 1 55  ? 0.701   3.455   2.373   1 25.012  ? 191 LEU A HB3  1 c 
ATOM   711  H HG   . LEU A 1 55  ? 1.978   2.352   4.645   1 26.668  ? 191 LEU A HG   1 c 
ATOM   712  H HD11 . LEU A 1 55  ? 2.497   4.594   4.696   1 27.664  ? 191 LEU A HD11 1 c 
ATOM   713  H HD12 . LEU A 1 55  ? 1.483   4.250   5.865   1 27.664  ? 191 LEU A HD12 1 c 
ATOM   714  H HD13 . LEU A 1 55  ? 0.964   4.976   4.554   1 27.664  ? 191 LEU A HD13 1 c 
ATOM   715  H HD21 . LEU A 1 55  ? -0.131  1.486   4.521   1 27.737  ? 191 LEU A HD21 1 c 
ATOM   716  H HD22 . LEU A 1 55  ? -0.777  2.881   4.132   1 27.74   ? 191 LEU A HD22 1 c 
ATOM   717  H HD23 . LEU A 1 55  ? -0.263  2.630   5.611   1 27.754  ? 191 LEU A HD23 1 c 
ATOM   718  N N    . ASP A 1 56  ? 2.429   1.913   -0.205  1 26.586  ? 192 ASP A N    1 ? 
ATOM   719  C CA   . ASP A 1 56  ? 2.303   2.013   -1.649  1 27.031  ? 192 ASP A CA   1 ? 
ATOM   720  C C    . ASP A 1 56  ? 1.769   0.695   -2.262  1 27.929  ? 192 ASP A C    1 ? 
ATOM   721  O O    . ASP A 1 56  ? 0.808   0.674   -3.054  1 28.388  ? 192 ASP A O    1 ? 
ATOM   722  C CB   . ASP A 1 56  ? 3.700   2.309   -2.148  1 28.51   ? 192 ASP A CB   1 ? 
ATOM   723  C CG   . ASP A 1 56  ? 3.848   2.738   -3.595  1 36.612  ? 192 ASP A CG   1 ? 
ATOM   724  O OD1  . ASP A 1 56  ? 2.838   2.882   -4.285  1 37.049  ? 192 ASP A OD1  1 ? 
ATOM   725  O OD2  . ASP A 1 56  ? 5.009   2.960   -3.975  1 35.019  ? 192 ASP A OD2  1 ? 
ATOM   726  H H    . ASP A 1 56  ? 3.257   1.985   0.173   1 25.952  ? 192 ASP A H    1 c 
ATOM   727  H HA   . ASP A 1 56  ? 1.696   2.754   -1.871  1 27.428  ? 192 ASP A HA   1 c 
ATOM   728  H HB2  . ASP A 1 56  ? 4.089   3.034   -1.616  1 29.821  ? 192 ASP A HB2  1 c 
ATOM   729  H HB3  . ASP A 1 56  ? 4.259   1.516   -2.025  1 29.803  ? 192 ASP A HB3  1 c 
ATOM   730  N N    . TYR A 1 57  ? 2.350   -0.440  -1.836  1 25.685  ? 193 TYR A N    1 ? 
ATOM   731  C CA   . TYR A 1 57  ? 1.862   -1.755  -2.270  1 27.738  ? 193 TYR A CA   1 ? 
ATOM   732  C C    . TYR A 1 57  ? 0.471   -2.016  -1.707  1 26.518  ? 193 TYR A C    1 ? 
ATOM   733  O O    . TYR A 1 57  ? -0.396  -2.494  -2.432  1 25.565  ? 193 TYR A O    1 ? 
ATOM   734  C CB   . TYR A 1 57  ? 2.757   -2.895  -1.777  1 26.924  ? 193 TYR A CB   1 ? 
ATOM   735  C CG   . TYR A 1 57  ? 4.011   -3.013  -2.621  1 27.549  ? 193 TYR A CG   1 ? 
ATOM   736  C CD1  . TYR A 1 57  ? 4.019   -3.760  -3.805  1 30.021  ? 193 TYR A CD1  1 ? 
ATOM   737  C CD2  . TYR A 1 57  ? 5.148   -2.281  -2.280  1 28.748  ? 193 TYR A CD2  1 ? 
ATOM   738  C CE1  . TYR A 1 57  ? 5.167   -3.810  -4.578  1 28.98   ? 193 TYR A CE1  1 ? 
ATOM   739  C CE2  . TYR A 1 57  ? 6.276   -2.283  -3.079  1 29.35   ? 193 TYR A CE2  1 ? 
ATOM   740  C CZ   . TYR A 1 57  ? 6.274   -3.053  -4.230  1 34.515  ? 193 TYR A CZ   1 ? 
ATOM   741  O OH   . TYR A 1 57  ? 7.426   -3.121  -4.936  1 35.263  ? 193 TYR A OH   1 ? 
ATOM   742  H H    . TYR A 1 57  ? 3.073   -0.400  -1.278  1 26.688  ? 193 TYR A H    1 c 
ATOM   743  H HA   . TYR A 1 57  ? 1.822   -1.778  -3.263  1 26.971  ? 193 TYR A HA   1 c 
ATOM   744  H HB2  . TYR A 1 57  ? 3.008   -2.725  -0.842  1 27.243  ? 193 TYR A HB2  1 c 
ATOM   745  H HB3  . TYR A 1 57  ? 2.260   -3.743  -1.821  1 27.243  ? 193 TYR A HB3  1 c 
ATOM   746  H HD1  . TYR A 1 57  ? 3.259   -4.258  -4.052  1 29.22   ? 193 TYR A HD1  1 c 
ATOM   747  H HD2  . TYR A 1 57  ? 5.131   -1.743  -1.513  1 28.664  ? 193 TYR A HD2  1 c 
ATOM   748  H HE1  . TYR A 1 57  ? 5.187   -4.329  -5.357  1 30.425  ? 193 TYR A HE1  1 c 
ATOM   749  H HE2  . TYR A 1 57  ? 7.049   -1.813  -2.818  1 30.318  ? 193 TYR A HE2  1 c 
ATOM   750  H HH   . TYR A 1 57  ? 7.342   -3.674  -5.584  0 35.57   ? 193 TYR A HH   1 c 
ATOM   751  N N    . LEU A 1 58  ? 0.296   -1.749  -0.407  1 25.316  ? 194 LEU A N    1 ? 
ATOM   752  C CA   . LEU A 1 58  ? -0.934  -2.067  0.312   1 27.808  ? 194 LEU A CA   1 ? 
ATOM   753  C C    . LEU A 1 58  ? -2.133  -1.313  -0.249  1 29.708  ? 194 LEU A C    1 ? 
ATOM   754  O O    . LEU A 1 58  ? -3.183  -1.907  -0.511  1 25.69   ? 194 LEU A O    1 ? 
ATOM   755  C CB   . LEU A 1 58  ? -0.752  -1.859  1.815   1 26.229  ? 194 LEU A CB   1 ? 
ATOM   756  C CG   . LEU A 1 58  ? -1.941  -2.214  2.710   1 27.944  ? 194 LEU A CG   1 ? 
ATOM   757  C CD1  . LEU A 1 58  ? -2.400  -3.665  2.521   1 27.519  ? 194 LEU A CD1  1 ? 
ATOM   758  C CD2  . LEU A 1 58  ? -1.597  -1.979  4.165   1 31.76   ? 194 LEU A CD2  1 ? 
ATOM   759  H H    . LEU A 1 58  ? 0.979   -1.363  0.063   1 26.154  ? 194 LEU A H    1 c 
ATOM   760  H HA   . LEU A 1 58  ? -1.107  -3.030  0.156   1 27.339  ? 194 LEU A HA   1 c 
ATOM   761  H HB2  . LEU A 1 58  ? 0.023   -2.394  2.105   1 26.967  ? 194 LEU A HB2  1 c 
ATOM   762  H HB3  . LEU A 1 58  ? -0.524  -0.912  1.967   1 26.967  ? 194 LEU A HB3  1 c 
ATOM   763  H HG   . LEU A 1 58  ? -2.698  -1.620  2.480   1 28.21   ? 194 LEU A HG   1 c 
ATOM   764  H HD11 . LEU A 1 58  ? -2.821  -3.763  1.650   1 27.647  ? 194 LEU A HD11 1 c 
ATOM   765  H HD12 . LEU A 1 58  ? -3.040  -3.898  3.215   1 27.68   ? 194 LEU A HD12 1 c 
ATOM   766  H HD13 . LEU A 1 58  ? -1.634  -4.259  2.577   1 27.636  ? 194 LEU A HD13 1 c 
ATOM   767  H HD21 . LEU A 1 58  ? -1.327  -1.054  4.290   1 30.571  ? 194 LEU A HD21 1 c 
ATOM   768  H HD22 . LEU A 1 58  ? -0.868  -2.567  4.426   1 30.571  ? 194 LEU A HD22 1 c 
ATOM   769  H HD23 . LEU A 1 58  ? -2.375  -2.165  4.718   1 30.556  ? 194 LEU A HD23 1 c 
ATOM   770  N N    . SER A 1 59  ? -1.986  -0.010  -0.501  1 28.67   ? 195 SER A N    1 ? 
ATOM   771  C CA   . SER A 1 59  ? -3.088  0.777   -1.049  1 28.473  ? 195 SER A CA   1 ? 
ATOM   772  C C    . SER A 1 59  ? -3.548  0.267   -2.421  1 28.331  ? 195 SER A C    1 ? 
ATOM   773  O O    . SER A 1 59  ? -4.733  0.152   -2.690  1 25.692  ? 195 SER A O    1 ? 
ATOM   774  C CB   . SER A 1 59  ? -2.736  2.241   -1.114  1 29.084  ? 195 SER A CB   1 ? 
ATOM   775  O OG   . SER A 1 59  ? -1.564  2.490   -1.915  1 30.613  ? 195 SER A OG   1 ? 
ATOM   776  H H    . SER A 1 59  ? -1.193  0.405   -0.318  1 28.841  ? 195 SER A H    1 c 
ATOM   777  H HA   . SER A 1 59  ? -3.854  0.685   -0.427  1 28.589  ? 195 SER A HA   1 c 
ATOM   778  H HB2  . SER A 1 59  ? -3.490  2.734   -1.489  1 29.293  ? 195 SER A HB2  1 c 
ATOM   779  H HB3  . SER A 1 59  ? -2.581  2.572   -0.209  1 29.298  ? 195 SER A HB3  1 c 
ATOM   780  H HG   . SER A 1 59  ? -1.402  3.317   -1.918  0 30.66   ? 195 SER A HG   1 c 
ATOM   781  N N    . TYR A 1 60  ? -2.601  0.017   -3.326  1 26.532  ? 196 TYR A N    1 ? 
ATOM   782  C CA   . TYR A 1 60  ? -2.940  -0.469  -4.654  1 28.08   ? 196 TYR A CA   1 ? 
ATOM   783  C C    . TYR A 1 60  ? -3.614  -1.853  -4.599  1 28.086  ? 196 TYR A C    1 ? 
ATOM   784  O O    . TYR A 1 60  ? -4.625  -2.080  -5.251  1 26.709  ? 196 TYR A O    1 ? 
ATOM   785  C CB   . TYR A 1 60  ? -1.676  -0.473  -5.505  1 29.655  ? 196 TYR A CB   1 ? 
ATOM   786  C CG   . TYR A 1 60  ? -1.971  -0.916  -6.927  1 32.817  ? 196 TYR A CG   1 ? 
ATOM   787  C CD1  . TYR A 1 60  ? -1.943  -2.263  -7.282  1 34.42   ? 196 TYR A CD1  1 ? 
ATOM   788  C CD2  . TYR A 1 60  ? -2.212  0.015   -7.920  1 36.763  ? 196 TYR A CD2  1 ? 
ATOM   789  C CE1  . TYR A 1 60  ? -2.189  -2.676  -8.599  1 38.126  ? 196 TYR A CE1  1 ? 
ATOM   790  C CE2  . TYR A 1 60  ? -2.442  -0.371  -9.234  1 38.114  ? 196 TYR A CE2  1 ? 
ATOM   791  C CZ   . TYR A 1 60  ? -2.408  -1.714  -9.580  1 44.704  ? 196 TYR A CZ   1 ? 
ATOM   792  O OH   . TYR A 1 60  ? -2.658  -2.021  -10.881 1 45.694  ? 196 TYR A OH   1 ? 
ATOM   793  H H    . TYR A 1 60  ? -1.723  0.161   -3.117  1 27.328  ? 196 TYR A H    1 c 
ATOM   794  H HA   . TYR A 1 60  ? -3.581  0.171   -5.064  1 28.041  ? 196 TYR A HA   1 c 
ATOM   795  H HB2  . TYR A 1 60  ? -1.297  0.434   -5.517  1 29.972  ? 196 TYR A HB2  1 c 
ATOM   796  H HB3  . TYR A 1 60  ? -1.022  -1.085  -5.102  1 29.972  ? 196 TYR A HB3  1 c 
ATOM   797  H HD1  . TYR A 1 60  ? -1.783  -2.913  -6.618  1 34.877  ? 196 TYR A HD1  1 c 
ATOM   798  H HD2  . TYR A 1 60  ? -2.211  0.934   -7.702  1 36.133  ? 196 TYR A HD2  1 c 
ATOM   799  H HE1  . TYR A 1 60  ? -2.171  -3.590  -8.824  1 38.595  ? 196 TYR A HE1  1 c 
ATOM   800  H HE2  . TYR A 1 60  ? -2.604  0.279   -9.895  1 39.171  ? 196 TYR A HE2  1 c 
ATOM   801  H HH   . TYR A 1 60  ? -2.639  -2.872  -10.995 0 45.39   ? 196 TYR A HH   1 c 
ATOM   802  N N    . ALA A 1 61  ? -3.059  -2.757  -3.793  1 24.671  ? 197 ALA A N    1 ? 
ATOM   803  C CA   . ALA A 1 61  ? -3.594  -4.101  -3.647  1 25.621  ? 197 ALA A CA   1 ? 
ATOM   804  C C    . ALA A 1 61  ? -5.021  -4.081  -3.107  1 25.325  ? 197 ALA A C    1 ? 
ATOM   805  O O    . ALA A 1 61  ? -5.868  -4.795  -3.628  1 24.858  ? 197 ALA A O    1 ? 
ATOM   806  C CB   . ALA A 1 61  ? -2.699  -4.903  -2.781  1 26.877  ? 197 ALA A CB   1 ? 
ATOM   807  H H    . ALA A 1 61  ? -2.305  -2.536  -3.326  1 25.692  ? 197 ALA A H    1 c 
ATOM   808  H HA   . ALA A 1 61  ? -3.617  -4.517  -4.552  1 25.605  ? 197 ALA A HA   1 c 
ATOM   809  H HB1  . ALA A 1 61  ? -1.803  -4.913  -3.158  1 26.491  ? 197 ALA A HB1  1 c 
ATOM   810  H HB2  . ALA A 1 61  ? -2.668  -4.513  -1.891  1 26.491  ? 197 ALA A HB2  1 c 
ATOM   811  H HB3  . ALA A 1 61  ? -3.031  -5.814  -2.721  1 26.489  ? 197 ALA A HB3  1 c 
ATOM   812  N N    . VAL A 1 62  ? -5.273  -3.258  -2.090  1 26.228  ? 198 VAL A N    1 ? 
ATOM   813  C CA   . VAL A 1 62  ? -6.602  -3.128  -1.522  1 25.099  ? 198 VAL A CA   1 ? 
ATOM   814  C C    . VAL A 1 62  ? -7.586  -2.617  -2.571  1 25.386  ? 198 VAL A C    1 ? 
ATOM   815  O O    . VAL A 1 62  ? -8.728  -3.055  -2.635  1 26.584  ? 198 VAL A O    1 ? 
ATOM   816  C CB   . VAL A 1 62  ? -6.507  -2.214  -0.285  1 27.129  ? 198 VAL A CB   1 ? 
ATOM   817  C CG1  . VAL A 1 62  ? -7.820  -1.605  0.171   1 30.786  ? 198 VAL A CG1  1 ? 
ATOM   818  C CG2  . VAL A 1 62  ? -5.868  -2.936  0.877   1 30.31   ? 198 VAL A CG2  1 ? 
ATOM   819  H H    . VAL A 1 62  ? -4.584  -2.784  -1.718  1 25.773  ? 198 VAL A H    1 c 
ATOM   820  H HA   . VAL A 1 62  ? -6.897  -4.013  -1.232  1 25.753  ? 198 VAL A HA   1 c 
ATOM   821  H HB   . VAL A 1 62  ? -5.919  -1.460  -0.523  1 27.944  ? 198 VAL A HB   1 c 
ATOM   822  H HG11 . VAL A 1 62  ? -8.475  -2.309  0.307   1 29.662  ? 198 VAL A HG11 1 c 
ATOM   823  H HG12 . VAL A 1 62  ? -8.148  -0.980  -0.496  1 29.636  ? 198 VAL A HG12 1 c 
ATOM   824  H HG13 . VAL A 1 62  ? -7.677  -1.130  1.005   1 29.647  ? 198 VAL A HG13 1 c 
ATOM   825  H HG21 . VAL A 1 62  ? -5.672  -2.300  1.586   1 29.314  ? 198 VAL A HG21 1 c 
ATOM   826  H HG22 . VAL A 1 62  ? -5.046  -3.358  0.590   1 29.265  ? 198 VAL A HG22 1 c 
ATOM   827  H HG23 . VAL A 1 62  ? -6.479  -3.614  1.214   1 29.312  ? 198 VAL A HG23 1 c 
ATOM   828  N N    . PHE A 1 63  ? -7.178  -1.626  -3.361  1 24.554  ? 199 PHE A N    1 ? 
ATOM   829  C CA   . PHE A 1 63  ? -8.037  -1.137  -4.423  1 27.577  ? 199 PHE A CA   1 ? 
ATOM   830  C C    . PHE A 1 63  ? -8.348  -2.242  -5.440  1 30.711  ? 199 PHE A C    1 ? 
ATOM   831  O O    . PHE A 1 63  ? -9.487  -2.372  -5.867  1 29.174  ? 199 PHE A O    1 ? 
ATOM   832  C CB   . PHE A 1 63  ? -7.338  -0.006  -5.178  1 31.728  ? 199 PHE A CB   1 ? 
ATOM   833  C CG   . PHE A 1 63  ? -8.244  0.589   -6.245  1 33.657  ? 199 PHE A CG   1 ? 
ATOM   834  C CD1  . PHE A 1 63  ? -9.410  1.248   -5.872  1 39.638  ? 199 PHE A CD1  1 ? 
ATOM   835  C CD2  . PHE A 1 63  ? -7.932  0.456   -7.608  1 38.688  ? 199 PHE A CD2  1 ? 
ATOM   836  C CE1  . PHE A 1 63  ? -10.277 1.760   -6.842  1 43.88   ? 199 PHE A CE1  1 ? 
ATOM   837  C CE2  . PHE A 1 63  ? -8.812  0.966   -8.572  1 36.172  ? 199 PHE A CE2  1 ? 
ATOM   838  C CZ   . PHE A 1 63  ? -9.957  1.633   -8.183  1 36.624  ? 199 PHE A CZ   1 ? 
ATOM   839  H H    . PHE A 1 63  ? -6.366  -1.228  -3.225  1 25.448  ? 199 PHE A H    1 c 
ATOM   840  H HA   . PHE A 1 63  ? -8.885  -0.799  -4.030  1 28.234  ? 199 PHE A HA   1 c 
ATOM   841  H HB2  . PHE A 1 63  ? -7.084  0.696   -4.539  1 31.157  ? 199 PHE A HB2  1 c 
ATOM   842  H HB3  . PHE A 1 63  ? -6.525  -0.355  -5.601  1 31.193  ? 199 PHE A HB3  1 c 
ATOM   843  H HD1  . PHE A 1 63  ? -9.626  1.333   -4.957  1 38.994  ? 199 PHE A HD1  1 c 
ATOM   844  H HD2  . PHE A 1 63  ? -7.153  -0.007  -7.872  1 36.863  ? 199 PHE A HD2  1 c 
ATOM   845  H HE1  . PHE A 1 63  ? -11.060 2.218   -6.582  1 40.96   ? 199 PHE A HE1  1 c 
ATOM   846  H HE2  . PHE A 1 63  ? -8.604  0.883   -9.489  1 36.979  ? 199 PHE A HE2  1 c 
ATOM   847  H HZ   . PHE A 1 63  ? -10.537 1.988   -8.838  1 38.082  ? 199 PHE A HZ   1 c 
ATOM   848  N N    . GLN A 1 64  ? -7.359  -3.092  -5.777  1 29.54   ? 200 GLN A N    1 ? 
ATOM   849  C CA   . GLN A 1 64  ? -7.640  -4.246  -6.642  1 31.673  ? 200 GLN A CA   1 ? 
ATOM   850  C C    . GLN A 1 64  ? -8.643  -5.232  -6.030  1 35.616  ? 200 GLN A C    1 ? 
ATOM   851  O O    . GLN A 1 64  ? -9.400  -5.842  -6.752  1 37.785  ? 200 GLN A O    1 ? 
ATOM   852  C CB   . GLN A 1 64  ? -6.388  -5.031  -7.002  1 33.7    ? 200 GLN A CB   1 ? 
ATOM   853  C CG   . GLN A 1 64  ? -5.373  -4.187  -7.762  1 33.641  ? 200 GLN A CG   1 ? 
ATOM   854  C CD   . GLN A 1 64  ? -5.988  -3.475  -8.938  1 42.636  ? 200 GLN A CD   1 ? 
ATOM   855  O OE1  . GLN A 1 64  ? -6.798  -4.056  -9.657  1 40.523  ? 200 GLN A OE1  1 ? 
ATOM   856  N NE2  . GLN A 1 64  ? -5.657  -2.206  -9.115  1 49.694  ? 200 GLN A NE2  1 ? 
ATOM   857  H H    . GLN A 1 64  ? -6.508  -2.956  -5.474  1 30.298  ? 200 GLN A H    1 c 
ATOM   858  H HA   . GLN A 1 64  ? -8.060  -3.903  -7.464  1 32.393  ? 200 GLN A HA   1 c 
ATOM   859  H HB2  . GLN A 1 64  ? -5.975  -5.372  -6.184  1 33.164  ? 200 GLN A HB2  1 c 
ATOM   860  H HB3  . GLN A 1 64  ? -6.640  -5.801  -7.554  1 33.216  ? 200 GLN A HB3  1 c 
ATOM   861  H HG2  . GLN A 1 64  ? -4.971  -3.540  -7.158  1 35.59   ? 200 GLN A HG2  1 c 
ATOM   862  H HG3  . GLN A 1 64  ? -4.655  -4.769  -8.091  1 35.564  ? 200 GLN A HG3  1 c 
ATOM   863  H HE21 . GLN A 1 64  ? -5.844  -1.812  -9.888  1 47.292  ? 200 GLN A HE21 1 c 
ATOM   864  H HE22 . GLN A 1 64  ? -5.254  -1.740  -8.475  1 47.154  ? 200 GLN A HE22 1 c 
ATOM   865  N N    . LEU A 1 65  ? -8.704  -5.390  -4.711  1 34.747  ? 201 LEU A N    1 ? 
ATOM   866  C CA   . LEU A 1 65  ? -9.770  -6.185  -4.105  1 33.404  ? 201 LEU A CA   1 ? 
ATOM   867  C C    . LEU A 1 65  ? -11.157 -5.538  -4.202  1 39.05   ? 201 LEU A C    1 ? 
ATOM   868  O O    . LEU A 1 65  ? -12.120 -6.176  -3.821  1 36.909  ? 201 LEU A O    1 ? 
ATOM   869  C CB   . LEU A 1 65  ? -9.416  -6.455  -2.648  1 32.923  ? 201 LEU A CB   1 ? 
ATOM   870  C CG   . LEU A 1 65  ? -8.151  -7.282  -2.425  1 37.869  ? 201 LEU A CG   1 ? 
ATOM   871  C CD1  . LEU A 1 65  ? -8.034  -7.487  -0.936  1 40.391  ? 201 LEU A CD1  1 ? 
ATOM   872  C CD2  . LEU A 1 65  ? -8.099  -8.612  -3.179  1 42.155  ? 201 LEU A CD2  1 ? 
ATOM   873  H H    . LEU A 1 65  ? -8.071  -5.007  -4.175  1 34.585  ? 201 LEU A H    1 c 
ATOM   874  H HA   . LEU A 1 65  ? -9.818  -7.051  -4.581  1 34.644  ? 201 LEU A HA   1 c 
ATOM   875  H HB2  . LEU A 1 65  ? -9.310  -5.591  -2.190  1 34.108  ? 201 LEU A HB2  1 c 
ATOM   876  H HB3  . LEU A 1 65  ? -10.173 -6.926  -2.228  1 34.204  ? 201 LEU A HB3  1 c 
ATOM   877  H HG   . LEU A 1 65  ? -7.375  -6.740  -2.714  1 37.992  ? 201 LEU A HG   1 c 
ATOM   878  H HD11 . LEU A 1 65  ? -8.007  -6.626  -0.488  1 39.533  ? 201 LEU A HD11 1 c 
ATOM   879  H HD12 . LEU A 1 65  ? -7.219  -7.979  -0.741  1 39.6    ? 201 LEU A HD12 1 c 
ATOM   880  H HD13 . LEU A 1 65  ? -8.800  -7.994  -0.617  1 39.565  ? 201 LEU A HD13 1 c 
ATOM   881  H HD21 . LEU A 1 65  ? -7.931  -8.444  -4.122  1 40.745  ? 201 LEU A HD21 1 c 
ATOM   882  H HD22 . LEU A 1 65  ? -8.947  -9.076  -3.080  1 40.78   ? 201 LEU A HD22 1 c 
ATOM   883  H HD23 . LEU A 1 65  ? -7.386  -9.163  -2.820  1 40.595  ? 201 LEU A HD23 1 c 
ATOM   884  N N    . GLY A 1 66  ? -11.259 -4.258  -4.576  1 33.871  ? 202 GLY A N    1 ? 
ATOM   885  C CA   . GLY A 1 66  ? -12.514 -3.551  -4.731  1 34.986  ? 202 GLY A CA   1 ? 
ATOM   886  C C    . GLY A 1 66  ? -12.814 -2.569  -3.607  1 37.619  ? 202 GLY A C    1 ? 
ATOM   887  O O    . GLY A 1 66  ? -13.929 -2.037  -3.554  1 42.637  ? 202 GLY A O    1 ? 
ATOM   888  H H    . GLY A 1 66  ? -10.498 -3.777  -4.709  1 35.226  ? 202 GLY A H    1 c 
ATOM   889  H HA2  . GLY A 1 66  ? -12.486 -3.056  -5.583  1 35.293  ? 202 GLY A HA2  1 c 
ATOM   890  H HA3  . GLY A 1 66  ? -13.253 -4.199  -4.796  1 35.317  ? 202 GLY A HA3  1 c 
ATOM   891  N N    . ASP A 1 67  ? -11.851 -2.266  -2.710  1 31.22   ? 203 ASP A N    1 ? 
ATOM   892  C CA   . ASP A 1 67  ? -12.177 -1.475  -1.534  1 28.65   ? 203 ASP A CA   1 ? 
ATOM   893  C C    . ASP A 1 67  ? -11.640 -0.053  -1.720  1 32.183  ? 203 ASP A C    1 ? 
ATOM   894  O O    . ASP A 1 67  ? -10.546 0.301   -1.246  1 28.822  ? 203 ASP A O    1 ? 
ATOM   895  C CB   . ASP A 1 67  ? -11.714 -2.166  -0.267  1 31.785  ? 203 ASP A CB   1 ? 
ATOM   896  C CG   . ASP A 1 67  ? -12.155 -1.482  1.009   1 34.477  ? 203 ASP A CG   1 ? 
ATOM   897  O OD1  . ASP A 1 67  ? -12.630 -0.290  0.956   1 31.621  ? 203 ASP A OD1  1 ? 
ATOM   898  O OD2  . ASP A 1 67  ? -11.995 -2.141  2.071   1 34.576  ? 203 ASP A OD2  1 ? 
ATOM   899  H H    . ASP A 1 67  ? -10.987 -2.530  -2.837  1 32.053  ? 203 ASP A H    1 c 
ATOM   900  H HA   . ASP A 1 67  ? -13.153 -1.424  -1.433  1 30.477  ? 203 ASP A HA   1 c 
ATOM   901  H HB2  . ASP A 1 67  ? -12.060 -3.083  -0.258  1 31.812  ? 203 ASP A HB2  1 c 
ATOM   902  H HB3  . ASP A 1 67  ? -10.737 -2.213  -0.271  1 31.634  ? 203 ASP A HB3  1 c 
ATOM   903  N N    . LEU A 1 68  ? -12.481 0.805   -2.318  1 30.309  ? 204 LEU A N    1 ? 
ATOM   904  C CA   . LEU A 1 68  ? -12.088 2.198   -2.516  1 29.453  ? 204 LEU A CA   1 ? 
ATOM   905  C C    . LEU A 1 68  ? -11.820 2.969   -1.236  1 26.249  ? 204 LEU A C    1 ? 
ATOM   906  O O    . LEU A 1 68  ? -10.879 3.763   -1.203  1 25.928  ? 204 LEU A O    1 ? 
ATOM   907  C CB   . LEU A 1 68  ? -13.174 2.886   -3.368  1 33.061  ? 204 LEU A CB   1 ? 
ATOM   908  C CG   . LEU A 1 68  ? -13.007 4.399   -3.564  1 37.609  ? 204 LEU A CG   1 ? 
ATOM   909  C CD1  . LEU A 1 68  ? -11.796 4.631   -4.405  1 38.237  ? 204 LEU A CD1  1 ? 
ATOM   910  C CD2  . LEU A 1 68  ? -14.311 4.988   -4.165  1 39.294  ? 204 LEU A CD2  1 ? 
ATOM   911  H H    . LEU A 1 68  ? -13.298 0.522   -2.613  1 30.574  ? 204 LEU A H    1 c 
ATOM   912  H HA   . LEU A 1 68  ? -11.245 2.191   -3.037  1 29.664  ? 204 LEU A HA   1 c 
ATOM   913  H HB2  . LEU A 1 68  ? -13.195 2.454   -4.252  1 33.222  ? 204 LEU A HB2  1 c 
ATOM   914  H HB3  . LEU A 1 68  ? -14.047 2.726   -2.940  1 33.189  ? 204 LEU A HB3  1 c 
ATOM   915  H HG   . LEU A 1 68  ? -12.865 4.830   -2.685  1 37.012  ? 204 LEU A HG   1 c 
ATOM   916  H HD11 . LEU A 1 68  ? -10.997 4.404   -3.901  1 37.92   ? 204 LEU A HD11 1 c 
ATOM   917  H HD12 . LEU A 1 68  ? -11.756 5.569   -4.661  1 38.005  ? 204 LEU A HD12 1 c 
ATOM   918  H HD13 . LEU A 1 68  ? -11.840 4.084   -5.207  1 37.954  ? 204 LEU A HD13 1 c 
ATOM   919  H HD21 . LEU A 1 68  ? -15.040 4.873   -3.533  1 38.975  ? 204 LEU A HD21 1 c 
ATOM   920  H HD22 . LEU A 1 68  ? -14.525 4.527   -4.993  1 38.841  ? 204 LEU A HD22 1 c 
ATOM   921  H HD23 . LEU A 1 68  ? -14.187 5.935   -4.345  1 38.841  ? 204 LEU A HD23 1 c 
ATOM   922  N N    . HIS A 1 69  ? -12.693 2.873   -0.204  1 25.742  ? 205 HIS A N    1 ? 
ATOM   923  C CA   . HIS A 1 69  ? -12.548 3.689   0.972   1 27.411  ? 205 HIS A CA   1 ? 
ATOM   924  C C    . HIS A 1 69  ? -11.261 3.358   1.707   1 25.624  ? 205 HIS A C    1 ? 
ATOM   925  O O    . HIS A 1 69  ? -10.567 4.280   2.172   1 25.068  ? 205 HIS A O    1 ? 
ATOM   926  C CB   . HIS A 1 69  ? -13.750 3.583   1.902   1 34.05   ? 205 HIS A CB   1 ? 
ATOM   927  C CG   . HIS A 1 69  ? -14.995 4.104   1.250   1 37.841  ? 205 HIS A CG   1 ? 
ATOM   928  N ND1  . HIS A 1 69  ? -16.197 3.923   1.903   1 37.6    ? 205 HIS A ND1  1 ? 
ATOM   929  C CD2  . HIS A 1 69  ? -15.294 4.627   0.039   1 39.644  ? 205 HIS A CD2  1 ? 
ATOM   930  C CE1  . HIS A 1 69  ? -17.186 4.428   1.141   1 41.898  ? 205 HIS A CE1  1 ? 
ATOM   931  N NE2  . HIS A 1 69  ? -16.673 4.852   0.007   1 38.246  ? 205 HIS A NE2  1 ? 
ATOM   932  H H    . HIS A 1 69  ? -13.382 2.273   -0.250  1 26.353  ? 205 HIS A H    1 c 
ATOM   933  H HA   . HIS A 1 69  ? -12.492 4.632   0.674   1 27.897  ? 205 HIS A HA   1 c 
ATOM   934  H HB2  . HIS A 1 69  ? -13.882 2.641   2.147   1 33.202  ? 205 HIS A HB2  1 c 
ATOM   935  H HB3  . HIS A 1 69  ? -13.571 4.100   2.717   1 33.166  ? 205 HIS A HB3  1 c 
ATOM   936  H HD1  . HIS A 1 69  ? -16.286 3.545   2.726   0 35.99   ? 205 HIS A HD1  1 c 
ATOM   937  H HD2  . HIS A 1 69  ? -14.687 4.857   -0.637  1 38.893  ? 205 HIS A HD2  1 c 
ATOM   938  H HE1  . HIS A 1 69  ? -18.096 4.452   1.366   1 39.977  ? 205 HIS A HE1  1 c 
ATOM   939  H HE2  . HIS A 1 69  ? -17.137 5.201   -0.628  0 37.65   ? 205 HIS A HE2  1 c 
ATOM   940  N N    . ARG A 1 70  ? -10.952 2.052   1.798   1 23.506  ? 206 ARG A N    1 ? 
ATOM   941  C CA   . ARG A 1 70  ? -9.726  1.659   2.471   1 24.913  ? 206 ARG A CA   1 ? 
ATOM   942  C C    . ARG A 1 70  ? -8.514  2.082   1.646   1 24.639  ? 206 ARG A C    1 ? 
ATOM   943  O O    . ARG A 1 70  ? -7.549  2.543   2.232   1 25.044  ? 206 ARG A O    1 ? 
ATOM   944  C CB   . ARG A 1 70  ? -9.725  0.175   2.765   1 26.605  ? 206 ARG A CB   1 ? 
ATOM   945  C CG   . ARG A 1 70  ? -8.621  -0.318  3.682   1 27.958  ? 206 ARG A CG   1 ? 
ATOM   946  C CD   . ARG A 1 70  ? -8.684  -1.840  3.712   1 30.817  ? 206 ARG A CD   1 ? 
ATOM   947  N NE   . ARG A 1 70  ? -7.685  -2.382  4.607   1 39.539  ? 206 ARG A NE   1 ? 
ATOM   948  C CZ   . ARG A 1 70  ? -7.323  -3.683  4.495   1 36.191  ? 206 ARG A CZ   1 ? 
ATOM   949  N NH1  . ARG A 1 70  ? -7.954  -4.577  3.706   1 42.072  ? 206 ARG A NH1  1 ? 
ATOM   950  N NH2  . ARG A 1 70  ? -6.340  -4.013  5.240   1 42.438  ? 206 ARG A NH2  1 ? 
ATOM   951  H H    . ARG A 1 70  ? -11.509 1.407   1.466   1 24.354  ? 206 ARG A H    1 c 
ATOM   952  H HA   . ARG A 1 70  ? -9.686  2.129   3.343   1 24.894  ? 206 ARG A HA   1 c 
ATOM   953  H HB2  . ARG A 1 70  ? -10.589 -0.058  3.169   1 26.528  ? 206 ARG A HB2  1 c 
ATOM   954  H HB3  . ARG A 1 70  ? -9.663  -0.304  1.914   1 26.625  ? 206 ARG A HB3  1 c 
ATOM   955  H HG2  . ARG A 1 70  ? -7.744  -0.034  3.345   1 28.246  ? 206 ARG A HG2  1 c 
ATOM   956  H HG3  . ARG A 1 70  ? -8.754  0.036   4.588   1 28.259  ? 206 ARG A HG3  1 c 
ATOM   957  H HD2  . ARG A 1 70  ? -9.573  -2.120  4.013   1 32.012  ? 206 ARG A HD2  1 c 
ATOM   958  H HD3  . ARG A 1 70  ? -8.547  -2.193  2.813   1 32.019  ? 206 ARG A HD3  1 c 
ATOM   959  H HE   . ARG A 1 70  ? -7.325  -1.869  5.217   1 36.531  ? 206 ARG A HE   1 c 
ATOM   960  H HH11 . ARG A 1 70  ? -8.833  -4.565  3.613   1 40.097  ? 206 ARG A HH11 1 c 
ATOM   961  H HH12 . ARG A 1 70  ? -7.476  -5.185  3.278   1 40.15   ? 206 ARG A HH12 1 c 
ATOM   962  H HH21 . ARG A 1 70  ? -5.568  -3.589  5.162   1 40.408  ? 206 ARG A HH21 1 c 
ATOM   963  H HH22 . ARG A 1 70  ? -6.436  -4.663  5.831   1 40.438  ? 206 ARG A HH22 1 c 
ATOM   964  N N    . ALA A 1 71  ? -8.581  1.896   0.314   1 23.429  ? 207 ALA A N    1 ? 
ATOM   965  C CA   . ALA A 1 71  ? -7.475  2.328   -0.552  1 25.836  ? 207 ALA A CA   1 ? 
ATOM   966  C C    . ALA A 1 71  ? -7.188  3.838   -0.399  1 27.031  ? 207 ALA A C    1 ? 
ATOM   967  O O    . ALA A 1 71  ? -6.026  4.268   -0.382  1 27.264  ? 207 ALA A O    1 ? 
ATOM   968  C CB   . ALA A 1 71  ? -7.698  1.944   -1.984  1 25.154  ? 207 ALA A CB   1 ? 
ATOM   969  H H    . ALA A 1 71  ? -9.303  1.478   -0.061  1 24.24   ? 207 ALA A H    1 c 
ATOM   970  H HA   . ALA A 1 71  ? -6.659  1.848   -0.237  1 25.43   ? 207 ALA A HA   1 c 
ATOM   971  H HB1  . ALA A 1 71  ? -7.780  0.978   -2.054  1 25.356  ? 207 ALA A HB1  1 c 
ATOM   972  H HB2  . ALA A 1 71  ? -8.513  2.360   -2.310  1 25.356  ? 207 ALA A HB2  1 c 
ATOM   973  H HB3  . ALA A 1 71  ? -6.946  2.242   -2.523  1 25.356  ? 207 ALA A HB3  1 c 
ATOM   974  N N    . LEU A 1 72  ? -8.241  4.643   -0.311  1 24.698  ? 208 LEU A N    1 ? 
ATOM   975  C CA   . LEU A 1 72  ? -8.111  6.074   -0.096  1 28.269  ? 208 LEU A CA   1 ? 
ATOM   976  C C    . LEU A 1 72  ? -7.505  6.423   1.247   1 27.189  ? 208 LEU A C    1 ? 
ATOM   977  O O    . LEU A 1 72  ? -6.642  7.279   1.346   1 27.063  ? 208 LEU A O    1 ? 
ATOM   978  C CB   . LEU A 1 72  ? -9.511  6.668   -0.271  1 29.768  ? 208 LEU A CB   1 ? 
ATOM   979  C CG   . LEU A 1 72  ? -9.664  8.190   -0.119  1 38.062  ? 208 LEU A CG   1 ? 
ATOM   980  C CD1  . LEU A 1 72  ? -8.736  8.895   -1.042  1 34.977  ? 208 LEU A CD1  1 ? 
ATOM   981  C CD2  . LEU A 1 72  ? -11.128 8.515   -0.463  1 47.355  ? 208 LEU A CD2  1 ? 
ATOM   982  H H    . LEU A 1 72  ? -9.079  4.291   -0.411  1 26.094  ? 208 LEU A H    1 c 
ATOM   983  H HA   . LEU A 1 72  ? -7.517  6.432   -0.804  1 27.618  ? 208 LEU A HA   1 c 
ATOM   984  H HB2  . LEU A 1 72  ? -9.836  6.415   -1.166  1 31.21   ? 208 LEU A HB2  1 c 
ATOM   985  H HB3  . LEU A 1 72  ? -10.108 6.237   0.382   1 31.067  ? 208 LEU A HB3  1 c 
ATOM   986  H HG   . LEU A 1 72  ? -9.475  8.451   0.819   1 37.219  ? 208 LEU A HG   1 c 
ATOM   987  H HD11 . LEU A 1 72  ? -7.827  8.819   -0.710  1 35.878  ? 208 LEU A HD11 1 c 
ATOM   988  H HD12 . LEU A 1 72  ? -8.984  9.834   -1.094  1 35.957  ? 208 LEU A HD12 1 c 
ATOM   989  H HD13 . LEU A 1 72  ? -8.791  8.497   -1.927  1 35.858  ? 208 LEU A HD13 1 c 
ATOM   990  H HD21 . LEU A 1 72  ? -11.719 7.998   0.109   1 44.397  ? 208 LEU A HD21 1 c 
ATOM   991  H HD22 . LEU A 1 72  ? -11.301 8.292   -1.394  1 44.315  ? 208 LEU A HD22 1 c 
ATOM   992  H HD23 . LEU A 1 72  ? -11.291 9.463   -0.324  1 44.397  ? 208 LEU A HD23 1 c 
ATOM   993  N N    . GLU A 1 73  ? -7.982  5.773   2.334   1 26.792  ? 209 GLU A N    1 ? 
ATOM   994  C CA   . GLU A 1 73  ? -7.405  5.976   3.640   1 26.123  ? 209 GLU A CA   1 ? 
ATOM   995  C C    . GLU A 1 73  ? -5.915  5.676   3.649   1 26.429  ? 209 GLU A C    1 ? 
ATOM   996  O O    . GLU A 1 73  ? -5.126  6.434   4.220   1 26.014  ? 209 GLU A O    1 ? 
ATOM   997  C CB   . GLU A 1 73  ? -8.181  5.185   4.706   1 28.657  ? 209 GLU A CB   1 ? 
ATOM   998  C CG   . GLU A 1 73  ? -7.570  5.362   6.090   1 36.507  ? 209 GLU A CG   1 ? 
ATOM   999  C CD   . GLU A 1 73  ? -8.345  4.714   7.233   1 49.593  ? 209 GLU A CD   1 ? 
ATOM   1000 O OE1  . GLU A 1 73  ? -9.072  3.743   7.003   1 45.049  ? 209 GLU A OE1  1 ? 
ATOM   1001 O OE2  . GLU A 1 73  ? -8.239  5.229   8.362   1 75.502  ? 209 GLU A OE2  1 ? 
ATOM   1002 H H    . GLU A 1 73  ? -8.691  5.203   2.246   1 26.742  ? 209 GLU A H    1 c 
ATOM   1003 H HA   . GLU A 1 73  ? -7.513  6.933   3.865   1 26.847  ? 209 GLU A HA   1 c 
ATOM   1004 H HB2  . GLU A 1 73  ? -9.112  5.490   4.716   1 29.659  ? 209 GLU A HB2  1 c 
ATOM   1005 H HB3  . GLU A 1 73  ? -8.178  4.235   4.465   1 29.659  ? 209 GLU A HB3  1 c 
ATOM   1006 H HG2  . GLU A 1 73  ? -6.665  4.987   6.096   1 37.066  ? 209 GLU A HG2  1 c 
ATOM   1007 H HG3  . GLU A 1 73  ? -7.492  6.319   6.278   1 37.256  ? 209 GLU A HG3  1 c 
ATOM   1008 N N    . LEU A 1 74  ? -5.515  4.552   3.015   1 24.597  ? 210 LEU A N    1 ? 
ATOM   1009 C CA   . LEU A 1 74  ? -4.115  4.167   2.974   1 25.007  ? 210 LEU A CA   1 ? 
ATOM   1010 C C    . LEU A 1 74  ? -3.296  5.160   2.144   1 24.151  ? 210 LEU A C    1 ? 
ATOM   1011 O O    . LEU A 1 74  ? -2.150  5.412   2.476   1 26.526  ? 210 LEU A O    1 ? 
ATOM   1012 C CB   . LEU A 1 74  ? -3.991  2.729   2.435   1 23.855  ? 210 LEU A CB   1 ? 
ATOM   1013 C CG   . LEU A 1 74  ? -4.619  1.651   3.342   1 27.19   ? 210 LEU A CG   1 ? 
ATOM   1014 C CD1  . LEU A 1 74  ? -4.820  0.353   2.618   1 26.027  ? 210 LEU A CD1  1 ? 
ATOM   1015 C CD2  . LEU A 1 74  ? -3.826  1.437   4.613   1 32.913  ? 210 LEU A CD2  1 ? 
ATOM   1016 H H    . LEU A 1 74  ? -6.132  4.014   2.608   1 25.139  ? 210 LEU A H    1 c 
ATOM   1017 H HA   . LEU A 1 74  ? -3.766  4.192   3.900   1 24.644  ? 210 LEU A HA   1 c 
ATOM   1018 H HB2  . LEU A 1 74  ? -4.427  2.689   1.552   1 24.841  ? 210 LEU A HB2  1 c 
ATOM   1019 H HB3  . LEU A 1 74  ? -3.035  2.523   2.318   1 24.836  ? 210 LEU A HB3  1 c 
ATOM   1020 H HG   . LEU A 1 74  ? -5.511  1.968   3.620   1 27.266  ? 210 LEU A HG   1 c 
ATOM   1021 H HD11 . LEU A 1 74  ? -5.624  0.409   2.073   1 26.385  ? 210 LEU A HD11 1 c 
ATOM   1022 H HD12 . LEU A 1 74  ? -4.916  -0.376  3.255   1 26.436  ? 210 LEU A HD12 1 c 
ATOM   1023 H HD13 . LEU A 1 74  ? -4.057  0.181   2.044   1 26.384  ? 210 LEU A HD13 1 c 
ATOM   1024 H HD21 . LEU A 1 74  ? -3.816  2.257   5.134   1 31.037  ? 210 LEU A HD21 1 c 
ATOM   1025 H HD22 . LEU A 1 74  ? -2.915  1.185   4.389   1 31.077  ? 210 LEU A HD22 1 c 
ATOM   1026 H HD23 . LEU A 1 74  ? -4.235  0.730   5.140   1 31.051  ? 210 LEU A HD23 1 c 
ATOM   1027 N N    . THR A 1 75  ? -3.844  5.660   1.043   1 24.734  ? 211 THR A N    1 ? 
ATOM   1028 C CA   . THR A 1 75  ? -3.153  6.590   0.166   1 27.41   ? 211 THR A CA   1 ? 
ATOM   1029 C C    . THR A 1 75  ? -2.938  7.918   0.902   1 27.683  ? 211 THR A C    1 ? 
ATOM   1030 O O    . THR A 1 75  ? -1.908  8.574   0.802   1 25.07   ? 211 THR A O    1 ? 
ATOM   1031 C CB   . THR A 1 75  ? -3.962  6.799   -1.111  1 26.564  ? 211 THR A CB   1 ? 
ATOM   1032 O OG1  . THR A 1 75  ? -3.967  5.526   -1.761  1 27.776  ? 211 THR A OG1  1 ? 
ATOM   1033 C CG2  . THR A 1 75  ? -3.323  7.790   -2.074  1 29.671  ? 211 THR A CG2  1 ? 
ATOM   1034 H H    . THR A 1 75  ? -4.688  5.397   0.809   1 25.195  ? 211 THR A H    1 c 
ATOM   1035 H HA   . THR A 1 75  ? -2.279  6.210   -0.072  1 26.758  ? 211 THR A HA   1 c 
ATOM   1036 H HB   . THR A 1 75  ? -4.886  7.072   -0.897  1 27.48   ? 211 THR A HB   1 c 
ATOM   1037 H HG1  . THR A 1 75  ? -3.159  5.292   -1.936  0 27.59   ? 211 THR A HG1  1 c 
ATOM   1038 H HG21 . THR A 1 75  ? -3.684  7.655   -2.967  1 28.718  ? 211 THR A HG21 1 c 
ATOM   1039 H HG22 . THR A 1 75  ? -2.361  7.654   -2.090  1 28.723  ? 211 THR A HG22 1 c 
ATOM   1040 H HG23 . THR A 1 75  ? -3.516  8.696   -1.783  1 28.742  ? 211 THR A HG23 1 c 
ATOM   1041 N N    . ARG A 1 76  ? -3.942  8.346   1.636   1 24.977  ? 212 ARG A N    1 ? 
ATOM   1042 C CA   . ARG A 1 76  ? -3.787  9.576   2.421   1 27.927  ? 212 ARG A CA   1 ? 
ATOM   1043 C C    . ARG A 1 76  ? -2.667  9.408   3.449   1 31.465  ? 212 ARG A C    1 ? 
ATOM   1044 O O    . ARG A 1 76  ? -1.869  10.324  3.678   1 26.567  ? 212 ARG A O    1 ? 
ATOM   1045 C CB   . ARG A 1 76  ? -5.094  9.909   3.166   1 28.63   ? 212 ARG A CB   1 ? 
ATOM   1046 C CG   . ARG A 1 76  ? -6.094  10.603  2.271   1 33.594  ? 212 ARG A CG   1 ? 
ATOM   1047 C CD   . ARG A 1 76  ? -7.466  10.687  2.958   1 36.251  ? 212 ARG A CD   1 ? 
ATOM   1048 N NE   . ARG A 1 76  ? -8.369  11.404  2.053   1 42.493  ? 212 ARG A NE   1 ? 
ATOM   1049 C CZ   . ARG A 1 76  ? -9.699  11.312  2.039   1 53.226  ? 212 ARG A CZ   1 ? 
ATOM   1050 N NH1  . ARG A 1 76  ? -10.299 10.439  2.819   1 50.397  ? 212 ARG A NH1  1 ? 
ATOM   1051 N NH2  . ARG A 1 76  ? -10.410 12.081  1.228   1 58.177  ? 212 ARG A NH2  1 ? 
ATOM   1052 H H    . ARG A 1 76  ? -4.747  7.913   1.635   1 26.279  ? 212 ARG A H    1 c 
ATOM   1053 H HA   . ARG A 1 76  ? -3.561  10.324  1.809   1 28.066  ? 212 ARG A HA   1 c 
ATOM   1054 H HB2  . ARG A 1 76  ? -5.492  9.080   3.509   1 29.579  ? 212 ARG A HB2  1 c 
ATOM   1055 H HB3  . ARG A 1 76  ? -4.900  10.487  3.930   1 29.857  ? 212 ARG A HB3  1 c 
ATOM   1056 H HG2  . ARG A 1 76  ? -5.775  11.510  2.068   1 33.002  ? 212 ARG A HG2  1 c 
ATOM   1057 H HG3  . ARG A 1 76  ? -6.183  10.107  1.429   1 32.954  ? 212 ARG A HG3  1 c 
ATOM   1058 H HD2  . ARG A 1 76  ? -7.799  9.786   3.120   1 37.127  ? 212 ARG A HD2  1 c 
ATOM   1059 H HD3  . ARG A 1 76  ? -7.401  11.163  3.811   1 37.038  ? 212 ARG A HD3  1 c 
ATOM   1060 H HE   . ARG A 1 76  ? -8.011  11.946  1.471   1 43.226  ? 212 ARG A HE   1 c 
ATOM   1061 H HH11 . ARG A 1 76  ? -10.266 10.539  3.696   1 51.153  ? 212 ARG A HH11 1 c 
ATOM   1062 H HH12 . ARG A 1 76  ? -10.731 9.756   2.461   1 51.228  ? 212 ARG A HH12 1 c 
ATOM   1063 H HH21 . ARG A 1 76  ? -10.112 12.885  1.004   1 56.466  ? 212 ARG A HH21 1 c 
ATOM   1064 H HH22 . ARG A 1 76  ? -11.185 11.788  0.914   1 56.528  ? 212 ARG A HH22 1 c 
ATOM   1065 N N    . ARG A 1 77  ? -2.613  8.247   4.120   1 24.787  ? 213 ARG A N    1 ? 
ATOM   1066 C CA   . ARG A 1 77  ? -1.528  8.033   5.062   1 26.453  ? 213 ARG A CA   1 ? 
ATOM   1067 C C    . ARG A 1 77  ? -0.172  8.101   4.344   1 27.265  ? 213 ARG A C    1 ? 
ATOM   1068 O O    . ARG A 1 77  ? 0.809   8.627   4.885   1 25.294  ? 213 ARG A O    1 ? 
ATOM   1069 C CB   . ARG A 1 77  ? -1.786  6.761   5.859   1 26.12   ? 213 ARG A CB   1 ? 
ATOM   1070 C CG   . ARG A 1 77  ? -0.715  6.481   6.888   1 29.143  ? 213 ARG A CG   1 ? 
ATOM   1071 C CD   . ARG A 1 77  ? -1.039  5.227   7.701   1 29.913  ? 213 ARG A CD   1 ? 
ATOM   1072 N NE   . ARG A 1 77  ? 0.114   5.080   8.584   1 33.941  ? 213 ARG A NE   1 ? 
ATOM   1073 C CZ   . ARG A 1 77  ? 0.414   4.011   9.280   1 39.088  ? 213 ARG A CZ   1 ? 
ATOM   1074 N NH1  . ARG A 1 77  ? -0.331  2.940   9.156   1 37.852  ? 213 ARG A NH1  1 ? 
ATOM   1075 N NH2  . ARG A 1 77  ? 1.455   4.042   10.076  1 41.879  ? 213 ARG A NH2  1 ? 
ATOM   1076 H H    . ARG A 1 77  ? -3.253  7.604   4.009   1 26.623  ? 213 ARG A H    1 c 
ATOM   1077 H HA   . ARG A 1 77  ? -1.552  8.773   5.723   1 26.23   ? 213 ARG A HA   1 c 
ATOM   1078 H HB2  . ARG A 1 77  ? -2.651  6.839   6.314   1 26.863  ? 213 ARG A HB2  1 c 
ATOM   1079 H HB3  . ARG A 1 77  ? -1.838  6.001   5.240   1 26.863  ? 213 ARG A HB3  1 c 
ATOM   1080 H HG2  . ARG A 1 77  ? 0.149   6.353   6.440   1 28.653  ? 213 ARG A HG2  1 c 
ATOM   1081 H HG3  . ARG A 1 77  ? -0.642  7.251   7.492   1 28.632  ? 213 ARG A HG3  1 c 
ATOM   1082 H HD2  . ARG A 1 77  ? -1.857  5.339   8.228   1 30.654  ? 213 ARG A HD2  1 c 
ATOM   1083 H HD3  . ARG A 1 77  ? -1.125  4.442   7.120   1 30.679  ? 213 ARG A HD3  1 c 
ATOM   1084 H HE   . ARG A 1 77  ? 0.659   5.756   8.670   1 34.055  ? 213 ARG A HE   1 c 
ATOM   1085 H HH11 . ARG A 1 77  ? -1.187  2.961   9.376   1 38.171  ? 213 ARG A HH11 1 c 
ATOM   1086 H HH12 . ARG A 1 77  ? 0.040   2.193   8.871   1 38.204  ? 213 ARG A HH12 1 c 
ATOM   1087 H HH21 . ARG A 1 77  ? 2.229   4.318   9.765   1 40.97   ? 213 ARG A HH21 1 c 
ATOM   1088 H HH22 . ARG A 1 77  ? 1.370   3.801   10.921  1 41.042  ? 213 ARG A HH22 1 c 
ATOM   1089 N N    . LEU A 1 78  ? -0.094  7.425   3.203   1 25.322  ? 214 LEU A N    1 ? 
ATOM   1090 C CA   . LEU A 1 78  ? 1.120   7.380   2.390   1 25.937  ? 214 LEU A CA   1 ? 
ATOM   1091 C C    . LEU A 1 78  ? 1.578   8.807   2.101   1 25.507  ? 214 LEU A C    1 ? 
ATOM   1092 O O    . LEU A 1 78  ? 2.728   9.138   2.354   1 27.626  ? 214 LEU A O    1 ? 
ATOM   1093 C CB   . LEU A 1 78  ? 0.874   6.642   1.066   1 26.089  ? 214 LEU A CB   1 ? 
ATOM   1094 C CG   . LEU A 1 78  ? 2.062   6.619   0.084   1 29.591  ? 214 LEU A CG   1 ? 
ATOM   1095 C CD1  . LEU A 1 78  ? 3.327   6.151   0.733   1 32.668  ? 214 LEU A CD1  1 ? 
ATOM   1096 C CD2  . LEU A 1 78  ? 1.658   5.700   -1.079  1 32.8    ? 214 LEU A CD2  1 ? 
ATOM   1097 H H    . LEU A 1 78  ? -0.818  6.942   2.920   1 25.909  ? 214 LEU A H    1 c 
ATOM   1098 H HA   . LEU A 1 78  ? 1.822   6.914   2.909   1 25.803  ? 214 LEU A HA   1 c 
ATOM   1099 H HB2  . LEU A 1 78  ? 0.625   5.713   1.278   1 26.864  ? 214 LEU A HB2  1 c 
ATOM   1100 H HB3  . LEU A 1 78  ? 0.109   7.059   0.614   1 26.809  ? 214 LEU A HB3  1 c 
ATOM   1101 H HG   . LEU A 1 78  ? 2.203   7.532   -0.278  1 30.009  ? 214 LEU A HG   1 c 
ATOM   1102 H HD11 . LEU A 1 78  ? 3.710   6.873   1.258   1 31.655  ? 214 LEU A HD11 1 c 
ATOM   1103 H HD12 . LEU A 1 78  ? 3.963   5.877   0.051   1 31.701  ? 214 LEU A HD12 1 c 
ATOM   1104 H HD13 . LEU A 1 78  ? 3.135   5.396   1.315   1 31.668  ? 214 LEU A HD13 1 c 
ATOM   1105 H HD21 . LEU A 1 78  ? 0.854   6.044   -1.501  1 31.809  ? 214 LEU A HD21 1 c 
ATOM   1106 H HD22 . LEU A 1 78  ? 1.488   4.806   -0.740  1 31.756  ? 214 LEU A HD22 1 c 
ATOM   1107 H HD23 . LEU A 1 78  ? 2.377   5.667   -1.732  1 31.809  ? 214 LEU A HD23 1 c 
ATOM   1108 N N    . LEU A 1 79  ? 0.661   9.617   1.592   1 28.992  ? 215 LEU A N    1 ? 
ATOM   1109 C CA   . LEU A 1 79  ? 0.991   11.015  1.251   1 29.298  ? 215 LEU A CA   1 ? 
ATOM   1110 C C    . LEU A 1 79  ? 1.430   11.809  2.473   1 26.037  ? 215 LEU A C    1 ? 
ATOM   1111 O O    . LEU A 1 79  ? 2.383   12.593  2.383   1 27.217  ? 215 LEU A O    1 ? 
ATOM   1112 C CB   . LEU A 1 79  ? -0.164  11.655  0.516   1 31.455  ? 215 LEU A CB   1 ? 
ATOM   1113 C CG   . LEU A 1 79  ? 0.182   12.899  -0.315  1 39.481  ? 215 LEU A CG   1 ? 
ATOM   1114 C CD1  . LEU A 1 79  ? 1.102   12.566  -1.491  1 34.796  ? 215 LEU A CD1  1 ? 
ATOM   1115 C CD2  . LEU A 1 79  ? -1.100  13.556  -0.796  1 45.211  ? 215 LEU A CD2  1 ? 
ATOM   1116 H H    . LEU A 1 79  ? -0.187  9.311   1.441   1 28.189  ? 215 LEU A H    1 c 
ATOM   1117 H HA   . LEU A 1 79  ? 1.768   10.981  0.641   1 29.009  ? 215 LEU A HA   1 c 
ATOM   1118 H HB2  . LEU A 1 79  ? -0.556  10.984  -0.088  1 32.565  ? 215 LEU A HB2  1 c 
ATOM   1119 H HB3  . LEU A 1 79  ? -0.851  11.901  1.177   1 32.652  ? 215 LEU A HB3  1 c 
ATOM   1120 H HG   . LEU A 1 79  ? 0.655   13.544  0.271   1 37.878  ? 215 LEU A HG   1 c 
ATOM   1121 H HD11 . LEU A 1 79  ? 2.014   12.464  -1.172  1 36.071  ? 215 LEU A HD11 1 c 
ATOM   1122 H HD12 . LEU A 1 79  ? 1.069   13.284  -2.145  1 36.185  ? 215 LEU A HD12 1 c 
ATOM   1123 H HD13 . LEU A 1 79  ? 0.811   11.737  -1.906  1 36.095  ? 215 LEU A HD13 1 c 
ATOM   1124 H HD21 . LEU A 1 79  ? -1.645  13.804  -0.030  1 43.336  ? 215 LEU A HD21 1 c 
ATOM   1125 H HD22 . LEU A 1 79  ? -1.594  12.934  -1.356  1 43.401  ? 215 LEU A HD22 1 c 
ATOM   1126 H HD23 . LEU A 1 79  ? -0.885  14.353  -1.310  1 43.36   ? 215 LEU A HD23 1 c 
ATOM   1127 N N    . SER A 1 80  ? 0.789   11.586  3.644   1 26.226  ? 216 SER A N    1 ? 
ATOM   1128 C CA   . SER A 1 80  ? 1.193   12.246  4.872   1 26.302  ? 216 SER A CA   1 ? 
ATOM   1129 C C    . SER A 1 80  ? 2.662   11.979  5.184   1 30.316  ? 216 SER A C    1 ? 
ATOM   1130 O O    . SER A 1 80  ? 3.370   12.880  5.645   1 28.206  ? 216 SER A O    1 ? 
ATOM   1131 C CB   . SER A 1 80  ? 0.277   11.891  6.021   1 28.526  ? 216 SER A CB   1 ? 
ATOM   1132 O OG   . SER A 1 80  ? 0.611   10.639  6.588   1 33.432  ? 216 SER A OG   1 ? 
ATOM   1133 H H    . SER A 1 80  ? 0.074   11.017  3.665   1 26.27   ? 216 SER A H    1 c 
ATOM   1134 H HA   . SER A 1 80  ? 1.101   13.220  4.716   1 27.398  ? 216 SER A HA   1 c 
ATOM   1135 H HB2  . SER A 1 80  ? 0.345   12.579  6.706   1 29.081  ? 216 SER A HB2  1 c 
ATOM   1136 H HB3  . SER A 1 80  ? -0.646  11.869  5.709   1 29.069  ? 216 SER A HB3  1 c 
ATOM   1137 H HG   . SER A 1 80  ? 0.079   10.486  7.202   0 33.29   ? 216 SER A HG   1 c 
ATOM   1138 N N    . LEU A 1 81  ? 3.138   10.739  4.909   1 25.148  ? 217 LEU A N    1 ? 
ATOM   1139 C CA   . LEU A 1 81  ? 4.493   10.349  5.251   1 25.045  ? 217 LEU A CA   1 ? 
ATOM   1140 C C    . LEU A 1 81  ? 5.448   10.529  4.080   1 26.097  ? 217 LEU A C    1 ? 
ATOM   1141 O O    . LEU A 1 81  ? 6.601   10.195  4.230   1 28.764  ? 217 LEU A O    1 ? 
ATOM   1142 C CB   . LEU A 1 81  ? 4.500   8.902   5.741   1 28.856  ? 217 LEU A CB   1 ? 
ATOM   1143 C CG   . LEU A 1 81  ? 3.566   8.620   6.909   1 29.701  ? 217 LEU A CG   1 ? 
ATOM   1144 C CD1  . LEU A 1 81  ? 3.687   7.139   7.223   1 31.058  ? 217 LEU A CD1  1 ? 
ATOM   1145 C CD2  . LEU A 1 81  ? 3.837   9.510   8.083   1 34.482  ? 217 LEU A CD2  1 ? 
ATOM   1146 H H    . LEU A 1 81  ? 2.592   10.116  4.524   1 26.28   ? 217 LEU A H    1 c 
ATOM   1147 H HA   . LEU A 1 81  ? 4.817   10.929  5.984   1 25.99   ? 217 LEU A HA   1 c 
ATOM   1148 H HB2  . LEU A 1 81  ? 4.247   8.320   4.988   1 28.158  ? 217 LEU A HB2  1 c 
ATOM   1149 H HB3  . LEU A 1 81  ? 5.417   8.670   6.015   1 28.15   ? 217 LEU A HB3  1 c 
ATOM   1150 H HG   . LEU A 1 81  ? 2.639   8.788   6.616   1 30.585  ? 217 LEU A HG   1 c 
ATOM   1151 H HD11 . LEU A 1 81  ? 3.416   6.618   6.448   1 30.629  ? 217 LEU A HD11 1 c 
ATOM   1152 H HD12 . LEU A 1 81  ? 3.115   6.919   7.977   1 30.642  ? 217 LEU A HD12 1 c 
ATOM   1153 H HD13 . LEU A 1 81  ? 4.609   6.928   7.446   1 30.629  ? 217 LEU A HD13 1 c 
ATOM   1154 H HD21 . LEU A 1 81  ? 3.446   10.385  7.925   1 32.923  ? 217 LEU A HD21 1 c 
ATOM   1155 H HD22 . LEU A 1 81  ? 4.796   9.601   8.208   1 32.937  ? 217 LEU A HD22 1 c 
ATOM   1156 H HD23 . LEU A 1 81  ? 3.444   9.120   8.883   1 32.947  ? 217 LEU A HD23 1 c 
ATOM   1157 N N    . ASP A 1 82  ? 4.941   10.880  2.906   1 26.334  ? 218 ASP A N    1 ? 
ATOM   1158 C CA   . ASP A 1 82  ? 5.753   10.848  1.707   1 29.175  ? 218 ASP A CA   1 ? 
ATOM   1159 C C    . ASP A 1 82  ? 5.155   11.834  0.712   1 26.603  ? 218 ASP A C    1 ? 
ATOM   1160 O O    . ASP A 1 82  ? 4.641   11.428  -0.347  1 27.577  ? 218 ASP A O    1 ? 
ATOM   1161 C CB   . ASP A 1 82  ? 5.925   9.404   1.208   1 30.205  ? 218 ASP A CB   1 ? 
ATOM   1162 C CG   . ASP A 1 82  ? 7.119   9.213   0.281   1 36.942  ? 218 ASP A CG   1 ? 
ATOM   1163 O OD1  . ASP A 1 82  ? 7.738   10.244  -0.109  1 32.288  ? 218 ASP A OD1  1 ? 
ATOM   1164 O OD2  . ASP A 1 82  ? 7.404   8.065   -0.057  1 37.165  ? 218 ASP A OD2  1 ? 
ATOM   1165 H H    . ASP A 1 82  ? 4.075   11.152  2.838   1 26.88   ? 218 ASP A H    1 c 
ATOM   1166 H HA   . ASP A 1 82  ? 6.651   11.176  1.939   1 28.369  ? 218 ASP A HA   1 c 
ATOM   1167 H HB2  . ASP A 1 82  ? 6.053   8.800   1.967   1 31.37   ? 218 ASP A HB2  1 c 
ATOM   1168 H HB3  . ASP A 1 82  ? 5.117   9.113   0.737   1 31.37   ? 218 ASP A HB3  1 c 
ATOM   1169 N N    . PRO A 1 83  ? 5.178   13.174  1.002   1 28.797  ? 219 PRO A N    1 ? 
ATOM   1170 C CA   . PRO A 1 83  ? 4.451   14.134  0.167   1 29.455  ? 219 PRO A CA   1 ? 
ATOM   1171 C C    . PRO A 1 83  ? 4.925   14.268  -1.266  1 30.136  ? 219 PRO A C    1 ? 
ATOM   1172 O O    . PRO A 1 83  ? 4.116   14.656  -2.097  1 34.362  ? 219 PRO A O    1 ? 
ATOM   1173 C CB   . PRO A 1 83  ? 4.538   15.491  0.884   1 33.692  ? 219 PRO A CB   1 ? 
ATOM   1174 C CG   . PRO A 1 83  ? 5.224   15.226  2.166   1 31.422  ? 219 PRO A CG   1 ? 
ATOM   1175 C CD   . PRO A 1 83  ? 5.693   13.770  2.234   1 34.008  ? 219 PRO A CD   1 ? 
ATOM   1176 H HA   . PRO A 1 83  ? 3.508   13.868  0.151   1 30.21   ? 219 PRO A HA   1 c 
ATOM   1177 H HB2  . PRO A 1 83  ? 5.045   16.137  0.354   1 32.166  ? 219 PRO A HB2  1 c 
ATOM   1178 H HB3  . PRO A 1 83  ? 3.647   15.858  1.038   1 32.174  ? 219 PRO A HB3  1 c 
ATOM   1179 H HG2  . PRO A 1 83  ? 5.994   15.822  2.258   1 32.51   ? 219 PRO A HG2  1 c 
ATOM   1180 H HG3  . PRO A 1 83  ? 4.617   15.407  2.910   1 32.51   ? 219 PRO A HG3  1 c 
ATOM   1181 H HD2  . PRO A 1 83  ? 6.668   13.714  2.258   1 32.122  ? 219 PRO A HD2  1 c 
ATOM   1182 H HD3  . PRO A 1 83  ? 5.327   13.330  3.021   1 32.083  ? 219 PRO A HD3  1 c 
ATOM   1183 N N    . SER A 1 84  ? 6.198   13.958  -1.539  1 28.685  ? 220 SER A N    1 ? 
ATOM   1184 C CA   . SER A 1 84  ? 6.756   13.979  -2.898  1 31.795  ? 220 SER A CA   1 ? 
ATOM   1185 C C    . SER A 1 84  ? 6.647   12.631  -3.606  1 34.928  ? 220 SER A C    1 ? 
ATOM   1186 O O    . SER A 1 84  ? 7.302   12.390  -4.624  1 36.966  ? 220 SER A O    1 ? 
ATOM   1187 C CB   . SER A 1 84  ? 8.192   14.454  -2.898  1 30.003  ? 220 SER A CB   1 ? 
ATOM   1188 O OG   . SER A 1 84  ? 8.170   15.758  -2.352  1 31.269  ? 220 SER A OG   1 ? 
ATOM   1189 H H    . SER A 1 84  ? 6.761   13.747  -0.853  1 29.683  ? 220 SER A H    1 c 
ATOM   1190 H HA   . SER A 1 84  ? 6.237   14.632  -3.431  1 31.384  ? 220 SER A HA   1 c 
ATOM   1191 H HB2  . SER A 1 84  ? 8.746   13.866  -2.353  1 30.7    ? 220 SER A HB2  1 c 
ATOM   1192 H HB3  . SER A 1 84  ? 8.542   14.481  -3.807  1 30.728  ? 220 SER A HB3  1 c 
ATOM   1193 H HG   . SER A 1 84  ? 8.949   16.061  -2.327  0 31.42   ? 220 SER A HG   1 c 
ATOM   1194 N N    . HIS A 1 85  ? 5.843   11.712  -3.053  1 34.158  ? 221 HIS A N    1 ? 
ATOM   1195 C CA   . HIS A 1 85  ? 5.688   10.397  -3.660  1 33.51   ? 221 HIS A CA   1 ? 
ATOM   1196 C C    . HIS A 1 85  ? 4.991   10.658  -5.003  1 33.094  ? 221 HIS A C    1 ? 
ATOM   1197 O O    . HIS A 1 85  ? 3.903   11.234  -5.012  1 49.964  ? 221 HIS A O    1 ? 
ATOM   1198 C CB   . HIS A 1 85  ? 4.918   9.485   -2.696  1 31.075  ? 221 HIS A CB   1 ? 
ATOM   1199 C CG   . HIS A 1 85  ? 4.918   8.032   -3.089  1 32.439  ? 221 HIS A CG   1 ? 
ATOM   1200 N ND1  . HIS A 1 85  ? 4.140   7.619   -4.143  1 34.417  ? 221 HIS A ND1  1 ? 
ATOM   1201 C CD2  . HIS A 1 85  ? 5.577   6.959   -2.672  1 33.593  ? 221 HIS A CD2  1 ? 
ATOM   1202 C CE1  . HIS A 1 85  ? 4.301   6.302   -4.283  1 32.097  ? 221 HIS A CE1  1 ? 
ATOM   1203 N NE2  . HIS A 1 85  ? 5.204   5.906   -3.442  1 34.63   ? 221 HIS A NE2  1 ? 
ATOM   1204 H H    . HIS A 1 85  ? 5.378   11.891  -2.290  1 34.063  ? 221 HIS A H    1 c 
ATOM   1205 H HA   . HIS A 1 85  ? 6.583   10.008  -3.821  1 33.275  ? 221 HIS A HA   1 c 
ATOM   1206 H HB2  . HIS A 1 85  ? 5.319   9.560   -1.812  1 31.937  ? 221 HIS A HB2  1 c 
ATOM   1207 H HB3  . HIS A 1 85  ? 3.989   9.801   -2.636  1 31.942  ? 221 HIS A HB3  1 c 
ATOM   1208 H HD1  . HIS A 1 85  ? 3.568   8.142   -4.700  0 33.54   ? 221 HIS A HD1  1 c 
ATOM   1209 H HD2  . HIS A 1 85  ? 6.208   6.919   -1.982  1 33.561  ? 221 HIS A HD2  1 c 
ATOM   1210 H HE1  . HIS A 1 85  ? 3.886   5.769   -4.940  1 33.203  ? 221 HIS A HE1  1 c 
ATOM   1211 H HE2  . HIS A 1 85  ? 5.456   5.119   -3.360  0 33.93   ? 221 HIS A HE2  1 c 
ATOM   1212 N N    . GLU A 1 86  ? 5.635   10.287  -6.086  1 45.386  ? 222 GLU A N    1 ? 
ATOM   1213 C CA   . GLU A 1 86  ? 5.106   10.554  -7.431  1 69.628  ? 222 GLU A CA   1 ? 
ATOM   1214 C C    . GLU A 1 86  ? 3.641   10.116  -7.546  1 66.663  ? 222 GLU A C    1 ? 
ATOM   1215 O O    . GLU A 1 86  ? 2.683   10.923  -7.658  1 66.931  ? 222 GLU A O    1 ? 
ATOM   1216 C CB   . GLU A 1 86  ? 5.865   9.869   -8.579  1 81.113  ? 222 GLU A CB   1 ? 
ATOM   1217 C CG   . GLU A 1 86  ? 6.659   8.598   -8.248  1 83.659  ? 222 GLU A CG   1 ? 
ATOM   1218 C CD   . GLU A 1 86  ? 8.154   8.902   -8.203  1 97.868  ? 222 GLU A CD   1 ? 
ATOM   1219 O OE1  . GLU A 1 86  ? 8.717   9.128   -7.101  1 106.664 ? 222 GLU A OE1  1 ? 
ATOM   1220 O OE2  . GLU A 1 86  ? 8.745   8.954   -9.312  1 74.567  ? 222 GLU A OE2  1 ? 
ATOM   1221 H H    . GLU A 1 86  ? 6.467   9.921   -6.002  1 46.535  ? 222 GLU A H    1 c 
ATOM   1222 H HA   . GLU A 1 86  ? 5.146   11.533  -7.583  1 65.292  ? 222 GLU A HA   1 c 
ATOM   1223 H HB2  . GLU A 1 86  ? 5.229   9.630   -9.287  1 78.586  ? 222 GLU A HB2  1 c 
ATOM   1224 H HB3  . GLU A 1 86  ? 6.482   10.529  -8.962  1 78.923  ? 222 GLU A HB3  1 c 
ATOM   1225 H HG2  . GLU A 1 86  ? 6.377   8.221   -7.391  1 84.981  ? 222 GLU A HG2  1 c 
ATOM   1226 H HG3  . GLU A 1 86  ? 6.496   7.924   -8.942  1 85.893  ? 222 GLU A HG3  1 c 
ATOM   1227 N N    . ARG A 1 87  ? 3.478   8.815   -7.365  1 40.729  ? 223 ARG A N    1 ? 
ATOM   1228 C CA   . ARG A 1 87  ? 2.202   8.194   -7.700  1 42.694  ? 223 ARG A CA   1 ? 
ATOM   1229 C C    . ARG A 1 87  ? 1.129   8.421   -6.637  1 33.926  ? 223 ARG A C    1 ? 
ATOM   1230 O O    . ARG A 1 87  ? -0.028  8.469   -7.025  1 38.264  ? 223 ARG A O    1 ? 
ATOM   1231 C CB   . ARG A 1 87  ? 2.421   6.703   -7.926  1 40.89   ? 223 ARG A CB   1 ? 
ATOM   1232 C CG   . ARG A 1 87  ? 3.117   6.411   -9.240  1 44.663  ? 223 ARG A CG   1 ? 
ATOM   1233 C CD   . ARG A 1 87  ? 3.506   4.921   -9.411  1 45.086  ? 223 ARG A CD   1 ? 
ATOM   1234 N NE   . ARG A 1 87  ? 4.620   4.457   -8.571  1 41.745  ? 223 ARG A NE   1 ? 
ATOM   1235 C CZ   . ARG A 1 87  ? 4.491   3.934   -7.381  1 38.776  ? 223 ARG A CZ   1 ? 
ATOM   1236 N NH1  . ARG A 1 87  ? 3.279   3.702   -6.902  1 38.811  ? 223 ARG A NH1  1 ? 
ATOM   1237 N NH2  . ARG A 1 87  ? 5.570   3.613   -6.702  1 38.373  ? 223 ARG A NH2  1 ? 
ATOM   1238 H H    . ARG A 1 87  ? 4.136   8.307   -6.986  1 46.952  ? 223 ARG A H    1 c 
ATOM   1239 H HA   . ARG A 1 87  ? 1.879   8.580   -8.556  1 40.471  ? 223 ARG A HA   1 c 
ATOM   1240 H HB2  . ARG A 1 87  ? 2.969   6.361   -7.191  1 42.099  ? 223 ARG A HB2  1 c 
ATOM   1241 H HB3  . ARG A 1 87  ? 1.559   6.235   -7.908  1 42.077  ? 223 ARG A HB3  1 c 
ATOM   1242 H HG2  . ARG A 1 87  ? 2.526   6.672   -9.979  1 43.854  ? 223 ARG A HG2  1 c 
ATOM   1243 H HG3  . ARG A 1 87  ? 3.929   6.959   -9.302  1 43.842  ? 223 ARG A HG3  1 c 
ATOM   1244 H HD2  . ARG A 1 87  ? 2.716   4.367   -9.251  1 44.081  ? 223 ARG A HD2  1 c 
ATOM   1245 H HD3  . ARG A 1 87  ? 3.753   4.794   -10.349 1 44.157  ? 223 ARG A HD3  1 c 
ATOM   1246 H HE   . ARG A 1 87  ? 5.425   4.536   -8.900  1 41.707  ? 223 ARG A HE   1 c 
ATOM   1247 H HH11 . ARG A 1 87  ? 2.623   4.277   -6.906  1 38.907  ? 223 ARG A HH11 1 c 
ATOM   1248 H HH12 . ARG A 1 87  ? 3.137   2.916   -6.527  1 38.775  ? 223 ARG A HH12 1 c 
ATOM   1249 H HH21 . ARG A 1 87  ? 6.308   4.096   -6.781  1 38.542  ? 223 ARG A HH21 1 c 
ATOM   1250 H HH22 . ARG A 1 87  ? 5.552   2.920   -6.154  1 38.494  ? 223 ARG A HH22 1 c 
ATOM   1251 N N    . ALA A 1 88  ? 1.485   8.594   -5.358  1 31.443  ? 224 ALA A N    1 ? 
ATOM   1252 C CA   . ALA A 1 88  ? 0.483   8.718   -4.296  1 32.9    ? 224 ALA A CA   1 ? 
ATOM   1253 C C    . ALA A 1 88  ? -0.418  9.931   -4.522  1 36.031  ? 224 ALA A C    1 ? 
ATOM   1254 O O    . ALA A 1 88  ? -1.617  9.887   -4.258  1 31.01   ? 224 ALA A O    1 ? 
ATOM   1255 C CB   . ALA A 1 88  ? 1.124   8.749   -2.912  1 35.47   ? 224 ALA A CB   1 ? 
ATOM   1256 H H    . ALA A 1 88  ? 2.361   8.714   -5.146  1 32.434  ? 224 ALA A H    1 c 
ATOM   1257 H HA   . ALA A 1 88  ? -0.097  7.908   -4.346  1 33.624  ? 224 ALA A HA   1 c 
ATOM   1258 H HB1  . ALA A 1 88  ? 1.732   7.998   -2.816  1 34.679  ? 224 ALA A HB1  1 c 
ATOM   1259 H HB2  . ALA A 1 88  ? 1.617   9.578   -2.800  1 34.672  ? 224 ALA A HB2  1 c 
ATOM   1260 H HB3  . ALA A 1 88  ? 0.433   8.691   -2.231  1 34.687  ? 224 ALA A HB3  1 c 
ATOM   1261 N N    . GLY A 1 89  ? 0.145   11.049  -4.997  1 35.367  ? 225 GLY A N    1 ? 
ATOM   1262 C CA   . GLY A 1 89  ? -0.664  12.226  -5.286  1 35.475  ? 225 GLY A CA   1 ? 
ATOM   1263 C C    . GLY A 1 89  ? -1.693  12.004  -6.397  1 31.818  ? 225 GLY A C    1 ? 
ATOM   1264 O O    . GLY A 1 89  ? -2.863  12.363  -6.249  1 34.479  ? 225 GLY A O    1 ? 
ATOM   1265 H H    . GLY A 1 89  ? 1.048   11.094  -5.125  1 35.502  ? 225 GLY A H    1 c 
ATOM   1266 H HA2  . GLY A 1 89  ? -1.132  12.500  -4.462  1 34.581  ? 225 GLY A HA2  1 c 
ATOM   1267 H HA3  . GLY A 1 89  ? -0.064  12.964  -5.546  1 34.596  ? 225 GLY A HA3  1 c 
ATOM   1268 N N    . GLY A 1 90  ? -1.248  11.387  -7.504  1 33.776  ? 226 GLY A N    1 ? 
ATOM   1269 C CA   . GLY A 1 90  ? -2.119  11.064  -8.632  1 35.409  ? 226 GLY A CA   1 ? 
ATOM   1270 C C    . GLY A 1 90  ? -3.220  10.078  -8.226  1 33.437  ? 226 GLY A C    1 ? 
ATOM   1271 O O    . GLY A 1 90  ? -4.362  10.196  -8.668  1 34.934  ? 226 GLY A O    1 ? 
ATOM   1272 H H    . GLY A 1 90  ? -0.362  11.170  -7.568  1 33.677  ? 226 GLY A H    1 c 
ATOM   1273 H HA2  . GLY A 1 90  ? -2.528  11.893  -8.969  1 34.722  ? 226 GLY A HA2  1 c 
ATOM   1274 H HA3  . GLY A 1 90  ? -1.576  10.674  -9.357  1 34.659  ? 226 GLY A HA3  1 c 
ATOM   1275 N N    . ASN A 1 91  ? -2.830  9.094   -7.387  1 32.602  ? 227 ASN A N    1 ? 
ATOM   1276 C CA   . ASN A 1 91  ? -3.764  8.088   -6.912  1 32.123  ? 227 ASN A CA   1 ? 
ATOM   1277 C C    . ASN A 1 91  ? -4.827  8.701   -6.037  1 31.98   ? 227 ASN A C    1 ? 
ATOM   1278 O O    . ASN A 1 91  ? -5.994  8.280   -6.126  1 33.073  ? 227 ASN A O    1 ? 
ATOM   1279 C CB   . ASN A 1 91  ? -3.037  6.974   -6.191  1 32.677  ? 227 ASN A CB   1 ? 
ATOM   1280 C CG   . ASN A 1 91  ? -2.224  6.099   -7.125  1 36.764  ? 227 ASN A CG   1 ? 
ATOM   1281 O OD1  . ASN A 1 91  ? -2.296  6.197   -8.360  1 36.239  ? 227 ASN A OD1  1 ? 
ATOM   1282 N ND2  . ASN A 1 91  ? -1.391  5.247   -6.537  1 34.557  ? 227 ASN A ND2  1 ? 
ATOM   1283 H H    . ASN A 1 91  ? -1.956  9.035   -7.129  1 32.738  ? 227 ASN A H    1 c 
ATOM   1284 H HA   . ASN A 1 91  ? -4.215  7.695   -7.694  1 32.354  ? 227 ASN A HA   1 c 
ATOM   1285 H HB2  . ASN A 1 91  ? -2.441  7.363   -5.521  1 33.433  ? 227 ASN A HB2  1 c 
ATOM   1286 H HB3  . ASN A 1 91  ? -3.689  6.415   -5.724  1 33.431  ? 227 ASN A HB3  1 c 
ATOM   1287 H HD21 . ASN A 1 91  ? -0.896  4.702   -7.032  1 35.225  ? 227 ASN A HD21 1 c 
ATOM   1288 H HD22 . ASN A 1 91  ? -1.326  5.219   -5.652  1 35.204  ? 227 ASN A HD22 1 c 
ATOM   1289 N N    . LEU A 1 92  ? -4.400  9.628   -5.173  1 30.14   ? 228 LEU A N    1 ? 
ATOM   1290 C CA   . LEU A 1 92  ? -5.320  10.311  -4.281  1 32.436  ? 228 LEU A CA   1 ? 
ATOM   1291 C C    . LEU A 1 92  ? -6.355  11.069  -5.101  1 34.461  ? 228 LEU A C    1 ? 
ATOM   1292 O O    . LEU A 1 92  ? -7.544  11.004  -4.819  1 33.127  ? 228 LEU A O    1 ? 
ATOM   1293 C CB   . LEU A 1 92  ? -4.567  11.234  -3.348  1 31.365  ? 228 LEU A CB   1 ? 
ATOM   1294 C CG   . LEU A 1 92  ? -5.422  11.984  -2.324  1 39.029  ? 228 LEU A CG   1 ? 
ATOM   1295 C CD1  . LEU A 1 92  ? -6.239  10.999  -1.545  1 41.993  ? 228 LEU A CD1  1 ? 
ATOM   1296 C CD2  . LEU A 1 92  ? -4.511  12.753  -1.396  1 43.938  ? 228 LEU A CD2  1 ? 
ATOM   1297 H H    . LEU A 1 92  ? -3.509  9.822   -5.112  1 31.099  ? 228 LEU A H    1 c 
ATOM   1298 H HA   . LEU A 1 92  ? -5.788  9.618   -3.753  1 32.227  ? 228 LEU A HA   1 c 
ATOM   1299 H HB2  . LEU A 1 92  ? -3.894  10.703  -2.864  1 33.236  ? 228 LEU A HB2  1 c 
ATOM   1300 H HB3  . LEU A 1 92  ? -4.085  11.896  -3.894  1 33.228  ? 228 LEU A HB3  1 c 
ATOM   1301 H HG   . LEU A 1 92  ? -6.021  12.620  -2.793  1 38.841  ? 228 LEU A HG   1 c 
ATOM   1302 H HD11 . LEU A 1 92  ? -7.021  10.755  -2.064  1 40.887  ? 228 LEU A HD11 1 c 
ATOM   1303 H HD12 . LEU A 1 92  ? -6.524  11.399  -0.706  1 41.05   ? 228 LEU A HD12 1 c 
ATOM   1304 H HD13 . LEU A 1 92  ? -5.710  10.203  -1.360  1 40.979  ? 228 LEU A HD13 1 c 
ATOM   1305 H HD21 . LEU A 1 92  ? -3.942  13.345  -1.916  1 42.415  ? 228 LEU A HD21 1 c 
ATOM   1306 H HD22 . LEU A 1 92  ? -3.957  12.130  -0.895  1 42.415  ? 228 LEU A HD22 1 c 
ATOM   1307 H HD23 . LEU A 1 92  ? -5.045  13.279  -0.778  1 42.408  ? 228 LEU A HD23 1 c 
ATOM   1308 N N    . ARG A 1 93  ? -5.912  11.747  -6.174  1 36.023  ? 229 ARG A N    1 ? 
ATOM   1309 C CA   . ARG A 1 93  ? -6.845  12.480  -7.017  1 35.901  ? 229 ARG A CA   1 ? 
ATOM   1310 C C    . ARG A 1 93  ? -7.851  11.548  -7.703  1 35.102  ? 229 ARG A C    1 ? 
ATOM   1311 O O    . ARG A 1 93  ? -9.053  11.805  -7.695  1 38.663  ? 229 ARG A O    1 ? 
ATOM   1312 C CB   . ARG A 1 93  ? -6.122  13.262  -8.131  1 45.262  ? 229 ARG A CB   1 ? 
ATOM   1313 C CG   . ARG A 1 93  ? -5.537  14.603  -7.709  1 59.258  ? 229 ARG A CG   1 ? 
ATOM   1314 C CD   . ARG A 1 93  ? -5.112  15.494  -8.932  1 62.236  ? 229 ARG A CD   1 ? 
ATOM   1315 N NE   . ARG A 1 93  ? -3.961  14.985  -9.697  1 63.087  ? 229 ARG A NE   1 ? 
ATOM   1316 C CZ   . ARG A 1 93  ? -2.705  14.832  -9.252  1 66.742  ? 229 ARG A CZ   1 ? 
ATOM   1317 N NH1  . ARG A 1 93  ? -2.353  15.266  -8.051  1 70.119  ? 229 ARG A NH1  1 ? 
ATOM   1318 N NH2  . ARG A 1 93  ? -1.789  14.254  -10.014 1 71.351  ? 229 ARG A NH2  1 ? 
ATOM   1319 H H    . ARG A 1 93  ? -5.019  11.778  -6.366  1 35.681  ? 229 ARG A H    1 c 
ATOM   1320 H HA   . ARG A 1 93  ? -7.344  13.121  -6.449  1 37.375  ? 229 ARG A HA   1 c 
ATOM   1321 H HB2  . ARG A 1 93  ? -5.398  12.704  -8.485  1 45.555  ? 229 ARG A HB2  1 c 
ATOM   1322 H HB3  . ARG A 1 93  ? -6.753  13.424  -8.866  1 45.621  ? 229 ARG A HB3  1 c 
ATOM   1323 H HG2  . ARG A 1 93  ? -6.203  15.092  -7.176  1 56.149  ? 229 ARG A HG2  1 c 
ATOM   1324 H HG3  . ARG A 1 93  ? -4.754  14.447  -7.138  1 56.321  ? 229 ARG A HG3  1 c 
ATOM   1325 H HD2  . ARG A 1 93  ? -5.880  15.576  -9.535  1 61.769  ? 229 ARG A HD2  1 c 
ATOM   1326 H HD3  . ARG A 1 93  ? -4.900  16.391  -8.603  1 61.77   ? 229 ARG A HD3  1 c 
ATOM   1327 H HE   . ARG A 1 93  ? -4.115  14.765  -10.526 1 63.829  ? 229 ARG A HE   1 c 
ATOM   1328 H HH11 . ARG A 1 93  ? -2.510  16.105  -7.824  1 68.95   ? 229 ARG A HH11 1 c 
ATOM   1329 H HH12 . ARG A 1 93  ? -1.960  14.715  -7.483  1 68.742  ? 229 ARG A HH12 1 c 
ATOM   1330 H HH21 . ARG A 1 93  ? -2.031  13.773  -10.718 1 69.794  ? 229 ARG A HH21 1 c 
ATOM   1331 H HH22 . ARG A 1 93  ? -0.929  14.347  -9.815  1 69.877  ? 229 ARG A HH22 1 c 
ATOM   1332 N N    . TYR A 1 94  ? -7.347  10.455  -8.264  1 33.381  ? 230 TYR A N    1 ? 
ATOM   1333 C CA   . TYR A 1 94  ? -8.140  9.432   -8.913  1 33.736  ? 230 TYR A CA   1 ? 
ATOM   1334 C C    . TYR A 1 94  ? -9.170  8.842   -7.946  1 42.021  ? 230 TYR A C    1 ? 
ATOM   1335 O O    . TYR A 1 94  ? -10.346 8.773   -8.280  1 35.471  ? 230 TYR A O    1 ? 
ATOM   1336 C CB   . TYR A 1 94  ? -7.256  8.319   -9.445  1 35.572  ? 230 TYR A CB   1 ? 
ATOM   1337 C CG   . TYR A 1 94  ? -8.072  7.219   -10.103 1 44.096  ? 230 TYR A CG   1 ? 
ATOM   1338 C CD1  . TYR A 1 94  ? -8.764  7.449   -11.301 1 45.072  ? 230 TYR A CD1  1 ? 
ATOM   1339 C CD2  . TYR A 1 94  ? -8.221  5.974   -9.482  1 49.13   ? 230 TYR A CD2  1 ? 
ATOM   1340 C CE1  . TYR A 1 94  ? -9.552  6.460   -11.869 1 51.541  ? 230 TYR A CE1  1 ? 
ATOM   1341 C CE2  . TYR A 1 94  ? -9.001  4.982   -10.054 1 53.135  ? 230 TYR A CE2  1 ? 
ATOM   1342 C CZ   . TYR A 1 94  ? -9.640  5.220   -11.260 1 54.598  ? 230 TYR A CZ   1 ? 
ATOM   1343 O OH   . TYR A 1 94  ? -10.406 4.242   -11.797 1 70.577  ? 230 TYR A OH   1 ? 
ATOM   1344 H H    . TYR A 1 94  ? -6.439  10.348  -8.263  1 33.902  ? 230 TYR A H    1 c 
ATOM   1345 H HA   . TYR A 1 94  ? -8.619  9.843   -9.674  1 35.601  ? 230 TYR A HA   1 c 
ATOM   1346 H HB2  . TYR A 1 94  ? -6.631  8.696   -10.104 1 36.929  ? 230 TYR A HB2  1 c 
ATOM   1347 H HB3  . TYR A 1 94  ? -6.737  7.940   -8.702  1 37.012  ? 230 TYR A HB3  1 c 
ATOM   1348 H HD1  . TYR A 1 94  ? -8.694  8.289   -11.726 1 46.356  ? 230 TYR A HD1  1 c 
ATOM   1349 H HD2  . TYR A 1 94  ? -7.774  5.802   -8.668  1 48.694  ? 230 TYR A HD2  1 c 
ATOM   1350 H HE1  . TYR A 1 94  ? -9.990  6.616   -12.687 1 50.653  ? 230 TYR A HE1  1 c 
ATOM   1351 H HE2  . TYR A 1 94  ? -9.073  4.139   -9.640  1 52.456  ? 230 TYR A HE2  1 c 
ATOM   1352 H HH   . TYR A 1 94  ? -10.761 4.558   -12.538 0 70.25   ? 230 TYR A HH   1 c 
ATOM   1353 N N    . PHE A 1 95  ? -8.724  8.432   -6.751  1 34.79   ? 231 PHE A N    1 ? 
ATOM   1354 C CA   . PHE A 1 95  ? -9.625  7.852   -5.767  1 32.317  ? 231 PHE A CA   1 ? 
ATOM   1355 C C    . PHE A 1 95  ? -10.665 8.858   -5.302  1 33.038  ? 231 PHE A C    1 ? 
ATOM   1356 O O    . PHE A 1 95  ? -11.799 8.470   -5.121  1 40.74   ? 231 PHE A O    1 ? 
ATOM   1357 C CB   . PHE A 1 95  ? -8.805  7.302   -4.595  1 32.663  ? 231 PHE A CB   1 ? 
ATOM   1358 C CG   . PHE A 1 95  ? -7.913  6.104   -4.867  1 27.876  ? 231 PHE A CG   1 ? 
ATOM   1359 C CD1  . PHE A 1 95  ? -8.233  5.123   -5.820  1 33.326  ? 231 PHE A CD1  1 ? 
ATOM   1360 C CD2  . PHE A 1 95  ? -6.755  5.915   -4.123  1 27.404  ? 231 PHE A CD2  1 ? 
ATOM   1361 C CE1  . PHE A 1 95  ? -7.398  4.041   -6.052  1 31.116  ? 231 PHE A CE1  1 ? 
ATOM   1362 C CE2  . PHE A 1 95  ? -5.921  4.829   -4.349  1 26.993  ? 231 PHE A CE2  1 ? 
ATOM   1363 C CZ   . PHE A 1 95  ? -6.265  3.863   -5.282  1 29.919  ? 231 PHE A CZ   1 ? 
ATOM   1364 H H    . PHE A 1 95  ? -7.835  8.507   -6.550  1 35.668  ? 231 PHE A H    1 c 
ATOM   1365 H HA   . PHE A 1 95  ? -10.108 7.102   -6.196  1 33.066  ? 231 PHE A HA   1 c 
ATOM   1366 H HB2  . PHE A 1 95  ? -8.245  8.031   -4.248  1 31.422  ? 231 PHE A HB2  1 c 
ATOM   1367 H HB3  . PHE A 1 95  ? -9.430  7.059   -3.875  1 31.426  ? 231 PHE A HB3  1 c 
ATOM   1368 H HD1  . PHE A 1 95  ? -9.014  5.213   -6.338  1 31.44   ? 231 PHE A HD1  1 c 
ATOM   1369 H HD2  . PHE A 1 95  ? -6.517  6.553   -3.470  1 27.513  ? 231 PHE A HD2  1 c 
ATOM   1370 H HE1  . PHE A 1 95  ? -7.637  3.395   -6.696  1 31.265  ? 231 PHE A HE1  1 c 
ATOM   1371 H HE2  . PHE A 1 95  ? -5.143  4.722   -3.836  1 27.811  ? 231 PHE A HE2  1 c 
ATOM   1372 H HZ   . PHE A 1 95  ? -5.689  3.133   -5.444  1 29.487  ? 231 PHE A HZ   1 c 
ATOM   1373 N N    . GLU A 1 96  ? -10.272 10.114  -5.032  1 38.029  ? 232 GLU A N    1 ? 
ATOM   1374 C CA   . GLU A 1 96  ? -11.197 11.171  -4.633  1 41.146  ? 232 GLU A CA   1 ? 
ATOM   1375 C C    . GLU A 1 96  ? -12.270 11.424  -5.703  1 40.006  ? 232 GLU A C    1 ? 
ATOM   1376 O O    . GLU A 1 96  ? -13.425 11.679  -5.335  1 39.413  ? 232 GLU A O    1 ? 
ATOM   1377 C CB   . GLU A 1 96  ? -10.458 12.444  -4.214  1 42.928  ? 232 GLU A CB   1 ? 
ATOM   1378 C CG   . GLU A 1 96  ? -9.888  12.336  -2.808  1 49.652  ? 232 GLU A CG   1 ? 
ATOM   1379 C CD   . GLU A 1 96  ? -9.279  13.571  -2.193  1 71.807  ? 232 GLU A CD   1 ? 
ATOM   1380 O OE1  . GLU A 1 96  ? -9.069  14.591  -2.895  1 78.226  ? 232 GLU A OE1  1 ? 
ATOM   1381 O OE2  . GLU A 1 96  ? -9.022  13.469  -0.969  1 82.141  ? 232 GLU A OE2  1 ? 
ATOM   1382 H H    . GLU A 1 96  ? -9.383  10.315  -5.082  1 37.46   ? 232 GLU A H    1 c 
ATOM   1383 H HA   . GLU A 1 96  ? -11.675 10.843  -3.829  1 40.737  ? 232 GLU A HA   1 c 
ATOM   1384 H HB2  . GLU A 1 96  ? -9.734  12.622  -4.851  1 43.899  ? 232 GLU A HB2  1 c 
ATOM   1385 H HB3  . GLU A 1 96  ? -11.079 13.202  -4.248  1 43.925  ? 232 GLU A HB3  1 c 
ATOM   1386 H HG2  . GLU A 1 96  ? -10.602 12.032  -2.208  1 52.421  ? 232 GLU A HG2  1 c 
ATOM   1387 H HG3  . GLU A 1 96  ? -9.205  11.633  -2.805  1 52.265  ? 232 GLU A HG3  1 c 
ATOM   1388 N N    . GLN A 1 97  ? -11.892 11.322  -6.978  1 38.995  ? 233 GLN A N    1 ? 
ATOM   1389 C CA   . GLN A 1 97  ? -12.818 11.370  -8.103  1 48.11   ? 233 GLN A CA   1 ? 
ATOM   1390 C C    . GLN A 1 97  ? -13.847 10.241  -8.031  1 50.272  ? 233 GLN A C    1 ? 
ATOM   1391 O O    . GLN A 1 97  ? -15.046 10.491  -8.163  1 45.731  ? 233 GLN A O    1 ? 
ATOM   1392 C CB   . GLN A 1 97  ? -12.140 11.315  -9.481  1 57.528  ? 233 GLN A CB   1 ? 
ATOM   1393 C CG   . GLN A 1 97  ? -11.323 12.563  -9.828  1 72.845  ? 233 GLN A CG   1 ? 
ATOM   1394 C CD   . GLN A 1 97  ? -10.163 12.355  -10.796 1 82.611  ? 233 GLN A CD   1 ? 
ATOM   1395 O OE1  . GLN A 1 97  ? -9.929  11.273  -11.354 1 81.798  ? 233 GLN A OE1  1 ? 
ATOM   1396 N NE2  . GLN A 1 97  ? -9.400  13.418  -11.019 1 84.402  ? 233 GLN A NE2  1 ? 
ATOM   1397 H H    . GLN A 1 97  ? -11.000 11.246  -7.166  1 41.221  ? 233 GLN A H    1 c 
ATOM   1398 H HA   . GLN A 1 97  ? -13.308 12.229  -8.050  1 48.088  ? 233 GLN A HA   1 c 
ATOM   1399 H HB2  . GLN A 1 97  ? -11.560 10.534  -9.512  1 58.32   ? 233 GLN A HB2  1 c 
ATOM   1400 H HB3  . GLN A 1 97  ? -12.832 11.196  -10.167 1 58.264  ? 233 GLN A HB3  1 c 
ATOM   1401 H HG2  . GLN A 1 97  ? -11.924 13.229  -10.224 1 70.982  ? 233 GLN A HG2  1 c 
ATOM   1402 H HG3  . GLN A 1 97  ? -10.970 12.952  -9.001  1 70.652  ? 233 GLN A HG3  1 c 
ATOM   1403 H HE21 . GLN A 1 97  ? -8.671  13.343  -11.519 1 83.811  ? 233 GLN A HE21 1 c 
ATOM   1404 H HE22 . GLN A 1 97  ? -9.614  14.206  -10.670 1 83.758  ? 233 GLN A HE22 1 c 
ATOM   1405 N N    . LEU A 1 98  ? -13.392 8.994   -7.872  1 40.461  ? 234 LEU A N    1 ? 
ATOM   1406 C CA   . LEU A 1 98  ? -14.300 7.861   -7.703  1 40.162  ? 234 LEU A CA   1 ? 
ATOM   1407 C C    . LEU A 1 98  ? -15.275 8.066   -6.543  1 38.239  ? 234 LEU A C    1 ? 
ATOM   1408 O O    . LEU A 1 98  ? -16.440 7.721   -6.680  1 48.723  ? 234 LEU A O    1 ? 
ATOM   1409 C CB   . LEU A 1 98  ? -13.520 6.561   -7.553  1 37.909  ? 234 LEU A CB   1 ? 
ATOM   1410 C CG   . LEU A 1 98  ? -12.771 6.090   -8.800  1 42.202  ? 234 LEU A CG   1 ? 
ATOM   1411 C CD1  . LEU A 1 98  ? -12.012 4.829   -8.476  1 45.838  ? 234 LEU A CD1  1 ? 
ATOM   1412 C CD2  . LEU A 1 98  ? -13.679 5.795   -9.984  1 50.269  ? 234 LEU A CD2  1 ? 
ATOM   1413 H H    . LEU A 1 98  ? -12.491 8.841   -7.873  1 42.536  ? 234 LEU A H    1 c 
ATOM   1414 H HA   . LEU A 1 98  ? -14.849 7.807   -8.523  1 39.608  ? 234 LEU A HA   1 c 
ATOM   1415 H HB2  . LEU A 1 98  ? -12.868 6.676   -6.824  1 39.373  ? 234 LEU A HB2  1 c 
ATOM   1416 H HB3  . LEU A 1 98  ? -14.149 5.852   -7.284  1 39.388  ? 234 LEU A HB3  1 c 
ATOM   1417 H HG   . LEU A 1 98  ? -12.122 6.793   -9.064  1 43.4    ? 234 LEU A HG   1 c 
ATOM   1418 H HD11 . LEU A 1 98  ? -11.281 5.039   -7.871  1 44.736  ? 234 LEU A HD11 1 c 
ATOM   1419 H HD12 . LEU A 1 98  ? -11.654 4.439   -9.289  1 44.837  ? 234 LEU A HD12 1 c 
ATOM   1420 H HD13 . LEU A 1 98  ? -12.609 4.192   -8.050  1 44.674  ? 234 LEU A HD13 1 c 
ATOM   1421 H HD21 . LEU A 1 98  ? -14.065 6.623   -10.313 1 47.627  ? 234 LEU A HD21 1 c 
ATOM   1422 H HD22 . LEU A 1 98  ? -14.392 5.195   -9.705  1 47.706  ? 234 LEU A HD22 1 c 
ATOM   1423 H HD23 . LEU A 1 98  ? -13.168 5.378   -10.697 1 47.684  ? 234 LEU A HD23 1 c 
ATOM   1424 N N    . LEU A 1 99  ? -14.800 8.615   -5.423  1 36.589  ? 235 LEU A N    1 ? 
ATOM   1425 C CA   . LEU A 1 99  ? -15.618 8.903   -4.255  1 47.461  ? 235 LEU A CA   1 ? 
ATOM   1426 C C    . LEU A 1 99  ? -16.748 9.896   -4.565  1 52.992  ? 235 LEU A C    1 ? 
ATOM   1427 O O    . LEU A 1 99  ? -17.854 9.728   -4.067  1 51.227  ? 235 LEU A O    1 ? 
ATOM   1428 C CB   . LEU A 1 99  ? -14.738 9.426   -3.121  1 44.017  ? 235 LEU A CB   1 ? 
ATOM   1429 C CG   . LEU A 1 99  ? -15.364 9.433   -1.727  1 47.547  ? 235 LEU A CG   1 ? 
ATOM   1430 C CD1  . LEU A 1 99  ? -15.397 8.004   -1.218  1 56.026  ? 235 LEU A CD1  1 ? 
ATOM   1431 C CD2  . LEU A 1 99  ? -14.627 10.321  -0.748  1 50.489  ? 235 LEU A CD2  1 ? 
ATOM   1432 H H    . LEU A 1 99  ? -13.909 8.813   -5.382  1 39.322  ? 235 LEU A H    1 c 
ATOM   1433 H HA   . LEU A 1 99  ? -16.036 8.053   -3.973  1 45.488  ? 235 LEU A HA   1 c 
ATOM   1434 H HB2  . LEU A 1 99  ? -13.914 8.888   -3.093  1 45.632  ? 235 LEU A HB2  1 c 
ATOM   1435 H HB3  . LEU A 1 99  ? -14.473 10.349  -3.341  1 45.611  ? 235 LEU A HB3  1 c 
ATOM   1436 H HG   . LEU A 1 99  ? -16.298 9.760   -1.797  1 48.9    ? 235 LEU A HG   1 c 
ATOM   1437 H HD11 . LEU A 1 99  ? -16.003 7.476   -1.761  1 53.271  ? 235 LEU A HD11 1 c 
ATOM   1438 H HD12 . LEU A 1 99  ? -15.704 7.997   -0.296  1 53.333  ? 235 LEU A HD12 1 c 
ATOM   1439 H HD13 . LEU A 1 99  ? -14.504 7.619   -1.261  1 53.291  ? 235 LEU A HD13 1 c 
ATOM   1440 H HD21 . LEU A 1 99  ? -14.589 11.228  -1.095  1 49.598  ? 235 LEU A HD21 1 c 
ATOM   1441 H HD22 . LEU A 1 99  ? -13.723 9.986   -0.621  1 49.598  ? 235 LEU A HD22 1 c 
ATOM   1442 H HD23 . LEU A 1 99  ? -15.092 10.321  0.106   1 49.6    ? 235 LEU A HD23 1 c 
ATOM   1443 N N    . GLU A 1 100 ? -16.487 10.938  -5.361  1 55.736  ? 236 GLU A N    1 ? 
ATOM   1444 C CA   . GLU A 1 100 ? -17.528 11.873  -5.788  1 64.155  ? 236 GLU A CA   1 ? 
ATOM   1445 C C    . GLU A 1 100 ? -18.591 11.219  -6.682  1 65.862  ? 236 GLU A C    1 ? 
ATOM   1446 O O    . GLU A 1 100 ? -19.736 11.646  -6.647  1 72.248  ? 236 GLU A O    1 ? 
ATOM   1447 C CB   . GLU A 1 100 ? -16.923 13.075  -6.512  1 68.882  ? 236 GLU A CB   1 ? 
ATOM   1448 C CG   . GLU A 1 100 ? -16.080 13.943  -5.583  1 75.884  ? 236 GLU A CG   1 ? 
ATOM   1449 C CD   . GLU A 1 100 ? -15.055 14.835  -6.273  1 89.578  ? 236 GLU A CD   1 ? 
ATOM   1450 O OE1  . GLU A 1 100 ? -15.170 15.059  -7.503  1 81.349  ? 236 GLU A OE1  1 ? 
ATOM   1451 O OE2  . GLU A 1 100 ? -14.113 15.286  -5.567  1 83.552  ? 236 GLU A OE2  1 ? 
ATOM   1452 H H    . GLU A 1 100 ? -15.628 11.082  -5.641  1 56.895  ? 236 GLU A H    1 c 
ATOM   1453 H HA   . GLU A 1 100 ? -17.981 12.217  -4.975  1 63.483  ? 236 GLU A HA   1 c 
ATOM   1454 H HB2  . GLU A 1 100 ? -16.373 12.747  -7.254  1 69.327  ? 236 GLU A HB2  1 c 
ATOM   1455 H HB3  . GLU A 1 100 ? -17.646 13.620  -6.892  1 69.277  ? 236 GLU A HB3  1 c 
ATOM   1456 H HG2  . GLU A 1 100 ? -16.678 14.516  -5.058  1 77.047  ? 236 GLU A HG2  1 c 
ATOM   1457 H HG3  . GLU A 1 100 ? -15.604 13.368  -4.948  1 76.764  ? 236 GLU A HG3  1 c 
ATOM   1458 N N    . GLU A 1 101 ? -18.224 10.198  -7.472  1 58.627  ? 237 GLU A N    1 ? 
ATOM   1459 C CA   . GLU A 1 101 ? -19.141 9.513   -8.375  1 65.343  ? 237 GLU A CA   1 ? 
ATOM   1460 C C    . GLU A 1 101 ? -20.162 8.660   -7.618  1 71.811  ? 237 GLU A C    1 ? 
ATOM   1461 O O    . GLU A 1 101 ? -21.317 8.624   -8.029  1 79.69   ? 237 GLU A O    1 ? 
ATOM   1462 C CB   . GLU A 1 101 ? -18.439 8.598   -9.380  1 65.216  ? 237 GLU A CB   1 ? 
ATOM   1463 C CG   . GLU A 1 101 ? -17.516 9.344   -10.343 1 69.449  ? 237 GLU A CG   1 ? 
ATOM   1464 C CD   . GLU A 1 101 ? -16.710 8.462   -11.287 1 75.155  ? 237 GLU A CD   1 ? 
ATOM   1465 O OE1  . GLU A 1 101 ? -17.038 7.266   -11.416 1 88.591  ? 237 GLU A OE1  1 ? 
ATOM   1466 O OE2  . GLU A 1 101 ? -15.742 8.962   -11.900 1 85.845  ? 237 GLU A OE2  1 ? 
ATOM   1467 H H    . GLU A 1 101 ? -17.352 9.924   -7.463  1 61.614  ? 237 GLU A H    1 c 
ATOM   1468 H HA   . GLU A 1 101 ? -19.635 10.202  -8.890  1 65.181  ? 237 GLU A HA   1 c 
ATOM   1469 H HB2  . GLU A 1 101 ? -17.920 7.927   -8.891  1 66.102  ? 237 GLU A HB2  1 c 
ATOM   1470 H HB3  . GLU A 1 101 ? -19.118 8.124   -9.908  1 66.296  ? 237 GLU A HB3  1 c 
ATOM   1471 H HG2  . GLU A 1 101 ? -18.058 9.956   -10.886 1 69.672  ? 237 GLU A HG2  1 c 
ATOM   1472 H HG3  . GLU A 1 101 ? -16.895 9.891   -9.827  1 69.488  ? 237 GLU A HG3  1 c 
ATOM   1473 N N    . GLU A 1 102 ? -19.727 7.950   -6.561  1 73.476  ? 238 GLU A N    1 ? 
ATOM   1474 C CA   . GLU A 1 102 ? -20.636 7.331   -5.600  1 74.328  ? 238 GLU A CA   1 ? 
ATOM   1475 C C    . GLU A 1 102 ? -21.220 8.454   -4.713  1 86.115  ? 238 GLU A C    1 ? 
ATOM   1476 O O    . GLU A 1 102 ? -20.666 8.645   -3.617  1 99.18   ? 238 GLU A O    1 ? 
ATOM   1477 C CB   . GLU A 1 102 ? -20.039 6.152   -4.811  1 71.226  ? 238 GLU A CB   1 ? 
ATOM   1478 C CG   . GLU A 1 102 ? -18.609 6.327   -4.298  1 69.327  ? 238 GLU A CG   1 ? 
ATOM   1479 C CD   . GLU A 1 102 ? -18.205 5.596   -3.014  1 76.558  ? 238 GLU A CD   1 ? 
ATOM   1480 O OE1  . GLU A 1 102 ? -17.663 4.464   -3.082  1 83.712  ? 238 GLU A OE1  1 ? 
ATOM   1481 O OE2  . GLU A 1 102 ? -18.384 6.189   -1.930  1 54.136  ? 238 GLU A OE2  1 ? 
ATOM   1482 O OXT  . GLU A 1 102 ? -22.198 9.131   -5.161  1 80.975  ? 238 GLU A OXT  1 ? 
ATOM   1483 H H    . GLU A 1 102 ? -18.827 7.838   -6.449  1 73.07   ? 238 GLU A H    1 c 
ATOM   1484 H HA   . GLU A 1 102 ? -21.391 6.941   -6.111  1 75.572  ? 238 GLU A HA   1 c 
ATOM   1485 H HB2  . GLU A 1 102 ? -20.616 5.969   -4.041  1 71.687  ? 238 GLU A HB2  1 c 
ATOM   1486 H HB3  . GLU A 1 102 ? -20.054 5.358   -5.385  1 71.513  ? 238 GLU A HB3  1 c 
ATOM   1487 H HG2  . GLU A 1 102 ? -17.993 6.045   -5.006  1 71.359  ? 238 GLU A HG2  1 c 
ATOM   1488 H HG3  . GLU A 1 102 ? -18.449 7.278   -4.158  1 71.359  ? 238 GLU A HG3  1 c 
ATOM   1489 N N    . GLY B 2 3   ? -7.340  3.711   -13.955 1 74.184  ? 3   GLY C N    1 ? 
ATOM   1490 C CA   . GLY B 2 3   ? -6.998  3.145   -12.627 1 70.129  ? 3   GLY C CA   1 ? 
ATOM   1491 C C    . GLY B 2 3   ? -5.861  3.889   -11.908 1 57.965  ? 3   GLY C C    1 ? 
ATOM   1492 O O    . GLY B 2 3   ? -5.266  4.831   -12.438 1 52.238  ? 3   GLY C O    1 ? 
ATOM   1493 H H    . GLY B 2 3   ? -8.007  3.230   -14.334 1 72.912  ? 3   GLY C H    1 c 
ATOM   1494 H HA2  . GLY B 2 3   ? -7.804  3.161   -12.062 1 67.947  ? 3   GLY C HA2  1 c 
ATOM   1495 H HA3  . GLY B 2 3   ? -6.739  2.201   -12.746 1 68      ? 3   GLY C HA3  1 c 
ATOM   1496 N N    . PRO B 2 4   ? -5.503  3.474   -10.667 1 51.367  ? 4   PRO C N    1 ? 
ATOM   1497 C CA   . PRO B 2 4   ? -4.354  4.040   -9.961  1 46.359  ? 4   PRO C CA   1 ? 
ATOM   1498 C C    . PRO B 2 4   ? -3.065  3.509   -10.550 1 39.401  ? 4   PRO C C    1 ? 
ATOM   1499 O O    . PRO B 2 4   ? -3.111  2.517   -11.288 1 41.074  ? 4   PRO C O    1 ? 
ATOM   1500 C CB   . PRO B 2 4   ? -4.500  3.558   -8.527  1 45.038  ? 4   PRO C CB   1 ? 
ATOM   1501 C CG   . PRO B 2 4   ? -5.309  2.280   -8.647  1 49.978  ? 4   PRO C CG   1 ? 
ATOM   1502 C CD   . PRO B 2 4   ? -6.110  2.356   -9.934  1 54.123  ? 4   PRO C CD   1 ? 
ATOM   1503 H HA   . PRO B 2 4   ? -4.373  5.019   -10.000 1 45.615  ? 4   PRO C HA   1 c 
ATOM   1504 H HB2  . PRO B 2 4   ? -3.629  3.385   -8.118  1 46.366  ? 4   PRO C HB2  1 c 
ATOM   1505 H HB3  . PRO B 2 4   ? -4.975  4.219   -7.986  1 46.404  ? 4   PRO C HB3  1 c 
ATOM   1506 H HG2  . PRO B 2 4   ? -4.717  1.502   -8.665  1 49.691  ? 4   PRO C HG2  1 c 
ATOM   1507 H HG3  . PRO B 2 4   ? -5.906  2.194   -7.883  1 49.632  ? 4   PRO C HG3  1 c 
ATOM   1508 H HD2  . PRO B 2 4   ? -6.043  1.526   -10.445 1 52.548  ? 4   PRO C HD2  1 c 
ATOM   1509 H HD3  . PRO B 2 4   ? -7.044  2.549   -9.756  1 52.298  ? 4   PRO C HD3  1 c 
ATOM   1510 N N    . ALA B 2 5   ? -1.938  4.166   -10.252 1 35.344  ? 5   ALA C N    1 ? 
ATOM   1511 C CA   . ALA B 2 5   ? -0.635  3.621   -10.593 1 35.111  ? 5   ALA C CA   1 ? 
ATOM   1512 C C    . ALA B 2 5   ? -0.040  2.942   -9.359  1 33.435  ? 5   ALA C C    1 ? 
ATOM   1513 O O    . ALA B 2 5   ? 0.215   3.603   -8.359  1 34.73   ? 5   ALA C O    1 ? 
ATOM   1514 C CB   . ALA B 2 5   ? 0.247   4.734   -11.107 1 41.139  ? 5   ALA C CB   1 ? 
ATOM   1515 H H    . ALA B 2 5   ? -1.983  4.974   -9.827  1 36.372  ? 5   ALA C H    1 c 
ATOM   1516 H HA   . ALA B 2 5   ? -0.738  2.942   -11.314 1 35.912  ? 5   ALA C HA   1 c 
ATOM   1517 H HB1  . ALA B 2 5   ? -0.155  5.131   -11.898 1 39.247  ? 5   ALA C HB1  1 c 
ATOM   1518 H HB2  . ALA B 2 5   ? 0.347   5.415   -10.421 1 39.247  ? 5   ALA C HB2  1 c 
ATOM   1519 H HB3  . ALA B 2 5   ? 1.122   4.377   -11.337 1 39.247  ? 5   ALA C HB3  1 c 
ATOM   1520 N N    . GLY B 2 6   ? 0.282   1.658   -9.451  1 34.095  ? 6   GLY C N    1 ? 
ATOM   1521 C CA   . GLY B 2 6   ? 0.963   0.926   -8.397  1 35.343  ? 6   GLY C CA   1 ? 
ATOM   1522 C C    . GLY B 2 6   ? 2.489   0.938   -8.516  1 33.784  ? 6   GLY C C    1 ? 
ATOM   1523 O O    . GLY B 2 6   ? 3.024   1.409   -9.510  1 36.315  ? 6   GLY C O    1 ? 
ATOM   1524 H H    . GLY B 2 6   ? 0.062   1.201   -10.212 1 34.236  ? 6   GLY C H    1 c 
ATOM   1525 H HA2  . GLY B 2 6   ? 0.700   1.301   -7.525  1 34.689  ? 6   GLY C HA2  1 c 
ATOM   1526 H HA3  . GLY B 2 6   ? 0.651   -0.009  -8.419  1 34.69   ? 6   GLY C HA3  1 c 
ATOM   1527 N N    . PRO B 2 7   ? 3.207   0.322   -7.555  1 35.035  ? 7   PRO C N    1 ? 
ATOM   1528 C CA   . PRO B 2 7   ? 4.662   0.215   -7.608  1 36.036  ? 7   PRO C CA   1 ? 
ATOM   1529 C C    . PRO B 2 7   ? 5.152   -0.531  -8.832  1 38.241  ? 7   PRO C C    1 ? 
ATOM   1530 O O    . PRO B 2 7   ? 4.406   -1.381  -9.327  1 34.152  ? 7   PRO C O    1 ? 
ATOM   1531 C CB   . PRO B 2 7   ? 5.069   -0.566  -6.394  1 38.318  ? 7   PRO C CB   1 ? 
ATOM   1532 C CG   . PRO B 2 7   ? 3.839   -0.524  -5.523  1 36.843  ? 7   PRO C CG   1 ? 
ATOM   1533 C CD   . PRO B 2 7   ? 2.648   -0.254  -6.319  1 34.736  ? 7   PRO C CD   1 ? 
ATOM   1534 H HA   . PRO B 2 7   ? 5.043   1.104   -7.572  1 36.804  ? 7   PRO C HA   1 c 
ATOM   1535 H HB2  . PRO B 2 7   ? 5.302   -1.488  -6.619  1 37.458  ? 7   PRO C HB2  1 c 
ATOM   1536 H HB3  . PRO B 2 7   ? 5.828   -0.146  -5.946  1 37.452  ? 7   PRO C HB3  1 c 
ATOM   1537 H HG2  . PRO B 2 7   ? 3.733   -1.374  -5.064  1 36.58   ? 7   PRO C HG2  1 c 
ATOM   1538 H HG3  . PRO B 2 7   ? 3.941   0.168   -4.843  1 36.641  ? 7   PRO C HG3  1 c 
ATOM   1539 H HD2  . PRO B 2 7   ? 2.146   -1.060  -6.496  1 35.305  ? 7   PRO C HD2  1 c 
ATOM   1540 H HD3  . PRO B 2 7   ? 2.070   0.390   -5.867  1 35.286  ? 7   PRO C HD3  1 c 
HETATM 1541 N N    . HYP B 2 8   ? 6.359   -0.212  -9.362  1 48.941  ? 8   HYP C N    1 ? 
HETATM 1542 C CA   . HYP B 2 8   ? 6.849   -0.902  -10.551 1 55.157  ? 8   HYP C CA   1 ? 
HETATM 1543 C C    . HYP B 2 8   ? 7.023   -2.402  -10.330 1 54.98   ? 8   HYP C C    1 ? 
HETATM 1544 O O    . HYP B 2 8   ? 6.565   -3.221  -11.138 1 59.942  ? 8   HYP C O    1 ? 
HETATM 1545 C CB   . HYP B 2 8   ? 8.191   -0.190  -10.843 1 53.537  ? 8   HYP C CB   1 ? 
HETATM 1546 C CG   . HYP B 2 8   ? 8.027   1.183   -10.223 1 50.706  ? 8   HYP C CG   1 ? 
HETATM 1547 C CD   . HYP B 2 8   ? 7.301   0.849   -8.918  1 47.986  ? 8   HYP C CD   1 ? 
HETATM 1548 O OD1  . HYP B 2 8   ? 7.193   1.918   -11.145 1 51.17   ? 8   HYP C OD1  1 ? 
HETATM 1549 H HA   . HYP B 2 8   ? 6.214   -0.748  -11.309 1 53.578  ? 8   HYP C HA   1 c 
HETATM 1550 H HB2  . HYP B 2 8   ? 8.345   -0.124  -11.800 1 53.219  ? 8   HYP C HB2  1 c 
HETATM 1551 H HB3  . HYP B 2 8   ? 8.932   -0.668  -10.436 1 53.236  ? 8   HYP C HB3  1 c 
HETATM 1552 H HG   . HYP B 2 8   ? 8.889   1.631   -10.067 1 50.793  ? 8   HYP C HG   1 c 
HETATM 1553 H HD22 . HYP B 2 8   ? 7.913   0.508   -8.245  1 48.764  ? 8   HYP C HD22 1 c 
HETATM 1554 H HD23 . HYP B 2 8   ? 6.835   1.623   -8.579  1 48.618  ? 8   HYP C HD23 1 c 
HETATM 1555 H HD1  . HYP B 2 8   ? 7.048   2.737   -10.843 0 50.36   ? 8   HYP C HD1  1 c 
ATOM   1556 N N    . GLY B 2 9   ? 7.629   -2.766  -9.200  1 58.296  ? 9   GLY C N    1 ? 
ATOM   1557 C CA   . GLY B 2 9   ? 8.344   -4.037  -9.148  1 81.536  ? 9   GLY C CA   1 ? 
ATOM   1558 C C    . GLY B 2 9   ? 8.372   -4.636  -7.757  1 83.044  ? 9   GLY C C    1 ? 
ATOM   1559 O O    . GLY B 2 9   ? 9.425   -5.252  -7.416  1 86.239  ? 9   GLY C O    1 ? 
ATOM   1560 O OXT  . GLY B 2 9   ? 7.317   -4.534  -7.100  1 51.063  ? 9   GLY C OXT  1 ? 
ATOM   1561 H H    . GLY B 2 9   ? 7.605   -2.236  -8.457  1 61.979  ? 9   GLY C H    1 c 
ATOM   1562 H HA2  . GLY B 2 9   ? 7.920   -4.686  -9.758  1 75.384  ? 9   GLY C HA2  1 c 
ATOM   1563 H HA3  . GLY B 2 9   ? 9.269   -3.895  -9.460  1 75.585  ? 9   GLY C HA3  1 c 
HETATM 1564 N N    . GLY C 3 .   ? -5.348  12.742  5.892   1 67.981  ? 301 GLY A N    1 ? 
HETATM 1565 C CA   . GLY C 3 .   ? -4.060  12.080  6.189   1 64.642  ? 301 GLY A CA   1 ? 
HETATM 1566 C C    . GLY C 3 .   ? -4.247  11.013  7.239   1 67.336  ? 301 GLY A C    1 ? 
HETATM 1567 O O    . GLY C 3 .   ? -3.624  9.943   7.086   1 53.79   ? 301 GLY A O    1 ? 
HETATM 1568 O OXT  . GLY C 3 .   ? -4.982  11.311  8.212   1 82.521  ? 301 GLY A OXT  1 ? 
HETATM 1569 H H1   . GLY C 3 .   ? -5.227  13.380  5.261   1 66.936  ? 301 GLY A H1   1 c 
HETATM 1570 H H2   . GLY C 3 .   ? -5.679  13.131  6.639   1 66.938  ? 301 GLY A H2   1 c 
HETATM 1571 H H3   . GLY C 3 .   ? -5.947  12.137  5.584   1 66.938  ? 301 GLY A H3   1 c 
HETATM 1572 H HA2  . GLY C 3 .   ? -3.694  11.683  5.369   1 65.502  ? 301 GLY A HA2  1 c 
HETATM 1573 H HA3  . GLY C 3 .   ? -3.421  12.750  6.514   1 65.914  ? 301 GLY A HA3  1 c 
HETATM 1574 N N    . GLY D 3 .   ? -15.024 -5.567  -1.307  1 73.859  ? 302 GLY A N    1 ? 
HETATM 1575 C CA   . GLY D 3 .   ? -14.995 -4.091  -1.338  1 72.918  ? 302 GLY A CA   1 ? 
HETATM 1576 C C    . GLY D 3 .   ? -15.730 -3.474  -0.161  1 70.904  ? 302 GLY A C    1 ? 
HETATM 1577 O O    . GLY D 3 .   ? -16.421 -4.221  0.561   1 82.422  ? 302 GLY A O    1 ? 
HETATM 1578 O OXT  . GLY D 3 .   ? -15.613 -2.252  -0.014  1 79.23   ? 302 GLY A OXT  1 ? 
HETATM 1579 H H1   . GLY D 3 .   ? -14.594 -5.900  -2.030  1 73.568  ? 302 GLY A H1   1 c 
HETATM 1580 H H2   . GLY D 3 .   ? -15.880 -5.860  -1.313  1 73.568  ? 302 GLY A H2   1 c 
HETATM 1581 H H3   . GLY D 3 .   ? -14.615 -5.868  -0.558  1 73.568  ? 302 GLY A H3   1 c 
HETATM 1582 H HA2  . GLY D 3 .   ? -14.059 -3.790  -1.330  1 71.98   ? 302 GLY A HA2  1 c 
HETATM 1583 H HA3  . GLY D 3 .   ? -15.407 -3.781  -2.179  1 72.342  ? 302 GLY A HA3  1 c 
HETATM 1584 N N    . GLY E 3 .   ? 9.941   7.225   2.728   1 60.936  ? 303 GLY A N    1 ? 
HETATM 1585 C CA   . GLY E 3 .   ? 10.915  6.114   2.741   1 66.463  ? 303 GLY A CA   1 ? 
HETATM 1586 C C    . GLY E 3 .   ? 10.809  5.188   1.524   1 67.199  ? 303 GLY A C    1 ? 
HETATM 1587 O O    . GLY E 3 .   ? 9.826   5.332   0.744   1 75.371  ? 303 GLY A O    1 ? 
HETATM 1588 O OXT  . GLY E 3 .   ? 11.726  4.329   1.380   1 81.29   ? 303 GLY A OXT  1 ? 
HETATM 1589 H H1   . GLY E 3 .   ? 10.341  7.978   3.038   1 62.535  ? 303 GLY A H1   1 c 
HETATM 1590 H H2   . GLY E 3 .   ? 9.242   7.031   3.268   1 62.348  ? 303 GLY A H2   1 c 
HETATM 1591 H H3   . GLY E 3 .   ? 9.634   7.388   1.891   1 62.556  ? 303 GLY A H3   1 c 
HETATM 1592 H HA2  . GLY E 3 .   ? 11.825  6.489   2.787   1 65.086  ? 303 GLY A HA2  1 c 
HETATM 1593 H HA3  . GLY E 3 .   ? 10.765  5.602   3.551   1 64.293  ? 303 GLY A HA3  1 c 
HETATM 1594 N N    . GLY F 3 .   ? -0.732  -13.470 6.378   1 56.77   ? 304 GLY A N    1 ? 
HETATM 1595 C CA   . GLY F 3 .   ? 0.660   -12.997 6.243   1 51.896  ? 304 GLY A CA   1 ? 
HETATM 1596 C C    . GLY F 3 .   ? 1.503   -13.790 7.204   1 57.86   ? 304 GLY A C    1 ? 
HETATM 1597 O O    . GLY F 3 .   ? 1.616   -14.997 6.950   1 69.851  ? 304 GLY A O    1 ? 
HETATM 1598 O OXT  . GLY F 3 .   ? 1.899   -13.211 8.229   1 63.431  ? 304 GLY A OXT  1 ? 
HETATM 1599 H H1   . GLY F 3 .   ? -1.271  -12.772 6.577   1 54.851  ? 304 GLY A H1   1 c 
HETATM 1600 H H2   . GLY F 3 .   ? -0.828  -14.083 7.039   1 55.103  ? 304 GLY A H2   1 c 
HETATM 1601 H H3   . GLY F 3 .   ? -1.000  -13.856 5.605   1 54.854  ? 304 GLY A H3   1 c 
HETATM 1602 H HA2  . GLY F 3 .   ? 0.973   -13.135 5.318   1 54.273  ? 304 GLY A HA2  1 c 
HETATM 1603 H HA3  . GLY F 3 .   ? 0.709   -12.035 6.454   1 54.128  ? 304 GLY A HA3  1 c 
HETATM 1604 S S    . SO4 G 4 .   ? 9.629   4.448   8.427   1 76.474  ? 305 SO4 A S    1 ? 
HETATM 1605 O O1   . SO4 G 4 .   ? 8.693   4.743   7.380   1 92.167  ? 305 SO4 A O1   1 ? 
HETATM 1606 O O2   . SO4 G 4 .   ? 9.724   3.022   8.616   1 83.829  ? 305 SO4 A O2   1 ? 
HETATM 1607 O O3   . SO4 G 4 .   ? 10.933  4.979   8.085   1 72.538  ? 305 SO4 A O3   1 ? 
HETATM 1608 O O4   . SO4 G 4 .   ? 9.159   5.049   9.650   1 89.414  ? 305 SO4 A O4   1 ? 
HETATM 1609 O O    . HOH H 5 .   ? -7.631  14.457  0.584   1 57.587  ? 401 HOH A O    1 ? 
HETATM 1610 O O    . HOH H 5 .   ? -4.053  -9.555  8.054   1 55.845  ? 402 HOH A O    1 ? 
HETATM 1611 O O    . HOH H 5 .   ? 8.213   8.072   -4.942  1 54.77   ? 403 HOH A O    1 ? 
HETATM 1612 O O    . HOH H 5 .   ? 8.065   6.062   5.344   1 36.088  ? 404 HOH A O    1 ? 
HETATM 1613 O O    . HOH H 5 .   ? 5.214   -14.754 -5.530  1 47.99   ? 405 HOH A O    1 ? 
HETATM 1614 O O    . HOH H 5 .   ? 11.743  1.274   8.576   1 47.351  ? 406 HOH A O    1 ? 
HETATM 1615 O O    . HOH H 5 .   ? 15.793  -9.972  7.086   1 57.024  ? 407 HOH A O    1 ? 
HETATM 1616 O O    . HOH H 5 .   ? -15.226 -0.860  2.095   1 51.632  ? 408 HOH A O    1 ? 
HETATM 1617 O O    . HOH H 5 .   ? 9.638   -0.544  -2.422  1 55.651  ? 409 HOH A O    1 ? 
HETATM 1618 O O    . HOH H 5 .   ? 14.889  2.061   6.118   1 54.931  ? 410 HOH A O    1 ? 
HETATM 1619 O O    . HOH H 5 .   ? -13.072 -1.326  4.255   1 35.639  ? 411 HOH A O    1 ? 
HETATM 1620 O O    . HOH H 5 .   ? -4.544  -10.301 -10.622 1 51.263  ? 412 HOH A O    1 ? 
HETATM 1621 O O    . HOH H 5 .   ? 8.287   12.776  -0.041  1 30.227  ? 413 HOH A O    1 ? 
HETATM 1622 O O    . HOH H 5 .   ? -4.979  11.110  -11.024 1 48.44   ? 414 HOH A O    1 ? 
HETATM 1623 O O    . HOH H 5 .   ? -9.593  8.479   4.431   1 49.977  ? 415 HOH A O    1 ? 
HETATM 1624 O O    . HOH H 5 .   ? -5.169  -14.958 -4.106  1 50.855  ? 416 HOH A O    1 ? 
HETATM 1625 O O    . HOH H 5 .   ? 1.156   -2.869  15.390  1 45.286  ? 417 HOH A O    1 ? 
HETATM 1626 O O    . HOH H 5 .   ? 9.490   12.348  -6.121  1 39.774  ? 418 HOH A O    1 ? 
HETATM 1627 O O    . HOH H 5 .   ? 10.345  -9.953  -3.264  1 43.306  ? 419 HOH A O    1 ? 
HETATM 1628 O O    . HOH H 5 .   ? 8.254   16.456  0.217   1 31.65   ? 420 HOH A O    1 ? 
HETATM 1629 O O    . HOH H 5 .   ? -1.818  -10.290 7.587   1 38.975  ? 421 HOH A O    1 ? 
HETATM 1630 O O    . HOH H 5 .   ? -6.040  15.294  5.423   1 56.244  ? 422 HOH A O    1 ? 
HETATM 1631 O O    . HOH H 5 .   ? -2.469  -15.331 7.279   1 49.095  ? 423 HOH A O    1 ? 
HETATM 1632 O O    . HOH H 5 .   ? -5.569  8.096   6.338   1 42.157  ? 424 HOH A O    1 ? 
HETATM 1633 O O    . HOH H 5 .   ? -2.844  2.555   8.161   1 49.352  ? 425 HOH A O    1 ? 
HETATM 1634 O O    . HOH H 5 .   ? 13.043  -3.788  2.130   1 54.045  ? 426 HOH A O    1 ? 
HETATM 1635 O O    . HOH H 5 .   ? 9.086   -10.726 -7.853  1 59.61   ? 427 HOH A O    1 ? 
HETATM 1636 O O    . HOH H 5 .   ? -15.217 0.224   -2.696  1 45.513  ? 428 HOH A O    1 ? 
HETATM 1637 O O    . HOH H 5 .   ? 0.026   2.839   -4.547  1 42.708  ? 429 HOH A O    1 ? 
HETATM 1638 O O    . HOH H 5 .   ? 8.129   8.497   5.841   1 51.816  ? 430 HOH A O    1 ? 
HETATM 1639 O O    . HOH H 5 .   ? 13.803  -6.976  8.874   1 46.781  ? 431 HOH A O    1 ? 
HETATM 1640 O O    . HOH H 5 .   ? 1.350   -6.397  -10.398 1 51.715  ? 432 HOH A O    1 ? 
HETATM 1641 O O    . HOH H 5 .   ? -11.192 -1.945  -8.071  1 57.289  ? 433 HOH A O    1 ? 
HETATM 1642 O O    . HOH H 5 .   ? -7.269  11.054  -12.300 1 59.994  ? 434 HOH A O    1 ? 
HETATM 1643 O O    . HOH H 5 .   ? 9.293   0.999   12.837  1 51.727  ? 435 HOH A O    1 ? 
HETATM 1644 O O    . HOH H 5 .   ? 12.263  -8.414  11.720  1 53.746  ? 436 HOH A O    1 ? 
HETATM 1645 O O    . HOH H 5 .   ? 6.867   -12.430 -8.427  1 43.514  ? 437 HOH A O    1 ? 
HETATM 1646 O O    . HOH H 5 .   ? -5.942  -11.467 -5.523  1 38.32   ? 438 HOH A O    1 ? 
HETATM 1647 O O    . HOH H 5 .   ? -1.540  -3.687  9.687   1 45.374  ? 439 HOH A O    1 ? 
HETATM 1648 O O    . HOH H 5 .   ? -1.634  5.029   -3.597  1 36.7    ? 440 HOH A O    1 ? 
HETATM 1649 O O    . HOH H 5 .   ? 7.331   5.120   -9.564  1 58.097  ? 441 HOH A O    1 ? 
HETATM 1650 O O    . HOH H 5 .   ? -7.246  -6.931  -10.294 1 59.074  ? 442 HOH A O    1 ? 
HETATM 1651 O O    . HOH H 5 .   ? -15.101 1.039   -0.345  1 49.447  ? 443 HOH A O    1 ? 
HETATM 1652 O O    . HOH H 5 .   ? -6.852  -0.285  6.652   1 58.133  ? 444 HOH A O    1 ? 
HETATM 1653 O O    . HOH H 5 .   ? -0.755  8.201   -10.093 1 48.624  ? 445 HOH A O    1 ? 
HETATM 1654 O O    . HOH H 5 .   ? 6.367   14.246  -6.959  1 59.52   ? 446 HOH A O    1 ? 
HETATM 1655 O O    . HOH H 5 .   ? 7.678   7.705   8.746   1 54.981  ? 447 HOH A O    1 ? 
HETATM 1656 O O    . HOH H 5 .   ? -8.081  -7.909  3.625   1 37.575  ? 448 HOH A O    1 ? 
HETATM 1657 O O    . HOH H 5 .   ? -4.924  6.076   8.417   1 54.899  ? 449 HOH A O    1 ? 
HETATM 1658 O O    . HOH H 5 .   ? -1.414  -8.687  9.905   1 60.98   ? 450 HOH A O    1 ? 
HETATM 1659 O O    . HOH H 5 .   ? -7.854  9.312   6.503   1 58.279  ? 451 HOH A O    1 ? 
HETATM 1660 O O    . HOH I 5 .   ? 3.061   2.199   -11.884 1 56.587  ? 101 HOH C O    1 ? 
HETATM 1661 O O    . HOH I 5 .   ? -4.358  0.466   -12.354 1 53.649  ? 102 HOH C O    1 ? 
HETATM 1662 O O    . HOH I 5 .   ? 0.122   -0.102  -11.760 1 51.898  ? 103 HOH C O    1 ? 
HETATM 1663 O O    . HOH I 5 .   ? -3.410  7.663   -11.481 1 58.389  ? 104 HOH C O    1 ? 
# 
